data_6RVB
#
_entry.id   6RVB
#
_cell.length_a   160.750
_cell.length_b   160.750
_cell.length_c   256.920
_cell.angle_alpha   90.00
_cell.angle_beta   90.00
_cell.angle_gamma   90.00
#
_symmetry.space_group_name_H-M   'P 42 21 2'
#
loop_
_entity.id
_entity.type
_entity.pdbx_description
1 polymer 'NADH oxidase'
2 non-polymer 'FLAVIN-ADENINE DINUCLEOTIDE'
3 non-polymer NICOTINAMIDE-ADENINE-DINUCLEOTIDE
4 non-polymer 'COENZYME A'
5 water water
#
_entity_poly.entity_id   1
_entity_poly.type   'polypeptide(L)'
_entity_poly.pdbx_seq_one_letter_code
;MGKRMVVVGGVAGGASAAAKAKRENPELEVVVYEKSGWVSYGACGLPYVLSGEIPRLERLVARTPEEFRKQGVLVHTRHE
VVDVDYELRTLTVHDHAEGRTFQDRFDHLVLATGARPSLPPIPGTEQEGVYTLRTMEDGERLLKALPQARRAAILGAGYI
GLEAAEAFRKRGLQVTLLEAKDRPLPHWDPEVGALLKEELERHGVEVWTGVKVEAFRGMGRVEAVETSEGVVPADLVLLA
TGIRPNTELAQAMGVALGPTGAIATDERMRTNLEGVYAAGDVAESFHRVLKRPYWLPLGDVANKHGRTAGSVIAGREARF
LGVVGTAIFKAFDLAVATTGLSLEGALKEGFWAKKVFIQSRDGAHYYPGSGPLWVELVYEEGTGRLLGGAVVARGHGALR
IDVLAALLHREGSVEDLLALDLAYAPPFSPVWDPLLIAAQQAR
;
_entity_poly.pdbx_strand_id   A,B,C,D
#
# COMPACT_ATOMS: atom_id res chain seq x y z
N MET A 1 -44.73 -18.35 -8.67
CA MET A 1 -44.21 -19.45 -9.51
C MET A 1 -42.90 -20.13 -8.92
N GLY A 2 -42.31 -21.09 -9.69
CA GLY A 2 -41.07 -21.88 -9.42
C GLY A 2 -40.05 -22.07 -10.58
N LYS A 3 -39.77 -20.97 -11.29
CA LYS A 3 -38.98 -20.96 -12.50
C LYS A 3 -37.44 -20.91 -12.17
N ARG A 4 -36.64 -20.67 -13.20
CA ARG A 4 -35.20 -20.90 -13.17
C ARG A 4 -34.41 -19.59 -13.36
N MET A 5 -33.58 -19.30 -12.37
CA MET A 5 -32.76 -18.12 -12.30
C MET A 5 -31.34 -18.55 -12.53
N VAL A 6 -30.77 -17.99 -13.55
CA VAL A 6 -29.38 -18.27 -13.84
C VAL A 6 -28.56 -17.01 -13.67
N VAL A 7 -27.56 -17.10 -12.85
CA VAL A 7 -26.65 -16.01 -12.58
C VAL A 7 -25.29 -16.19 -13.29
N VAL A 8 -24.92 -15.25 -14.18
CA VAL A 8 -23.61 -15.32 -14.85
C VAL A 8 -22.55 -14.49 -14.08
N GLY A 9 -21.71 -15.17 -13.32
CA GLY A 9 -20.72 -14.49 -12.53
C GLY A 9 -21.09 -14.69 -11.10
N GLY A 10 -20.16 -15.04 -10.22
CA GLY A 10 -20.55 -15.43 -8.90
C GLY A 10 -19.77 -14.68 -7.87
N VAL A 11 -19.36 -13.47 -8.18
CA VAL A 11 -18.41 -12.97 -7.24
C VAL A 11 -19.07 -12.19 -6.14
N ALA A 12 -19.89 -11.18 -6.45
CA ALA A 12 -20.41 -10.34 -5.36
C ALA A 12 -21.75 -9.84 -5.78
N GLY A 13 -21.84 -9.13 -6.89
CA GLY A 13 -23.10 -8.84 -7.49
C GLY A 13 -23.88 -10.14 -7.69
N GLY A 14 -23.30 -11.13 -8.36
CA GLY A 14 -23.96 -12.42 -8.54
C GLY A 14 -24.26 -13.25 -7.29
N ALA A 15 -23.32 -13.38 -6.37
CA ALA A 15 -23.58 -14.21 -5.23
C ALA A 15 -24.74 -13.62 -4.38
N SER A 16 -24.71 -12.31 -4.07
CA SER A 16 -25.84 -11.60 -3.48
C SER A 16 -27.16 -11.95 -4.13
N ALA A 17 -27.28 -11.74 -5.44
CA ALA A 17 -28.52 -12.01 -6.13
C ALA A 17 -29.00 -13.48 -5.94
N ALA A 18 -28.08 -14.43 -6.17
CA ALA A 18 -28.34 -15.84 -5.89
C ALA A 18 -28.82 -16.03 -4.46
N ALA A 19 -28.19 -15.46 -3.47
CA ALA A 19 -28.55 -15.93 -2.16
C ALA A 19 -29.86 -15.36 -1.72
N LYS A 20 -30.12 -14.13 -2.10
CA LYS A 20 -31.27 -13.40 -1.63
C LYS A 20 -32.45 -13.94 -2.38
N ALA A 21 -32.37 -14.12 -3.67
CA ALA A 21 -33.47 -14.80 -4.38
C ALA A 21 -33.87 -16.08 -3.76
N LYS A 22 -32.90 -16.94 -3.47
CA LYS A 22 -33.25 -18.25 -3.00
C LYS A 22 -33.91 -18.16 -1.62
N ARG A 23 -33.45 -17.23 -0.81
CA ARG A 23 -33.99 -17.03 0.52
C ARG A 23 -35.43 -16.61 0.44
N GLU A 24 -35.74 -15.83 -0.57
CA GLU A 24 -36.87 -15.00 -0.44
C GLU A 24 -37.95 -15.80 -1.13
N ASN A 25 -37.54 -16.70 -1.99
CA ASN A 25 -38.49 -17.57 -2.67
C ASN A 25 -37.89 -18.92 -3.03
N PRO A 26 -38.03 -19.88 -2.15
CA PRO A 26 -37.27 -21.13 -2.26
C PRO A 26 -37.70 -21.98 -3.40
N GLU A 27 -38.88 -21.70 -3.92
CA GLU A 27 -39.37 -22.39 -5.11
C GLU A 27 -38.44 -22.30 -6.30
N LEU A 28 -37.68 -21.22 -6.37
CA LEU A 28 -36.90 -20.84 -7.52
C LEU A 28 -35.84 -21.86 -7.75
N GLU A 29 -35.52 -22.16 -8.99
CA GLU A 29 -34.31 -22.95 -9.16
C GLU A 29 -33.17 -22.00 -9.39
N VAL A 30 -32.13 -22.01 -8.58
CA VAL A 30 -31.12 -20.96 -8.68
C VAL A 30 -29.76 -21.54 -8.98
N VAL A 31 -29.21 -21.14 -10.10
CA VAL A 31 -27.90 -21.66 -10.42
C VAL A 31 -26.89 -20.56 -10.84
N VAL A 32 -25.67 -20.64 -10.34
CA VAL A 32 -24.64 -19.66 -10.61
C VAL A 32 -23.52 -20.23 -11.47
N TYR A 33 -23.25 -19.74 -12.66
CA TYR A 33 -22.05 -20.18 -13.43
C TYR A 33 -20.91 -19.15 -13.30
N GLU A 34 -19.86 -19.49 -12.56
CA GLU A 34 -18.70 -18.63 -12.30
C GLU A 34 -17.49 -19.13 -13.08
N LYS A 35 -16.93 -18.31 -13.96
CA LYS A 35 -15.78 -18.79 -14.71
C LYS A 35 -14.40 -18.93 -14.00
N SER A 36 -14.24 -18.37 -12.81
CA SER A 36 -12.94 -18.30 -12.22
C SER A 36 -12.68 -19.42 -11.26
N GLY A 37 -13.59 -20.33 -11.10
CA GLY A 37 -13.22 -21.25 -10.05
C GLY A 37 -13.01 -20.76 -8.62
N TRP A 38 -13.27 -19.51 -8.31
CA TRP A 38 -13.63 -19.16 -6.94
C TRP A 38 -14.89 -18.28 -6.93
N VAL A 39 -15.65 -18.32 -5.87
CA VAL A 39 -16.96 -17.71 -5.87
C VAL A 39 -17.16 -17.03 -4.51
N SER A 40 -17.89 -15.93 -4.49
CA SER A 40 -18.21 -15.28 -3.24
C SER A 40 -17.02 -14.94 -2.33
N TYR A 41 -16.14 -14.05 -2.76
CA TYR A 41 -14.96 -13.76 -1.97
C TYR A 41 -14.66 -12.25 -1.98
N GLY A 42 -13.88 -11.79 -1.04
CA GLY A 42 -13.76 -10.38 -0.89
C GLY A 42 -12.56 -9.90 -1.58
N ALA A 43 -12.66 -9.53 -2.84
CA ALA A 43 -11.48 -9.06 -3.55
C ALA A 43 -10.77 -7.91 -2.83
N CYS A 44 -11.53 -7.18 -2.05
CA CYS A 44 -11.04 -6.05 -1.30
C CYS A 44 -10.03 -6.45 -0.28
N GLY A 45 -10.01 -7.71 0.08
CA GLY A 45 -9.13 -8.18 1.13
C GLY A 45 -7.78 -8.61 0.59
N LEU A 46 -7.64 -8.68 -0.75
CA LEU A 46 -6.39 -9.17 -1.30
C LEU A 46 -5.15 -8.40 -0.81
N PRO A 47 -5.24 -7.07 -0.68
CA PRO A 47 -3.97 -6.53 -0.29
C PRO A 47 -3.53 -6.92 1.08
N TYR A 48 -4.48 -7.34 1.94
CA TYR A 48 -4.19 -7.73 3.32
C TYR A 48 -3.60 -9.13 3.43
N VAL A 49 -3.76 -9.92 2.37
CA VAL A 49 -3.25 -11.27 2.28
C VAL A 49 -1.84 -11.20 1.69
N LEU A 50 -1.68 -10.60 0.49
CA LEU A 50 -0.41 -10.11 -0.01
C LEU A 50 0.57 -9.62 1.09
N SER A 51 0.11 -8.83 2.05
CA SER A 51 1.00 -8.19 2.95
C SER A 51 1.37 -9.15 4.04
N GLY A 52 0.72 -10.31 4.08
CA GLY A 52 0.95 -11.25 5.17
C GLY A 52 0.06 -11.10 6.41
N GLU A 53 -0.64 -9.98 6.61
CA GLU A 53 -1.48 -9.81 7.79
C GLU A 53 -2.65 -10.81 7.86
N ILE A 54 -3.15 -11.24 6.73
CA ILE A 54 -4.06 -12.37 6.72
C ILE A 54 -3.30 -13.53 6.11
N PRO A 55 -3.09 -14.54 6.93
CA PRO A 55 -2.46 -15.84 6.70
C PRO A 55 -2.77 -16.54 5.36
N ARG A 56 -3.99 -16.96 5.16
CA ARG A 56 -4.25 -17.68 3.94
C ARG A 56 -5.38 -17.04 3.09
N LEU A 57 -5.23 -17.14 1.78
CA LEU A 57 -6.18 -16.62 0.81
C LEU A 57 -7.61 -17.15 0.98
N GLU A 58 -7.77 -18.36 1.48
CA GLU A 58 -9.15 -18.91 1.60
C GLU A 58 -9.87 -18.17 2.68
N ARG A 59 -9.18 -17.36 3.48
CA ARG A 59 -9.86 -16.61 4.55
C ARG A 59 -10.85 -15.51 4.01
N LEU A 60 -10.74 -15.19 2.73
CA LEU A 60 -11.43 -14.09 2.12
C LEU A 60 -12.78 -14.58 1.54
N VAL A 61 -13.01 -15.88 1.56
CA VAL A 61 -14.22 -16.42 0.94
C VAL A 61 -15.37 -16.33 2.00
N ALA A 62 -16.55 -15.93 1.58
CA ALA A 62 -17.67 -15.71 2.47
C ALA A 62 -18.53 -16.95 2.51
N ARG A 63 -18.84 -17.48 1.37
CA ARG A 63 -19.59 -18.67 1.32
C ARG A 63 -18.92 -19.60 0.32
N THR A 64 -18.84 -20.89 0.63
CA THR A 64 -18.16 -21.91 -0.20
C THR A 64 -19.18 -22.57 -1.02
N PRO A 65 -18.79 -23.22 -2.11
CA PRO A 65 -19.84 -23.70 -3.01
C PRO A 65 -20.54 -24.85 -2.34
N GLU A 66 -19.86 -25.50 -1.39
CA GLU A 66 -20.57 -26.46 -0.56
C GLU A 66 -21.65 -25.80 0.36
N GLU A 67 -21.34 -24.65 1.00
CA GLU A 67 -22.34 -24.05 1.88
C GLU A 67 -23.51 -23.55 1.02
N PHE A 68 -23.22 -22.99 -0.16
CA PHE A 68 -24.27 -22.63 -1.04
C PHE A 68 -25.18 -23.81 -1.36
N ARG A 69 -24.59 -24.93 -1.72
CA ARG A 69 -25.36 -26.12 -1.97
C ARG A 69 -26.31 -26.37 -0.81
N LYS A 70 -25.80 -26.57 0.40
CA LYS A 70 -26.67 -26.67 1.55
C LYS A 70 -27.86 -25.71 1.47
N GLN A 71 -27.68 -24.51 0.95
CA GLN A 71 -28.74 -23.52 1.12
C GLN A 71 -29.63 -23.49 -0.09
N GLY A 72 -29.45 -24.48 -0.94
CA GLY A 72 -30.31 -24.58 -2.10
C GLY A 72 -29.79 -23.89 -3.34
N VAL A 73 -28.50 -23.48 -3.30
CA VAL A 73 -27.93 -22.72 -4.43
C VAL A 73 -26.89 -23.50 -5.16
N LEU A 74 -27.07 -23.69 -6.45
CA LEU A 74 -26.11 -24.52 -7.18
C LEU A 74 -25.02 -23.73 -7.83
N VAL A 75 -23.79 -23.82 -7.29
CA VAL A 75 -22.73 -23.08 -7.97
C VAL A 75 -21.72 -23.91 -8.76
N HIS A 76 -21.56 -23.61 -10.03
CA HIS A 76 -20.50 -24.22 -10.81
C HIS A 76 -19.34 -23.31 -11.13
N THR A 77 -18.20 -23.56 -10.53
CA THR A 77 -17.01 -22.80 -10.90
C THR A 77 -16.30 -23.27 -12.16
N ARG A 78 -15.37 -22.48 -12.66
CA ARG A 78 -14.72 -22.81 -13.91
C ARG A 78 -15.73 -23.15 -14.98
N HIS A 79 -16.80 -22.38 -15.05
CA HIS A 79 -17.78 -22.57 -16.10
C HIS A 79 -18.03 -21.26 -16.80
N GLU A 80 -17.72 -21.17 -18.05
CA GLU A 80 -17.89 -19.84 -18.60
C GLU A 80 -19.07 -19.83 -19.53
N VAL A 81 -20.05 -18.96 -19.27
CA VAL A 81 -21.12 -18.85 -20.27
C VAL A 81 -20.62 -18.07 -21.46
N VAL A 82 -20.63 -18.75 -22.60
CA VAL A 82 -20.06 -18.30 -23.87
C VAL A 82 -21.06 -17.68 -24.86
N ASP A 83 -22.30 -18.10 -24.81
CA ASP A 83 -23.29 -17.43 -25.57
C ASP A 83 -24.69 -17.52 -24.91
N VAL A 84 -25.58 -16.61 -25.27
CA VAL A 84 -26.90 -16.52 -24.74
C VAL A 84 -27.82 -16.33 -25.97
N ASP A 85 -28.86 -17.19 -26.05
CA ASP A 85 -29.87 -17.13 -27.10
C ASP A 85 -31.05 -16.34 -26.62
N TYR A 86 -30.74 -15.13 -26.34
CA TYR A 86 -31.57 -14.13 -25.73
C TYR A 86 -33.00 -14.09 -26.12
N GLU A 87 -33.29 -12.83 -26.42
CA GLU A 87 -34.35 -12.39 -27.37
C GLU A 87 -33.89 -11.65 -28.77
N LEU A 88 -33.59 -12.41 -29.87
CA LEU A 88 -33.63 -13.92 -30.02
C LEU A 88 -34.81 -14.71 -29.37
N ARG A 89 -34.53 -15.65 -28.48
CA ARG A 89 -35.55 -16.34 -27.71
C ARG A 89 -34.98 -17.60 -27.22
N THR A 90 -34.67 -17.56 -25.89
CA THR A 90 -34.18 -18.66 -25.05
C THR A 90 -34.34 -19.84 -26.00
N LEU A 91 -33.49 -20.90 -26.07
CA LEU A 91 -32.59 -21.57 -25.07
C LEU A 91 -31.85 -20.65 -24.19
N THR A 92 -30.57 -20.74 -24.46
CA THR A 92 -29.73 -19.60 -24.52
C THR A 92 -28.50 -20.07 -23.90
N VAL A 93 -28.38 -20.11 -22.60
CA VAL A 93 -27.02 -20.37 -22.20
C VAL A 93 -26.38 -21.60 -23.02
N HIS A 94 -25.24 -21.40 -23.72
CA HIS A 94 -24.21 -22.45 -23.97
C HIS A 94 -23.14 -22.07 -23.03
N ASP A 95 -22.70 -22.96 -22.17
CA ASP A 95 -21.51 -22.64 -21.39
C ASP A 95 -20.49 -23.75 -21.37
N HIS A 96 -19.32 -23.56 -20.78
CA HIS A 96 -18.23 -24.54 -20.95
C HIS A 96 -17.57 -25.15 -19.65
N ALA A 97 -17.55 -26.50 -19.31
CA ALA A 97 -16.94 -27.03 -17.97
C ALA A 97 -15.53 -27.40 -18.12
N GLU A 98 -15.13 -28.43 -17.31
CA GLU A 98 -13.85 -29.28 -17.52
C GLU A 98 -14.04 -30.62 -18.31
N GLY A 99 -13.59 -30.48 -19.57
CA GLY A 99 -14.08 -31.20 -20.71
C GLY A 99 -15.01 -30.42 -21.63
N ARG A 100 -16.29 -30.45 -21.26
CA ARG A 100 -17.41 -30.37 -22.17
C ARG A 100 -17.92 -28.98 -22.44
N THR A 101 -18.93 -28.93 -23.28
CA THR A 101 -19.77 -27.74 -23.34
C THR A 101 -21.27 -28.10 -23.54
N PHE A 102 -22.20 -27.19 -23.26
CA PHE A 102 -23.59 -27.57 -23.03
C PHE A 102 -24.63 -26.48 -22.89
N GLN A 103 -25.91 -26.86 -22.95
CA GLN A 103 -26.95 -25.85 -22.97
C GLN A 103 -27.63 -25.76 -21.63
N ASP A 104 -28.35 -24.63 -21.46
CA ASP A 104 -29.21 -24.42 -20.32
C ASP A 104 -30.20 -23.29 -20.65
N ARG A 105 -31.35 -23.31 -20.00
CA ARG A 105 -32.39 -22.33 -20.28
C ARG A 105 -32.43 -21.47 -19.05
N PHE A 106 -33.12 -20.36 -19.19
CA PHE A 106 -33.36 -19.51 -18.08
C PHE A 106 -34.72 -18.83 -18.20
N ASP A 107 -35.24 -18.38 -17.06
CA ASP A 107 -36.43 -17.60 -17.00
C ASP A 107 -36.02 -16.20 -16.52
N HIS A 108 -35.07 -16.18 -15.61
CA HIS A 108 -34.52 -14.94 -15.11
C HIS A 108 -33.04 -15.05 -15.31
N LEU A 109 -32.44 -14.01 -15.88
CA LEU A 109 -30.99 -14.03 -16.05
C LEU A 109 -30.40 -12.87 -15.31
N VAL A 110 -29.51 -13.10 -14.37
CA VAL A 110 -28.67 -12.02 -13.79
C VAL A 110 -27.26 -11.99 -14.37
N LEU A 111 -26.96 -10.92 -15.13
CA LEU A 111 -25.61 -10.57 -15.67
C LEU A 111 -24.73 -9.95 -14.58
N ALA A 112 -23.67 -10.62 -14.16
CA ALA A 112 -22.90 -10.17 -13.02
C ALA A 112 -21.50 -10.53 -13.32
N THR A 113 -21.05 -10.02 -14.45
CA THR A 113 -19.78 -10.46 -15.00
C THR A 113 -18.64 -9.60 -14.60
N GLY A 114 -18.90 -8.54 -13.85
CA GLY A 114 -17.88 -7.71 -13.24
C GLY A 114 -17.03 -6.83 -14.14
N ALA A 115 -15.77 -6.61 -13.74
CA ALA A 115 -14.82 -5.78 -14.52
C ALA A 115 -13.41 -6.41 -14.58
N ARG A 116 -12.69 -6.12 -15.69
CA ARG A 116 -11.33 -6.54 -15.90
C ARG A 116 -10.46 -5.35 -15.87
N PRO A 117 -9.20 -5.53 -15.47
CA PRO A 117 -8.20 -4.45 -15.46
C PRO A 117 -7.93 -3.96 -16.87
N SER A 118 -7.82 -2.65 -16.99
CA SER A 118 -7.60 -1.94 -18.21
C SER A 118 -6.12 -1.61 -18.34
N LEU A 119 -5.40 -2.39 -19.15
CA LEU A 119 -3.95 -2.23 -19.34
C LEU A 119 -3.54 -1.15 -20.30
N PRO A 120 -2.46 -0.45 -19.99
CA PRO A 120 -2.07 0.58 -20.97
C PRO A 120 -1.23 -0.05 -22.05
N PRO A 121 -1.11 0.64 -23.15
CA PRO A 121 -0.42 0.07 -24.31
C PRO A 121 1.06 0.33 -24.20
N ILE A 122 1.76 -0.59 -23.55
CA ILE A 122 3.16 -0.49 -23.33
C ILE A 122 3.82 -1.78 -23.74
N PRO A 123 4.70 -1.68 -24.70
CA PRO A 123 5.45 -2.87 -25.09
C PRO A 123 6.16 -3.52 -23.84
N GLY A 124 5.97 -4.82 -23.64
CA GLY A 124 6.73 -5.57 -22.64
C GLY A 124 5.83 -5.95 -21.50
N THR A 125 4.57 -5.69 -21.69
CA THR A 125 3.59 -5.95 -20.69
C THR A 125 3.39 -7.44 -20.56
N GLU A 126 3.71 -8.15 -21.60
CA GLU A 126 3.44 -9.55 -21.66
C GLU A 126 4.43 -10.42 -20.91
N GLN A 127 5.48 -9.84 -20.29
CA GLN A 127 6.57 -10.60 -19.77
C GLN A 127 6.20 -11.20 -18.45
N GLU A 128 7.21 -11.59 -17.68
CA GLU A 128 7.03 -12.63 -16.74
C GLU A 128 6.71 -12.06 -15.37
N GLY A 129 7.32 -10.97 -15.03
CA GLY A 129 7.00 -10.56 -13.68
C GLY A 129 6.06 -9.39 -13.64
N VAL A 130 5.21 -9.30 -14.66
CA VAL A 130 4.28 -8.17 -14.73
C VAL A 130 2.94 -8.70 -14.25
N TYR A 131 2.36 -8.03 -13.28
CA TYR A 131 1.11 -8.50 -12.67
C TYR A 131 -0.09 -7.53 -12.64
N THR A 132 -1.23 -8.09 -12.29
CA THR A 132 -2.48 -7.35 -12.20
C THR A 132 -3.22 -7.79 -10.94
N LEU A 133 -4.05 -6.97 -10.32
CA LEU A 133 -4.62 -7.41 -9.01
C LEU A 133 -6.07 -7.30 -8.95
N ARG A 134 -6.77 -8.34 -9.34
CA ARG A 134 -8.22 -8.29 -9.45
C ARG A 134 -8.92 -9.54 -8.92
N THR A 135 -8.28 -10.70 -8.95
CA THR A 135 -9.00 -11.95 -8.72
C THR A 135 -8.23 -12.83 -7.79
N MET A 136 -8.79 -13.96 -7.37
CA MET A 136 -8.05 -14.79 -6.41
C MET A 136 -6.86 -15.35 -7.10
N GLU A 137 -6.96 -15.57 -8.40
CA GLU A 137 -5.85 -16.17 -9.09
C GLU A 137 -4.73 -15.20 -9.12
N ASP A 138 -5.02 -13.95 -9.43
CA ASP A 138 -4.00 -12.88 -9.33
C ASP A 138 -3.35 -12.91 -7.95
N GLY A 139 -4.16 -13.12 -6.92
CA GLY A 139 -3.57 -13.27 -5.62
C GLY A 139 -2.52 -14.33 -5.49
N GLU A 140 -2.85 -15.55 -5.91
CA GLU A 140 -1.95 -16.67 -5.90
C GLU A 140 -0.68 -16.30 -6.70
N ARG A 141 -0.81 -15.87 -7.94
CA ARG A 141 0.40 -15.49 -8.67
C ARG A 141 1.32 -14.58 -7.83
N LEU A 142 0.75 -13.50 -7.32
CA LEU A 142 1.52 -12.51 -6.65
C LEU A 142 2.13 -13.13 -5.37
N LEU A 143 1.40 -14.02 -4.74
CA LEU A 143 1.82 -14.56 -3.45
C LEU A 143 3.07 -15.48 -3.62
N LYS A 144 3.13 -16.14 -4.78
CA LYS A 144 4.23 -16.92 -5.25
C LYS A 144 5.52 -16.14 -5.50
N ALA A 145 5.38 -15.03 -6.25
CA ALA A 145 6.44 -14.03 -6.50
C ALA A 145 7.05 -13.28 -5.32
N LEU A 146 6.19 -12.92 -4.39
CA LEU A 146 6.52 -12.01 -3.37
C LEU A 146 7.72 -12.38 -2.46
N PRO A 147 7.75 -13.60 -1.93
CA PRO A 147 8.97 -13.87 -1.09
C PRO A 147 10.07 -14.09 -2.10
N GLN A 148 11.24 -13.55 -1.92
CA GLN A 148 12.14 -13.39 -3.09
C GLN A 148 11.99 -12.01 -3.69
N ALA A 149 11.89 -11.02 -2.81
CA ALA A 149 11.62 -9.61 -3.09
C ALA A 149 11.57 -9.34 -4.53
N ARG A 150 12.37 -8.39 -5.07
CA ARG A 150 13.23 -7.42 -4.39
C ARG A 150 12.89 -5.92 -4.60
N ARG A 151 12.62 -5.57 -5.84
CA ARG A 151 12.39 -4.21 -6.24
C ARG A 151 10.99 -4.18 -6.94
N ALA A 152 10.01 -3.42 -6.46
CA ALA A 152 8.75 -3.40 -7.22
C ALA A 152 8.47 -2.02 -7.78
N ALA A 153 7.81 -2.03 -8.94
CA ALA A 153 7.27 -0.80 -9.54
C ALA A 153 5.76 -0.98 -9.70
N ILE A 154 4.98 -0.03 -9.20
CA ILE A 154 3.55 -0.08 -9.39
C ILE A 154 3.16 1.06 -10.31
N LEU A 155 2.61 0.76 -11.46
CA LEU A 155 2.05 1.80 -12.30
C LEU A 155 0.70 2.18 -11.77
N GLY A 156 0.49 3.40 -11.33
CA GLY A 156 -0.86 3.78 -11.01
C GLY A 156 -1.08 4.17 -9.60
N ALA A 157 -1.38 5.43 -9.25
CA ALA A 157 -1.59 5.78 -7.87
C ALA A 157 -3.03 6.05 -7.41
N GLY A 158 -3.97 5.16 -7.80
CA GLY A 158 -5.34 5.12 -7.36
C GLY A 158 -5.50 4.20 -6.18
N TYR A 159 -6.59 3.47 -6.12
CA TYR A 159 -6.86 2.68 -4.94
C TYR A 159 -6.07 1.37 -4.96
N ILE A 160 -6.26 0.46 -5.93
CA ILE A 160 -5.41 -0.72 -5.88
C ILE A 160 -4.03 -0.14 -6.12
N GLY A 161 -2.98 -0.46 -5.45
CA GLY A 161 -1.89 0.42 -5.92
C GLY A 161 -1.38 1.38 -4.90
N LEU A 162 -2.17 2.35 -4.44
CA LEU A 162 -1.90 2.92 -3.11
C LEU A 162 -1.97 1.87 -2.09
N GLU A 163 -2.98 1.00 -2.18
CA GLU A 163 -3.11 -0.13 -1.26
C GLU A 163 -2.01 -1.13 -1.47
N ALA A 164 -1.60 -1.38 -2.73
CA ALA A 164 -0.56 -2.39 -2.98
C ALA A 164 0.79 -1.96 -2.49
N ALA A 165 1.13 -0.69 -2.63
CA ALA A 165 2.36 -0.18 -2.17
C ALA A 165 2.52 -0.50 -0.72
N GLU A 166 1.50 -0.30 0.10
CA GLU A 166 1.61 -0.69 1.52
C GLU A 166 1.89 -2.17 1.66
N ALA A 167 1.20 -2.99 0.89
CA ALA A 167 1.42 -4.44 1.00
C ALA A 167 2.84 -4.80 0.66
N PHE A 168 3.29 -4.49 -0.55
CA PHE A 168 4.67 -4.73 -0.90
C PHE A 168 5.69 -4.18 0.12
N ARG A 169 5.49 -3.03 0.75
CA ARG A 169 6.52 -2.56 1.65
C ARG A 169 6.54 -3.51 2.86
N LYS A 170 5.36 -3.82 3.39
CA LYS A 170 5.21 -4.71 4.55
C LYS A 170 5.85 -6.09 4.29
N ARG A 171 6.06 -6.40 3.04
CA ARG A 171 6.73 -7.62 2.63
C ARG A 171 8.20 -7.42 2.30
N GLY A 172 8.73 -6.29 2.70
CA GLY A 172 10.10 -6.01 2.43
C GLY A 172 10.58 -5.47 1.13
N LEU A 173 9.81 -5.41 0.05
CA LEU A 173 10.35 -4.95 -1.25
C LEU A 173 10.61 -3.46 -1.21
N GLN A 174 11.44 -2.97 -2.12
CA GLN A 174 11.54 -1.56 -2.15
C GLN A 174 10.53 -1.18 -3.21
N VAL A 175 9.72 -0.15 -2.98
CA VAL A 175 8.72 0.12 -4.00
C VAL A 175 8.72 1.49 -4.50
N THR A 176 8.67 1.63 -5.81
CA THR A 176 8.55 2.95 -6.35
C THR A 176 7.25 3.02 -7.18
N LEU A 177 6.40 4.02 -6.90
CA LEU A 177 5.09 4.22 -7.57
C LEU A 177 5.19 5.21 -8.70
N LEU A 178 4.87 4.78 -9.91
CA LEU A 178 4.82 5.67 -11.09
C LEU A 178 3.38 6.12 -11.43
N GLU A 179 3.05 7.36 -11.29
CA GLU A 179 1.74 7.84 -11.76
C GLU A 179 1.86 8.75 -12.98
N ALA A 180 0.92 8.67 -13.87
CA ALA A 180 0.89 9.54 -15.03
C ALA A 180 0.45 10.93 -14.74
N LYS A 181 -0.56 11.19 -13.93
CA LYS A 181 -0.95 12.55 -13.55
C LYS A 181 0.00 13.10 -12.48
N ASP A 182 -0.30 14.23 -11.89
CA ASP A 182 0.65 14.98 -11.07
C ASP A 182 0.60 14.75 -9.60
N ARG A 183 -0.28 13.90 -9.14
CA ARG A 183 -0.32 13.65 -7.73
C ARG A 183 -0.82 12.23 -7.51
N PRO A 184 -0.53 11.65 -6.35
CA PRO A 184 -1.31 10.44 -6.13
C PRO A 184 -2.82 10.75 -5.92
N LEU A 185 -3.67 9.75 -6.21
CA LEU A 185 -5.12 9.88 -6.10
C LEU A 185 -5.56 11.13 -6.81
N PRO A 186 -5.18 11.28 -8.10
CA PRO A 186 -5.37 12.34 -9.07
C PRO A 186 -6.82 12.63 -9.26
N HIS A 187 -7.67 11.69 -8.96
CA HIS A 187 -9.07 11.87 -9.26
C HIS A 187 -9.73 12.66 -8.18
N TRP A 188 -9.01 13.08 -7.14
CA TRP A 188 -9.56 13.96 -6.12
C TRP A 188 -8.74 15.22 -5.98
N ASP A 189 -9.41 16.28 -5.54
CA ASP A 189 -8.74 17.53 -5.16
C ASP A 189 -7.36 17.38 -4.50
N PRO A 190 -6.45 18.33 -4.74
CA PRO A 190 -5.03 17.90 -4.57
C PRO A 190 -4.45 17.98 -3.17
N GLU A 191 -5.21 18.52 -2.18
CA GLU A 191 -4.82 18.55 -0.77
C GLU A 191 -4.70 17.08 -0.25
N VAL A 192 -5.63 16.24 -0.69
CA VAL A 192 -5.62 14.86 -0.27
C VAL A 192 -4.43 14.20 -0.91
N GLY A 193 -4.29 14.30 -2.23
CA GLY A 193 -3.12 13.77 -2.93
C GLY A 193 -1.80 14.14 -2.21
N ALA A 194 -1.69 15.37 -1.70
CA ALA A 194 -0.52 15.76 -0.97
C ALA A 194 -0.26 14.97 0.31
N LEU A 195 -1.31 14.83 1.13
CA LEU A 195 -1.21 14.18 2.42
C LEU A 195 -0.77 12.73 2.14
N LEU A 196 -1.15 12.22 0.97
CA LEU A 196 -0.88 10.86 0.63
C LEU A 196 0.54 10.70 0.21
N LYS A 197 1.08 11.59 -0.64
CA LYS A 197 2.51 11.58 -1.02
C LYS A 197 3.38 11.66 0.21
N GLU A 198 3.03 12.50 1.18
CA GLU A 198 3.84 12.63 2.35
C GLU A 198 3.82 11.31 3.09
N GLU A 199 2.68 10.66 3.30
CA GLU A 199 2.72 9.42 4.00
C GLU A 199 3.42 8.35 3.25
N LEU A 200 3.34 8.32 1.94
CA LEU A 200 3.97 7.22 1.24
C LEU A 200 5.45 7.38 1.41
N GLU A 201 5.92 8.63 1.36
CA GLU A 201 7.33 8.87 1.44
C GLU A 201 7.90 8.59 2.82
N ARG A 202 7.23 9.10 3.84
CA ARG A 202 7.48 8.70 5.23
C ARG A 202 7.64 7.18 5.40
N HIS A 203 7.12 6.33 4.52
CA HIS A 203 7.25 4.90 4.71
C HIS A 203 8.06 4.26 3.64
N GLY A 204 8.82 5.08 2.96
CA GLY A 204 9.85 4.55 2.13
C GLY A 204 9.48 4.17 0.74
N VAL A 205 8.38 4.73 0.24
CA VAL A 205 7.94 4.46 -1.12
C VAL A 205 8.43 5.67 -1.90
N GLU A 206 8.96 5.46 -3.09
CA GLU A 206 9.30 6.60 -3.87
C GLU A 206 8.14 6.94 -4.79
N VAL A 207 7.63 8.16 -4.81
CA VAL A 207 6.52 8.39 -5.77
C VAL A 207 6.93 9.31 -6.93
N TRP A 208 7.08 8.78 -8.15
CA TRP A 208 7.32 9.53 -9.37
C TRP A 208 5.92 10.09 -9.88
N THR A 209 5.86 11.32 -10.30
CA THR A 209 4.65 11.88 -10.77
C THR A 209 4.84 12.32 -12.24
N GLY A 210 3.78 12.60 -12.96
CA GLY A 210 3.92 12.95 -14.35
C GLY A 210 4.85 12.11 -15.20
N VAL A 211 4.78 10.80 -15.07
CA VAL A 211 5.74 9.89 -15.68
C VAL A 211 5.12 9.35 -16.97
N LYS A 212 5.91 9.18 -17.99
CA LYS A 212 5.41 8.58 -19.19
C LYS A 212 6.04 7.22 -19.22
N VAL A 213 5.39 6.18 -18.68
CA VAL A 213 6.09 4.89 -18.82
C VAL A 213 6.25 4.42 -20.28
N GLU A 214 7.45 4.12 -20.73
CA GLU A 214 7.63 3.85 -22.15
C GLU A 214 7.83 2.41 -22.54
N ALA A 215 8.42 1.58 -21.69
CA ALA A 215 8.41 0.15 -21.96
C ALA A 215 8.95 -0.65 -20.85
N PHE A 216 8.59 -1.92 -20.80
CA PHE A 216 9.06 -2.77 -19.76
C PHE A 216 10.21 -3.55 -20.28
N ARG A 217 11.40 -3.39 -19.70
CA ARG A 217 12.61 -3.96 -20.33
C ARG A 217 12.81 -5.41 -19.92
N GLY A 218 13.09 -6.30 -20.88
CA GLY A 218 13.51 -7.64 -20.51
C GLY A 218 13.42 -8.52 -21.68
N MET A 219 13.85 -9.76 -21.49
CA MET A 219 13.86 -10.72 -22.57
C MET A 219 12.76 -11.72 -22.36
N GLY A 220 11.62 -11.21 -21.90
CA GLY A 220 10.53 -12.03 -21.41
C GLY A 220 10.52 -12.22 -19.90
N ARG A 221 11.27 -11.40 -19.14
CA ARG A 221 11.30 -11.49 -17.69
C ARG A 221 10.90 -10.22 -17.04
N VAL A 222 11.52 -9.12 -17.44
CA VAL A 222 11.32 -7.80 -16.76
C VAL A 222 12.23 -7.67 -15.61
N GLU A 223 12.92 -6.55 -15.70
CA GLU A 223 13.97 -6.21 -14.84
C GLU A 223 13.98 -4.67 -14.78
N ALA A 224 13.22 -4.01 -15.68
CA ALA A 224 13.35 -2.61 -15.72
C ALA A 224 12.20 -1.65 -15.74
N VAL A 225 11.44 -1.46 -16.79
CA VAL A 225 10.67 -0.11 -16.73
C VAL A 225 11.45 1.14 -17.08
N GLU A 226 11.26 1.55 -18.33
CA GLU A 226 11.94 2.62 -18.96
C GLU A 226 10.93 3.70 -19.01
N THR A 227 11.25 4.86 -18.45
CA THR A 227 10.32 5.99 -18.45
C THR A 227 10.95 7.24 -18.99
N SER A 228 10.12 8.15 -19.51
CA SER A 228 10.49 9.56 -19.79
C SER A 228 11.41 10.17 -18.73
N GLU A 229 11.33 9.71 -17.49
CA GLU A 229 12.04 10.39 -16.40
C GLU A 229 13.24 9.58 -15.90
N GLY A 230 13.73 8.64 -16.70
CA GLY A 230 14.72 7.77 -16.10
C GLY A 230 14.35 6.31 -16.12
N VAL A 231 15.16 5.49 -15.49
CA VAL A 231 14.93 4.03 -15.61
C VAL A 231 14.81 3.38 -14.27
N VAL A 232 13.65 2.79 -13.97
CA VAL A 232 13.45 2.21 -12.66
C VAL A 232 13.80 0.76 -12.72
N PRO A 233 14.78 0.34 -11.96
CA PRO A 233 14.91 -1.10 -12.04
C PRO A 233 13.86 -1.78 -11.18
N ALA A 234 13.33 -2.90 -11.64
CA ALA A 234 12.26 -3.60 -10.92
C ALA A 234 12.04 -5.07 -11.37
N ASP A 235 12.02 -6.04 -10.48
CA ASP A 235 11.78 -7.46 -10.91
C ASP A 235 10.34 -7.93 -10.72
N LEU A 236 9.53 -7.04 -10.14
CA LEU A 236 8.12 -7.20 -10.07
C LEU A 236 7.46 -5.85 -10.32
N VAL A 237 6.59 -5.83 -11.33
CA VAL A 237 5.75 -4.70 -11.63
C VAL A 237 4.27 -5.09 -11.60
N LEU A 238 3.49 -4.29 -10.82
CA LEU A 238 2.02 -4.29 -10.71
C LEU A 238 1.38 -3.20 -11.57
N LEU A 239 0.44 -3.56 -12.45
CA LEU A 239 -0.25 -2.62 -13.33
C LEU A 239 -1.54 -2.26 -12.63
N ALA A 240 -1.59 -1.08 -12.07
CA ALA A 240 -2.76 -0.71 -11.29
C ALA A 240 -3.41 0.52 -11.86
N THR A 241 -3.97 0.39 -13.04
CA THR A 241 -4.20 1.48 -13.95
C THR A 241 -5.67 1.56 -14.31
N GLY A 242 -6.51 0.91 -13.52
CA GLY A 242 -7.91 1.03 -13.78
C GLY A 242 -8.62 -0.18 -14.34
N ILE A 243 -9.94 -0.16 -14.29
CA ILE A 243 -10.71 -1.30 -14.72
C ILE A 243 -11.75 -0.79 -15.66
N ARG A 244 -12.38 -1.67 -16.40
CA ARG A 244 -13.45 -1.33 -17.33
C ARG A 244 -14.43 -2.51 -17.13
N PRO A 245 -15.69 -2.28 -17.36
CA PRO A 245 -16.65 -3.39 -17.19
C PRO A 245 -16.63 -4.46 -18.25
N ASN A 246 -17.00 -5.67 -17.83
CA ASN A 246 -17.17 -6.82 -18.70
C ASN A 246 -18.48 -6.94 -19.46
N THR A 247 -18.65 -6.11 -20.44
CA THR A 247 -19.92 -6.04 -21.05
C THR A 247 -19.97 -6.92 -22.29
N GLU A 248 -19.00 -7.77 -22.51
CA GLU A 248 -18.88 -8.36 -23.85
C GLU A 248 -20.05 -9.34 -24.19
N LEU A 249 -20.28 -10.28 -23.26
CA LEU A 249 -21.37 -11.23 -23.42
C LEU A 249 -22.67 -10.56 -23.52
N ALA A 250 -22.88 -9.59 -22.67
CA ALA A 250 -24.08 -8.81 -22.66
C ALA A 250 -24.37 -8.11 -23.95
N GLN A 251 -23.35 -7.65 -24.66
CA GLN A 251 -23.66 -6.95 -25.89
C GLN A 251 -24.05 -7.94 -26.97
N ALA A 252 -23.43 -9.12 -26.90
CA ALA A 252 -23.74 -10.13 -27.89
C ALA A 252 -25.19 -10.38 -27.86
N MET A 253 -25.76 -10.47 -26.66
CA MET A 253 -27.13 -10.86 -26.53
C MET A 253 -28.06 -9.70 -26.71
N GLY A 254 -27.50 -8.52 -26.96
CA GLY A 254 -28.28 -7.31 -27.20
C GLY A 254 -28.87 -6.55 -26.03
N VAL A 255 -28.21 -6.65 -24.88
CA VAL A 255 -28.43 -5.77 -23.73
C VAL A 255 -27.85 -4.34 -24.00
N ALA A 256 -28.55 -3.29 -23.68
CA ALA A 256 -28.04 -1.95 -23.86
C ALA A 256 -27.01 -1.51 -22.88
N LEU A 257 -26.02 -0.82 -23.39
CA LEU A 257 -25.03 -0.18 -22.54
C LEU A 257 -25.43 1.27 -22.30
N GLY A 258 -25.07 1.79 -21.13
CA GLY A 258 -25.38 3.15 -20.80
C GLY A 258 -24.25 4.02 -21.28
N PRO A 259 -24.36 5.32 -21.09
CA PRO A 259 -23.33 6.21 -21.62
C PRO A 259 -21.92 5.99 -21.00
N THR A 260 -21.82 5.39 -19.83
CA THR A 260 -20.57 5.15 -19.20
C THR A 260 -19.89 3.95 -19.70
N GLY A 261 -20.62 3.09 -20.39
CA GLY A 261 -20.01 1.88 -20.86
C GLY A 261 -20.41 0.63 -20.13
N ALA A 262 -20.94 0.85 -18.95
CA ALA A 262 -21.46 -0.22 -18.15
C ALA A 262 -22.88 -0.55 -18.61
N ILE A 263 -23.43 -1.70 -18.21
CA ILE A 263 -24.80 -2.06 -18.58
C ILE A 263 -25.75 -1.10 -17.94
N ALA A 264 -26.77 -0.64 -18.68
CA ALA A 264 -27.81 0.28 -18.20
C ALA A 264 -28.85 -0.44 -17.36
N THR A 265 -29.38 0.21 -16.34
CA THR A 265 -30.38 -0.43 -15.46
C THR A 265 -31.41 0.55 -14.92
N ASP A 266 -32.56 0.04 -14.49
CA ASP A 266 -33.52 0.81 -13.73
C ASP A 266 -33.46 0.56 -12.25
N GLU A 267 -34.38 1.13 -11.47
CA GLU A 267 -34.33 0.98 -10.03
C GLU A 267 -34.60 -0.46 -9.65
N ARG A 268 -34.85 -1.34 -10.59
CA ARG A 268 -35.18 -2.70 -10.20
C ARG A 268 -34.11 -3.59 -10.75
N MET A 269 -33.04 -2.95 -11.20
CA MET A 269 -31.90 -3.64 -11.77
C MET A 269 -32.22 -4.32 -13.11
N ARG A 270 -33.26 -3.90 -13.81
CA ARG A 270 -33.61 -4.51 -15.05
C ARG A 270 -32.95 -3.92 -16.25
N THR A 271 -32.50 -4.76 -17.18
CA THR A 271 -31.95 -4.25 -18.41
C THR A 271 -33.04 -3.99 -19.40
N ASN A 272 -32.65 -3.68 -20.61
CA ASN A 272 -33.61 -3.41 -21.63
C ASN A 272 -34.35 -4.68 -22.09
N LEU A 273 -33.91 -5.86 -21.75
CA LEU A 273 -34.64 -7.06 -22.14
C LEU A 273 -35.47 -7.62 -21.04
N GLU A 274 -36.69 -8.07 -21.37
CA GLU A 274 -37.60 -8.68 -20.32
C GLU A 274 -36.90 -9.88 -19.78
N GLY A 275 -36.81 -10.07 -18.45
CA GLY A 275 -36.09 -11.21 -17.88
C GLY A 275 -34.63 -11.07 -17.48
N VAL A 276 -34.01 -10.01 -17.98
CA VAL A 276 -32.58 -9.86 -17.88
C VAL A 276 -32.18 -8.72 -16.99
N TYR A 277 -31.47 -9.07 -15.92
CA TYR A 277 -31.02 -8.16 -14.90
C TYR A 277 -29.49 -7.94 -14.94
N ALA A 278 -28.99 -6.79 -14.49
CA ALA A 278 -27.56 -6.72 -14.26
C ALA A 278 -27.23 -6.21 -12.88
N ALA A 279 -26.17 -6.79 -12.25
CA ALA A 279 -25.69 -6.42 -10.89
C ALA A 279 -24.15 -6.35 -10.71
N GLY A 280 -23.65 -5.36 -9.98
CA GLY A 280 -22.23 -5.33 -9.65
C GLY A 280 -21.34 -4.47 -10.54
N ASP A 281 -20.11 -4.90 -10.79
CA ASP A 281 -19.21 -3.95 -11.41
C ASP A 281 -19.46 -3.77 -12.90
N VAL A 282 -20.37 -4.52 -13.48
CA VAL A 282 -20.66 -4.43 -14.88
C VAL A 282 -21.83 -3.47 -15.06
N ALA A 283 -22.39 -2.93 -13.97
CA ALA A 283 -23.64 -2.14 -14.09
C ALA A 283 -23.58 -0.70 -13.64
N GLU A 284 -24.24 0.18 -14.37
CA GLU A 284 -24.29 1.60 -14.03
C GLU A 284 -25.19 1.77 -12.82
N SER A 285 -25.03 2.88 -12.10
CA SER A 285 -25.91 3.23 -10.99
C SER A 285 -26.27 4.70 -11.12
N PHE A 286 -27.40 5.09 -10.54
CA PHE A 286 -27.81 6.49 -10.63
C PHE A 286 -27.13 7.37 -9.65
N HIS A 287 -26.43 8.38 -10.13
CA HIS A 287 -25.75 9.25 -9.17
C HIS A 287 -26.63 10.32 -8.70
N ARG A 288 -26.82 10.38 -7.42
CA ARG A 288 -27.78 11.36 -6.89
C ARG A 288 -27.42 12.84 -6.86
N VAL A 289 -26.13 13.20 -6.94
CA VAL A 289 -25.67 14.56 -7.05
C VAL A 289 -25.74 14.93 -8.48
N LEU A 290 -25.15 14.12 -9.38
CA LEU A 290 -25.08 14.47 -10.78
C LEU A 290 -26.41 14.30 -11.49
N LYS A 291 -27.32 13.55 -10.89
CA LYS A 291 -28.61 13.19 -11.46
C LYS A 291 -28.57 12.60 -12.83
N ARG A 292 -27.71 11.64 -13.03
CA ARG A 292 -27.64 10.84 -14.22
C ARG A 292 -26.99 9.51 -13.85
N PRO A 293 -26.92 8.58 -14.78
CA PRO A 293 -26.20 7.34 -14.55
C PRO A 293 -24.70 7.56 -14.49
N TYR A 294 -24.06 6.64 -13.81
CA TYR A 294 -22.71 6.80 -13.34
C TYR A 294 -22.10 5.40 -13.06
N TRP A 295 -20.79 5.20 -13.08
CA TRP A 295 -20.30 3.87 -12.86
C TRP A 295 -19.56 3.88 -11.61
N LEU A 296 -20.00 3.19 -10.59
CA LEU A 296 -19.32 3.20 -9.33
C LEU A 296 -19.04 1.73 -8.84
N PRO A 297 -17.98 1.10 -9.38
CA PRO A 297 -17.62 -0.26 -9.05
C PRO A 297 -17.08 -0.51 -7.69
N LEU A 298 -17.87 -0.28 -6.67
CA LEU A 298 -17.49 -0.66 -5.31
C LEU A 298 -18.28 -1.85 -4.89
N GLY A 299 -17.82 -2.55 -3.86
CA GLY A 299 -18.38 -3.82 -3.49
C GLY A 299 -19.63 -3.69 -2.65
N ASP A 300 -19.74 -2.64 -1.85
CA ASP A 300 -21.02 -2.41 -1.18
C ASP A 300 -22.13 -2.10 -2.22
N VAL A 301 -21.82 -1.36 -3.29
CA VAL A 301 -22.82 -1.13 -4.33
C VAL A 301 -23.04 -2.40 -5.09
N ALA A 302 -22.05 -3.29 -5.18
CA ALA A 302 -22.35 -4.55 -5.86
C ALA A 302 -23.26 -5.41 -5.03
N ASN A 303 -23.09 -5.51 -3.72
CA ASN A 303 -24.10 -6.23 -2.94
C ASN A 303 -25.55 -5.61 -2.98
N LYS A 304 -25.62 -4.30 -3.03
CA LYS A 304 -26.91 -3.66 -3.13
C LYS A 304 -27.57 -3.96 -4.49
N HIS A 305 -26.80 -3.98 -5.57
CA HIS A 305 -27.40 -4.30 -6.83
C HIS A 305 -27.94 -5.70 -6.69
N GLY A 306 -27.07 -6.63 -6.27
CA GLY A 306 -27.42 -8.03 -6.28
C GLY A 306 -28.60 -8.32 -5.36
N ARG A 307 -28.56 -7.82 -4.12
CA ARG A 307 -29.71 -8.02 -3.25
C ARG A 307 -31.02 -7.56 -3.88
N THR A 308 -31.00 -6.42 -4.58
CA THR A 308 -32.18 -5.93 -5.26
C THR A 308 -32.69 -6.83 -6.38
N ALA A 309 -31.80 -7.23 -7.28
CA ALA A 309 -32.20 -8.12 -8.39
C ALA A 309 -32.81 -9.38 -7.82
N GLY A 310 -32.12 -10.01 -6.89
CA GLY A 310 -32.67 -11.17 -6.22
C GLY A 310 -34.04 -11.00 -5.61
N SER A 311 -34.21 -10.06 -4.68
CA SER A 311 -35.52 -9.70 -4.20
C SER A 311 -36.50 -9.53 -5.37
N VAL A 312 -36.18 -8.75 -6.40
CA VAL A 312 -37.20 -8.43 -7.35
C VAL A 312 -37.65 -9.68 -8.00
N ILE A 313 -36.72 -10.51 -8.41
CA ILE A 313 -36.98 -11.82 -8.97
C ILE A 313 -37.81 -12.70 -8.09
N ALA A 314 -37.51 -12.79 -6.82
CA ALA A 314 -38.30 -13.63 -5.95
C ALA A 314 -39.73 -13.11 -5.75
N GLY A 315 -40.03 -11.97 -6.35
CA GLY A 315 -41.29 -11.27 -6.19
C GLY A 315 -41.50 -10.39 -4.99
N ARG A 316 -40.46 -10.07 -4.28
CA ARG A 316 -40.58 -9.05 -3.29
C ARG A 316 -40.50 -7.69 -3.97
N GLU A 317 -40.87 -6.67 -3.22
CA GLU A 317 -40.75 -5.33 -3.67
C GLU A 317 -39.40 -4.78 -3.22
N ALA A 318 -38.55 -4.33 -4.13
CA ALA A 318 -37.30 -3.78 -3.69
C ALA A 318 -36.90 -2.84 -4.79
N ARG A 319 -36.32 -1.68 -4.46
CA ARG A 319 -35.84 -0.75 -5.47
C ARG A 319 -34.42 -0.32 -5.07
N PHE A 320 -33.52 -0.09 -6.02
CA PHE A 320 -32.21 0.47 -5.76
C PHE A 320 -32.21 1.96 -6.16
N LEU A 321 -31.99 2.84 -5.17
CA LEU A 321 -32.24 4.25 -5.36
C LEU A 321 -31.09 5.13 -5.65
N GLY A 322 -29.90 4.59 -5.75
CA GLY A 322 -28.79 5.38 -6.20
C GLY A 322 -27.55 5.37 -5.35
N VAL A 323 -26.52 6.07 -5.81
CA VAL A 323 -25.34 6.29 -5.02
C VAL A 323 -24.97 7.77 -5.05
N VAL A 324 -24.02 8.09 -4.22
CA VAL A 324 -23.56 9.41 -4.17
C VAL A 324 -21.99 9.45 -4.36
N GLY A 325 -21.36 8.27 -4.35
CA GLY A 325 -19.92 8.15 -4.55
C GLY A 325 -19.05 7.96 -3.32
N THR A 326 -19.61 7.51 -2.20
CA THR A 326 -18.80 7.36 -0.99
C THR A 326 -17.75 6.26 -1.11
N ALA A 327 -16.50 6.58 -0.79
CA ALA A 327 -15.41 5.59 -0.82
C ALA A 327 -14.43 5.79 0.28
N ILE A 328 -13.93 4.73 0.88
CA ILE A 328 -12.90 4.90 1.90
C ILE A 328 -11.80 3.82 1.66
N PHE A 329 -10.54 4.18 1.88
CA PHE A 329 -9.48 3.21 1.80
C PHE A 329 -8.41 3.48 2.83
N LYS A 330 -7.55 2.52 3.08
CA LYS A 330 -6.45 2.69 4.02
C LYS A 330 -5.12 2.65 3.27
N ALA A 331 -4.29 3.64 3.55
CA ALA A 331 -2.96 3.67 2.95
C ALA A 331 -1.95 3.95 4.07
N PHE A 332 -1.20 2.94 4.50
CA PHE A 332 -0.40 3.06 5.70
C PHE A 332 -1.18 3.61 6.91
N ASP A 333 -0.80 4.78 7.39
CA ASP A 333 -1.40 5.28 8.61
C ASP A 333 -2.48 6.31 8.31
N LEU A 334 -2.96 6.37 7.07
CA LEU A 334 -4.05 7.27 6.75
C LEU A 334 -5.24 6.48 6.36
N ALA A 335 -6.41 6.87 6.86
CA ALA A 335 -7.73 6.43 6.32
C ALA A 335 -8.30 7.57 5.46
N VAL A 336 -8.50 7.35 4.16
CA VAL A 336 -8.89 8.46 3.27
C VAL A 336 -10.30 8.26 2.73
N ALA A 337 -11.23 9.17 3.06
CA ALA A 337 -12.54 8.95 2.56
C ALA A 337 -13.12 10.10 1.74
N THR A 338 -13.74 9.81 0.62
CA THR A 338 -14.34 10.85 -0.21
C THR A 338 -15.76 10.44 -0.48
N THR A 339 -16.55 11.38 -1.01
CA THR A 339 -17.95 11.20 -1.26
C THR A 339 -18.39 12.40 -2.11
N GLY A 340 -19.35 12.20 -3.01
CA GLY A 340 -19.80 13.32 -3.79
C GLY A 340 -18.80 13.67 -4.87
N LEU A 341 -18.86 14.88 -5.39
CA LEU A 341 -17.86 15.46 -6.32
C LEU A 341 -16.73 16.23 -5.62
N SER A 342 -15.57 16.19 -6.23
CA SER A 342 -14.51 17.07 -5.82
C SER A 342 -14.73 18.43 -6.46
N LEU A 343 -14.09 19.48 -5.92
CA LEU A 343 -14.15 20.77 -6.56
C LEU A 343 -13.78 20.70 -8.02
N GLU A 344 -12.75 19.92 -8.39
CA GLU A 344 -12.39 19.88 -9.81
C GLU A 344 -13.59 19.47 -10.60
N GLY A 345 -14.13 18.29 -10.27
CA GLY A 345 -15.25 17.77 -11.01
C GLY A 345 -16.51 18.57 -10.89
N ALA A 346 -16.70 19.22 -9.75
CA ALA A 346 -17.91 19.97 -9.56
C ALA A 346 -17.90 21.11 -10.53
N LEU A 347 -16.71 21.69 -10.80
CA LEU A 347 -16.59 22.81 -11.74
C LEU A 347 -16.76 22.27 -13.13
N LYS A 348 -16.22 21.10 -13.42
CA LYS A 348 -16.32 20.60 -14.77
C LYS A 348 -17.82 20.39 -15.08
N GLU A 349 -18.62 20.12 -14.08
CA GLU A 349 -20.04 19.98 -14.29
C GLU A 349 -20.73 21.30 -14.47
N GLY A 350 -20.02 22.37 -14.25
CA GLY A 350 -20.66 23.65 -14.29
C GLY A 350 -21.15 24.34 -13.04
N PHE A 351 -21.03 23.74 -11.87
CA PHE A 351 -21.61 24.42 -10.75
C PHE A 351 -20.75 25.62 -10.42
N TRP A 352 -21.30 26.59 -9.74
CA TRP A 352 -20.42 27.59 -9.24
C TRP A 352 -19.94 27.14 -7.91
N ALA A 353 -18.89 26.33 -7.91
CA ALA A 353 -18.45 25.66 -6.69
C ALA A 353 -17.24 26.21 -5.94
N LYS A 354 -17.16 25.97 -4.66
CA LYS A 354 -16.07 26.42 -3.84
C LYS A 354 -15.67 25.24 -2.96
N LYS A 355 -14.44 25.25 -2.44
CA LYS A 355 -14.06 24.31 -1.39
C LYS A 355 -13.60 24.94 -0.09
N VAL A 356 -13.57 24.15 0.97
CA VAL A 356 -12.95 24.54 2.17
C VAL A 356 -12.16 23.32 2.68
N PHE A 357 -11.01 23.49 3.31
CA PHE A 357 -10.22 22.28 3.69
C PHE A 357 -9.49 22.56 4.99
N ILE A 358 -9.91 21.92 6.08
CA ILE A 358 -9.46 22.30 7.37
C ILE A 358 -8.75 21.14 7.98
N GLN A 359 -7.83 21.40 8.93
CA GLN A 359 -7.17 20.33 9.63
C GLN A 359 -7.41 20.53 11.11
N SER A 360 -7.95 19.48 11.78
CA SER A 360 -8.40 19.51 13.13
C SER A 360 -7.85 18.25 13.78
N ARG A 361 -8.32 17.91 14.97
CA ARG A 361 -7.82 16.76 15.65
C ARG A 361 -8.96 15.70 15.69
N ASP A 362 -8.65 14.52 16.18
CA ASP A 362 -9.57 13.43 16.27
C ASP A 362 -9.87 13.17 17.71
N GLY A 363 -10.13 14.19 18.49
CA GLY A 363 -10.15 14.00 19.92
C GLY A 363 -9.56 15.27 20.46
N ALA A 364 -9.89 15.57 21.71
CA ALA A 364 -9.58 16.83 22.33
C ALA A 364 -8.10 17.14 22.22
N HIS A 365 -7.71 18.43 22.14
CA HIS A 365 -6.27 18.78 22.22
C HIS A 365 -5.53 18.07 23.39
N TYR A 366 -6.04 18.24 24.61
CA TYR A 366 -5.41 17.62 25.75
C TYR A 366 -5.46 16.07 25.79
N TYR A 367 -6.23 15.37 24.93
CA TYR A 367 -6.33 13.89 25.07
C TYR A 367 -5.18 13.13 24.51
N PRO A 368 -4.64 12.23 25.28
CA PRO A 368 -3.38 11.58 24.91
C PRO A 368 -3.57 10.65 23.78
N GLY A 369 -2.82 10.91 22.73
CA GLY A 369 -2.90 10.08 21.57
C GLY A 369 -3.74 10.63 20.44
N SER A 370 -4.46 11.73 20.66
CA SER A 370 -5.37 12.27 19.63
C SER A 370 -4.52 12.67 18.43
N GLY A 371 -5.01 12.33 17.25
CA GLY A 371 -4.23 12.53 16.04
C GLY A 371 -4.91 13.54 15.15
N PRO A 372 -4.43 13.72 13.94
CA PRO A 372 -4.98 14.78 13.10
C PRO A 372 -6.10 14.19 12.29
N LEU A 373 -6.97 15.05 11.85
CA LEU A 373 -8.18 14.70 11.10
C LEU A 373 -8.47 15.92 10.22
N TRP A 374 -8.56 15.69 8.91
CA TRP A 374 -8.70 16.80 7.96
C TRP A 374 -10.06 16.60 7.35
N VAL A 375 -10.84 17.67 7.11
CA VAL A 375 -12.08 17.47 6.42
C VAL A 375 -12.15 18.50 5.33
N GLU A 376 -12.68 18.09 4.16
CA GLU A 376 -12.91 18.96 3.00
C GLU A 376 -14.37 19.09 2.68
N LEU A 377 -14.87 20.27 2.32
CA LEU A 377 -16.26 20.41 1.93
C LEU A 377 -16.26 21.04 0.57
N VAL A 378 -17.01 20.50 -0.36
CA VAL A 378 -17.19 21.11 -1.71
C VAL A 378 -18.65 21.55 -1.81
N TYR A 379 -18.91 22.83 -1.99
CA TYR A 379 -20.31 23.33 -1.98
C TYR A 379 -20.62 24.30 -3.15
N GLU A 380 -21.88 24.66 -3.33
CA GLU A 380 -22.35 25.54 -4.40
C GLU A 380 -22.40 26.96 -3.86
N GLU A 381 -21.99 27.94 -4.64
CA GLU A 381 -21.74 29.24 -4.08
C GLU A 381 -22.93 29.84 -3.40
N GLY A 382 -24.05 29.90 -4.10
CA GLY A 382 -25.12 30.70 -3.52
C GLY A 382 -25.99 29.96 -2.55
N THR A 383 -26.48 28.81 -3.03
CA THR A 383 -27.42 27.95 -2.36
C THR A 383 -26.83 27.34 -1.13
N GLY A 384 -25.55 27.10 -1.17
CA GLY A 384 -24.89 26.41 -0.09
C GLY A 384 -25.02 24.90 -0.14
N ARG A 385 -25.58 24.41 -1.22
CA ARG A 385 -25.82 23.03 -1.43
C ARG A 385 -24.50 22.29 -1.37
N LEU A 386 -24.37 21.26 -0.51
CA LEU A 386 -23.18 20.37 -0.55
C LEU A 386 -23.15 19.61 -1.78
N LEU A 387 -21.95 19.34 -2.28
CA LEU A 387 -21.73 18.63 -3.53
C LEU A 387 -20.67 17.52 -3.43
N GLY A 388 -19.87 17.49 -2.36
CA GLY A 388 -18.85 16.48 -2.19
C GLY A 388 -18.09 16.81 -0.96
N GLY A 389 -17.20 15.94 -0.53
CA GLY A 389 -16.57 16.12 0.79
C GLY A 389 -15.48 15.09 0.97
N ALA A 390 -14.48 15.35 1.79
CA ALA A 390 -13.53 14.31 2.10
C ALA A 390 -13.27 14.29 3.56
N VAL A 391 -12.97 13.17 4.17
CA VAL A 391 -12.28 13.38 5.44
C VAL A 391 -11.09 12.44 5.51
N VAL A 392 -9.98 12.88 6.09
CA VAL A 392 -8.88 11.95 6.18
C VAL A 392 -8.45 11.91 7.63
N ALA A 393 -8.20 10.71 8.15
CA ALA A 393 -7.92 10.53 9.56
C ALA A 393 -6.96 9.37 9.71
N ARG A 394 -6.46 9.04 10.91
CA ARG A 394 -5.81 7.73 11.09
C ARG A 394 -6.95 6.75 11.42
N GLY A 395 -7.93 7.26 12.15
CA GLY A 395 -9.13 6.55 12.61
C GLY A 395 -9.86 5.45 11.86
N HIS A 396 -10.30 4.43 12.64
CA HIS A 396 -10.76 2.99 12.36
C HIS A 396 -12.27 2.92 12.56
N GLY A 397 -12.57 4.19 12.11
CA GLY A 397 -12.99 5.45 12.67
C GLY A 397 -12.68 6.91 12.13
N ALA A 398 -13.44 7.35 11.12
CA ALA A 398 -13.64 8.79 10.58
C ALA A 398 -13.44 8.69 9.02
N LEU A 399 -14.58 8.77 8.28
CA LEU A 399 -15.75 7.78 8.62
C LEU A 399 -16.92 8.62 9.13
N ARG A 400 -16.57 9.80 9.69
CA ARG A 400 -17.44 10.95 9.62
C ARG A 400 -17.92 11.19 8.14
N ILE A 401 -17.21 10.69 7.13
CA ILE A 401 -17.67 10.84 5.78
C ILE A 401 -19.11 10.40 5.65
N ASP A 402 -19.55 9.42 6.45
CA ASP A 402 -20.91 8.92 6.35
C ASP A 402 -21.92 10.05 6.56
N VAL A 403 -21.59 11.02 7.41
CA VAL A 403 -22.47 12.12 7.66
C VAL A 403 -22.75 12.89 6.38
N LEU A 404 -21.70 13.19 5.62
CA LEU A 404 -21.86 13.97 4.44
C LEU A 404 -22.59 13.19 3.41
N ALA A 405 -22.35 11.88 3.32
CA ALA A 405 -23.18 11.07 2.45
C ALA A 405 -24.63 11.15 2.86
N ALA A 406 -24.96 11.14 4.15
CA ALA A 406 -26.38 11.35 4.52
C ALA A 406 -26.95 12.67 3.96
N LEU A 407 -26.18 13.76 4.04
CA LEU A 407 -26.60 15.07 3.56
C LEU A 407 -26.69 15.13 2.06
N LEU A 408 -25.68 14.66 1.37
CA LEU A 408 -25.75 14.53 -0.05
C LEU A 408 -26.99 13.83 -0.57
N HIS A 409 -27.62 13.01 0.26
CA HIS A 409 -28.63 12.12 -0.26
C HIS A 409 -29.95 12.84 -0.54
N ARG A 410 -30.43 13.59 0.46
CA ARG A 410 -31.44 14.66 0.27
C ARG A 410 -30.67 15.87 -0.43
N GLU A 411 -31.00 17.12 -0.35
CA GLU A 411 -30.05 18.02 -1.03
C GLU A 411 -28.96 18.48 -0.16
N GLY A 412 -29.34 19.04 0.93
CA GLY A 412 -28.41 19.14 2.05
C GLY A 412 -27.38 20.25 1.90
N SER A 413 -27.41 21.25 2.77
CA SER A 413 -26.53 22.36 2.63
C SER A 413 -25.48 22.44 3.71
N VAL A 414 -24.48 23.28 3.54
CA VAL A 414 -23.66 23.64 4.63
C VAL A 414 -24.45 24.09 5.85
N GLU A 415 -25.50 24.86 5.63
CA GLU A 415 -26.35 25.26 6.75
C GLU A 415 -26.95 24.05 7.50
N ASP A 416 -27.42 23.03 6.79
CA ASP A 416 -27.88 21.79 7.36
C ASP A 416 -26.81 21.11 8.17
N LEU A 417 -25.65 20.96 7.57
CA LEU A 417 -24.54 20.40 8.31
C LEU A 417 -24.29 21.20 9.57
N LEU A 418 -24.33 22.51 9.50
CA LEU A 418 -24.09 23.32 10.70
C LEU A 418 -25.01 23.11 11.90
N ALA A 419 -26.25 22.76 11.63
CA ALA A 419 -27.27 22.53 12.59
C ALA A 419 -27.27 21.15 13.25
N LEU A 420 -26.41 20.23 12.82
CA LEU A 420 -26.45 18.85 13.26
C LEU A 420 -25.95 18.82 14.67
N ASP A 421 -26.60 17.98 15.48
CA ASP A 421 -26.13 17.69 16.81
C ASP A 421 -25.12 16.46 16.84
N LEU A 422 -23.90 16.70 16.48
CA LEU A 422 -22.96 15.66 16.59
C LEU A 422 -22.45 15.18 18.00
N ALA A 423 -21.85 14.00 18.04
CA ALA A 423 -21.33 13.49 19.28
C ALA A 423 -19.99 14.06 19.61
N TYR A 424 -19.86 14.40 20.90
CA TYR A 424 -18.63 14.94 21.50
C TYR A 424 -18.22 14.23 22.75
N ALA A 425 -16.96 13.87 22.82
CA ALA A 425 -16.32 13.50 24.10
C ALA A 425 -14.79 13.41 23.87
N PRO A 426 -13.98 13.70 24.87
CA PRO A 426 -12.57 14.01 24.57
C PRO A 426 -11.80 12.94 23.82
N PRO A 427 -12.08 11.65 24.07
CA PRO A 427 -11.33 10.64 23.32
C PRO A 427 -11.65 10.63 21.81
N PHE A 428 -12.77 11.23 21.37
CA PHE A 428 -13.35 10.89 20.05
C PHE A 428 -13.39 12.01 19.03
N SER A 429 -13.76 13.18 19.49
CA SER A 429 -13.60 14.37 18.67
C SER A 429 -13.38 15.57 19.62
N PRO A 430 -12.81 16.68 19.14
CA PRO A 430 -12.73 17.96 19.89
C PRO A 430 -14.18 18.51 20.12
N VAL A 431 -14.42 19.56 20.93
CA VAL A 431 -15.79 19.94 21.28
C VAL A 431 -16.59 20.55 20.04
N TRP A 432 -15.90 21.27 19.19
CA TRP A 432 -16.43 21.38 17.85
C TRP A 432 -16.02 20.25 16.89
N ASP A 433 -16.95 19.44 16.38
CA ASP A 433 -16.53 18.33 15.51
C ASP A 433 -15.82 18.87 14.30
N PRO A 434 -14.83 18.17 13.74
CA PRO A 434 -14.24 18.72 12.54
C PRO A 434 -15.24 18.94 11.41
N LEU A 435 -16.30 18.16 11.21
CA LEU A 435 -17.31 18.55 10.24
C LEU A 435 -17.86 20.00 10.57
N LEU A 436 -18.17 20.34 11.82
CA LEU A 436 -18.72 21.65 12.10
C LEU A 436 -17.65 22.72 11.81
N ILE A 437 -16.38 22.44 12.04
CA ILE A 437 -15.51 23.60 12.04
C ILE A 437 -15.39 23.88 10.56
N ALA A 438 -15.28 22.82 9.78
CA ALA A 438 -15.24 23.02 8.32
C ALA A 438 -16.50 23.70 7.77
N ALA A 439 -17.67 23.51 8.38
CA ALA A 439 -18.86 24.17 7.86
C ALA A 439 -18.82 25.67 8.02
N GLN A 440 -18.79 26.25 6.81
CA GLN A 440 -18.84 27.69 6.46
C GLN A 440 -17.48 28.27 6.99
N GLN A 441 -17.71 28.52 8.35
CA GLN A 441 -16.98 28.22 9.54
C GLN A 441 -15.61 27.89 8.89
N ALA A 442 -14.54 28.58 9.45
CA ALA A 442 -13.12 28.73 8.96
C ALA A 442 -13.02 28.40 7.47
N ARG A 443 -11.79 28.60 6.92
CA ARG A 443 -11.45 28.49 5.43
C ARG A 443 -10.39 27.43 4.94
N MET B 1 -22.49 49.95 17.22
CA MET B 1 -22.09 50.60 18.49
C MET B 1 -20.81 49.95 19.18
N GLY B 2 -20.43 50.48 20.38
CA GLY B 2 -19.27 50.10 21.23
C GLY B 2 -19.56 49.92 22.74
N LYS B 3 -20.65 49.16 22.98
CA LYS B 3 -21.17 48.94 24.30
C LYS B 3 -20.47 47.80 25.09
N ARG B 4 -21.00 47.48 26.26
CA ARG B 4 -20.26 46.71 27.23
C ARG B 4 -21.00 45.39 27.48
N MET B 5 -20.29 44.31 27.23
CA MET B 5 -20.81 42.95 27.38
C MET B 5 -20.17 42.27 28.60
N VAL B 6 -21.03 41.88 29.52
CA VAL B 6 -20.58 41.29 30.77
C VAL B 6 -21.04 39.85 30.80
N VAL B 7 -20.10 38.97 30.96
CA VAL B 7 -20.42 37.57 31.02
C VAL B 7 -20.24 37.07 32.43
N VAL B 8 -21.26 36.42 32.97
CA VAL B 8 -21.23 35.85 34.31
C VAL B 8 -20.99 34.33 34.24
N GLY B 9 -19.74 33.95 34.44
CA GLY B 9 -19.32 32.57 34.41
C GLY B 9 -18.41 32.43 33.24
N GLY B 10 -17.24 31.85 33.45
CA GLY B 10 -16.25 31.83 32.38
C GLY B 10 -15.86 30.46 31.90
N VAL B 11 -16.78 29.50 31.99
CA VAL B 11 -16.24 28.20 31.68
C VAL B 11 -16.27 27.78 30.23
N ALA B 12 -17.45 27.79 29.60
CA ALA B 12 -17.59 27.17 28.27
C ALA B 12 -18.70 27.88 27.50
N GLY B 13 -19.90 27.83 28.03
CA GLY B 13 -20.88 28.79 27.62
C GLY B 13 -20.31 30.21 27.61
N GLY B 14 -19.90 30.72 28.77
CA GLY B 14 -19.38 32.06 28.90
C GLY B 14 -18.13 32.36 28.08
N ALA B 15 -17.11 31.49 28.14
CA ALA B 15 -15.90 31.78 27.36
C ALA B 15 -16.13 31.83 25.84
N SER B 16 -17.02 31.00 25.33
CA SER B 16 -17.42 31.02 23.92
C SER B 16 -17.97 32.31 23.46
N ALA B 17 -18.94 32.79 24.24
CA ALA B 17 -19.66 34.02 24.01
C ALA B 17 -18.69 35.18 24.03
N ALA B 18 -17.92 35.27 25.10
CA ALA B 18 -16.93 36.27 25.22
C ALA B 18 -16.01 36.27 24.00
N ALA B 19 -15.53 35.09 23.62
CA ALA B 19 -14.49 35.14 22.55
C ALA B 19 -14.99 35.50 21.15
N LYS B 20 -16.15 34.94 20.85
CA LYS B 20 -16.82 35.14 19.57
C LYS B 20 -17.31 36.57 19.45
N ALA B 21 -17.96 37.08 20.52
CA ALA B 21 -18.37 38.48 20.54
C ALA B 21 -17.21 39.44 20.22
N LYS B 22 -16.11 39.32 20.98
CA LYS B 22 -14.99 40.23 20.77
C LYS B 22 -14.42 40.14 19.35
N ARG B 23 -14.39 38.95 18.75
CA ARG B 23 -13.79 38.72 17.46
C ARG B 23 -14.67 39.32 16.43
N GLU B 24 -15.97 39.36 16.71
CA GLU B 24 -16.90 39.60 15.63
C GLU B 24 -17.14 41.06 15.59
N ASN B 25 -16.95 41.68 16.75
CA ASN B 25 -17.05 43.12 16.93
C ASN B 25 -16.13 43.65 17.97
N PRO B 26 -14.92 44.03 17.55
CA PRO B 26 -13.89 44.46 18.48
C PRO B 26 -14.18 45.73 19.24
N GLU B 27 -15.11 46.55 18.77
CA GLU B 27 -15.61 47.73 19.50
C GLU B 27 -16.20 47.42 20.84
N LEU B 28 -16.56 46.19 21.05
CA LEU B 28 -17.23 45.82 22.27
C LEU B 28 -16.26 45.83 23.46
N GLU B 29 -16.77 46.25 24.62
CA GLU B 29 -15.99 46.07 25.83
C GLU B 29 -16.43 44.74 26.35
N VAL B 30 -15.50 43.77 26.40
CA VAL B 30 -15.90 42.39 26.82
C VAL B 30 -15.29 42.03 28.13
N VAL B 31 -16.13 41.69 29.10
CA VAL B 31 -15.58 41.29 30.42
C VAL B 31 -16.31 40.07 31.02
N VAL B 32 -15.54 39.13 31.55
CA VAL B 32 -16.02 37.88 32.12
C VAL B 32 -15.74 37.87 33.63
N TYR B 33 -16.75 37.65 34.46
CA TYR B 33 -16.49 37.45 35.89
C TYR B 33 -16.66 35.99 36.20
N GLU B 34 -15.57 35.31 36.59
CA GLU B 34 -15.63 33.85 36.84
C GLU B 34 -15.47 33.62 38.29
N LYS B 35 -16.41 32.96 39.01
CA LYS B 35 -16.12 32.74 40.46
C LYS B 35 -15.03 31.72 40.95
N SER B 36 -14.77 30.72 40.13
CA SER B 36 -13.92 29.61 40.49
C SER B 36 -12.47 29.91 40.28
N GLY B 37 -12.08 31.11 39.96
CA GLY B 37 -10.63 31.10 39.70
C GLY B 37 -9.91 30.09 38.72
N TRP B 38 -10.65 29.25 38.01
CA TRP B 38 -10.18 28.87 36.65
C TRP B 38 -11.21 29.17 35.53
N VAL B 39 -10.71 29.44 34.33
CA VAL B 39 -11.59 29.88 33.26
C VAL B 39 -11.25 29.09 31.99
N SER B 40 -12.24 28.79 31.15
CA SER B 40 -11.95 28.17 29.88
C SER B 40 -11.16 26.84 29.92
N TYR B 41 -11.69 25.81 30.56
CA TYR B 41 -10.99 24.54 30.67
C TYR B 41 -11.97 23.40 30.43
N GLY B 42 -11.43 22.21 30.15
CA GLY B 42 -12.28 21.15 29.71
C GLY B 42 -12.73 20.28 30.84
N ALA B 43 -13.81 20.58 31.54
CA ALA B 43 -14.20 19.64 32.61
C ALA B 43 -14.28 18.18 32.17
N CYS B 44 -14.54 17.95 30.92
CA CYS B 44 -14.77 16.65 30.40
C CYS B 44 -13.51 15.86 30.47
N GLY B 45 -12.36 16.51 30.50
CA GLY B 45 -11.09 15.82 30.46
C GLY B 45 -10.67 15.43 31.88
N LEU B 46 -11.50 15.74 32.88
CA LEU B 46 -11.05 15.51 34.27
C LEU B 46 -10.76 14.04 34.53
N PRO B 47 -11.64 13.16 34.07
CA PRO B 47 -11.34 11.79 34.49
C PRO B 47 -10.07 11.35 33.83
N TYR B 48 -9.59 11.92 32.73
CA TYR B 48 -8.30 11.48 32.14
C TYR B 48 -7.05 12.00 32.89
N VAL B 49 -7.30 12.92 33.85
CA VAL B 49 -6.22 13.50 34.63
C VAL B 49 -6.14 12.68 35.92
N LEU B 50 -7.30 12.52 36.56
CA LEU B 50 -7.48 11.56 37.63
C LEU B 50 -6.77 10.22 37.42
N SER B 51 -7.06 9.57 36.29
CA SER B 51 -6.49 8.29 35.90
C SER B 51 -4.95 8.35 35.69
N GLY B 52 -4.39 9.56 35.54
CA GLY B 52 -2.98 9.63 35.33
C GLY B 52 -2.58 9.70 33.90
N GLU B 53 -3.46 9.36 32.94
CA GLU B 53 -3.05 9.46 31.52
C GLU B 53 -2.69 10.88 31.05
N ILE B 54 -3.35 11.88 31.62
CA ILE B 54 -2.91 13.24 31.42
C ILE B 54 -2.16 13.68 32.65
N PRO B 55 -0.86 13.95 32.46
CA PRO B 55 0.12 14.45 33.45
C PRO B 55 -0.39 15.54 34.37
N ARG B 56 -0.62 16.77 33.93
CA ARG B 56 -1.01 17.82 34.87
C ARG B 56 -2.41 18.43 34.53
N LEU B 57 -3.13 18.80 35.57
CA LEU B 57 -4.40 19.49 35.43
C LEU B 57 -4.41 20.77 34.49
N GLU B 58 -3.35 21.56 34.47
CA GLU B 58 -3.29 22.74 33.60
C GLU B 58 -3.41 22.32 32.14
N ARG B 59 -3.23 21.05 31.81
CA ARG B 59 -3.32 20.65 30.41
C ARG B 59 -4.76 20.78 29.78
N LEU B 60 -5.78 20.87 30.62
CA LEU B 60 -7.18 21.01 30.27
C LEU B 60 -7.68 22.48 29.86
N VAL B 61 -6.80 23.41 30.06
CA VAL B 61 -7.19 24.78 29.93
C VAL B 61 -7.00 25.10 28.43
N ALA B 62 -7.99 25.75 27.81
CA ALA B 62 -7.96 26.12 26.40
C ALA B 62 -7.34 27.50 26.20
N ARG B 63 -7.81 28.45 26.97
CA ARG B 63 -7.21 29.75 26.86
C ARG B 63 -6.94 30.24 28.27
N THR B 64 -5.77 30.83 28.51
CA THR B 64 -5.47 31.48 29.80
C THR B 64 -5.87 32.98 29.92
N PRO B 65 -5.97 33.47 31.14
CA PRO B 65 -6.56 34.80 31.21
C PRO B 65 -5.63 35.77 30.61
N GLU B 66 -4.37 35.41 30.66
CA GLU B 66 -3.42 36.18 29.88
C GLU B 66 -3.66 36.12 28.38
N GLU B 67 -3.97 34.97 27.82
CA GLU B 67 -4.14 34.97 26.36
C GLU B 67 -5.39 35.75 25.99
N PHE B 68 -6.41 35.58 26.82
CA PHE B 68 -7.63 36.32 26.61
C PHE B 68 -7.29 37.80 26.56
N ARG B 69 -6.58 38.28 27.58
CA ARG B 69 -6.21 39.69 27.67
C ARG B 69 -5.57 40.13 26.36
N LYS B 70 -4.63 39.35 25.84
CA LYS B 70 -4.01 39.69 24.54
C LYS B 70 -5.02 39.81 23.46
N GLN B 71 -6.17 39.16 23.61
CA GLN B 71 -7.15 39.19 22.51
C GLN B 71 -8.29 40.14 22.82
N GLY B 72 -8.09 40.98 23.84
CA GLY B 72 -8.98 42.08 24.11
C GLY B 72 -10.12 41.68 24.99
N VAL B 73 -9.98 40.52 25.65
CA VAL B 73 -11.00 40.13 26.61
C VAL B 73 -10.48 40.15 28.03
N LEU B 74 -11.23 40.85 28.90
CA LEU B 74 -10.85 40.92 30.29
C LEU B 74 -11.50 39.92 31.16
N VAL B 75 -10.74 38.93 31.63
CA VAL B 75 -11.36 37.96 32.55
C VAL B 75 -10.93 38.11 34.04
N HIS B 76 -11.87 38.17 34.93
CA HIS B 76 -11.54 38.13 36.34
C HIS B 76 -11.95 36.85 37.01
N THR B 77 -10.97 36.09 37.48
CA THR B 77 -11.28 34.92 38.34
C THR B 77 -11.50 35.21 39.82
N ARG B 78 -12.07 34.21 40.49
CA ARG B 78 -12.49 34.42 41.88
C ARG B 78 -13.25 35.76 41.98
N HIS B 79 -14.17 36.01 41.06
CA HIS B 79 -15.07 37.15 41.18
C HIS B 79 -16.54 36.73 41.20
N GLU B 80 -17.29 36.95 42.25
CA GLU B 80 -18.55 36.30 42.11
C GLU B 80 -19.53 37.42 41.86
N VAL B 81 -20.32 37.41 40.78
CA VAL B 81 -21.43 38.35 40.74
C VAL B 81 -22.60 37.93 41.60
N VAL B 82 -22.86 38.81 42.58
CA VAL B 82 -23.74 38.58 43.73
C VAL B 82 -25.15 39.15 43.56
N ASP B 83 -25.25 40.26 42.85
CA ASP B 83 -26.57 40.74 42.51
C ASP B 83 -26.55 41.52 41.22
N VAL B 84 -27.72 41.54 40.57
CA VAL B 84 -27.89 42.29 39.31
C VAL B 84 -29.15 43.18 39.42
N ASP B 85 -28.95 44.46 39.11
CA ASP B 85 -30.01 45.50 39.16
C ASP B 85 -30.64 45.59 37.81
N TYR B 86 -31.35 44.53 37.55
CA TYR B 86 -31.81 44.13 36.25
C TYR B 86 -32.51 45.19 35.48
N GLU B 87 -33.70 44.69 35.11
CA GLU B 87 -35.01 45.44 34.98
C GLU B 87 -36.28 45.13 36.02
N LEU B 88 -36.35 45.84 37.19
CA LEU B 88 -35.38 46.87 37.70
C LEU B 88 -34.83 47.91 36.65
N ARG B 89 -33.50 48.02 36.49
CA ARG B 89 -32.91 48.85 35.45
C ARG B 89 -31.55 49.15 35.86
N THR B 90 -30.61 48.50 35.14
CA THR B 90 -29.14 48.67 35.31
C THR B 90 -28.87 49.95 36.22
N LEU B 91 -27.85 50.11 37.15
CA LEU B 91 -26.42 49.59 37.34
C LEU B 91 -26.31 48.17 36.94
N THR B 92 -26.24 47.45 38.06
CA THR B 92 -26.67 46.07 38.27
C THR B 92 -25.46 45.34 38.84
N VAL B 93 -24.55 44.86 38.02
CA VAL B 93 -23.64 44.02 38.68
C VAL B 93 -23.01 44.69 39.96
N HIS B 94 -23.17 44.02 41.12
CA HIS B 94 -22.30 44.13 42.32
C HIS B 94 -21.67 42.75 42.25
N ASP B 95 -20.38 42.74 42.06
CA ASP B 95 -19.67 41.52 42.35
C ASP B 95 -18.52 41.58 43.44
N HIS B 96 -17.90 40.45 43.81
CA HIS B 96 -16.99 40.38 44.93
C HIS B 96 -15.54 39.84 44.59
N ALA B 97 -14.42 40.65 44.72
CA ALA B 97 -12.96 40.14 44.47
C ALA B 97 -12.37 39.45 45.64
N GLU B 98 -11.04 39.62 45.71
CA GLU B 98 -10.16 39.36 46.93
C GLU B 98 -9.77 40.65 47.73
N GLY B 99 -10.44 40.72 48.88
CA GLY B 99 -10.74 41.94 49.57
C GLY B 99 -12.20 42.33 49.34
N ARG B 100 -12.33 43.10 48.24
CA ARG B 100 -13.43 44.05 48.08
C ARG B 100 -14.75 43.53 47.51
N THR B 101 -15.68 44.44 47.44
CA THR B 101 -16.79 44.28 46.52
C THR B 101 -17.11 45.58 45.69
N PHE B 102 -17.88 45.47 44.62
CA PHE B 102 -18.01 46.63 43.70
C PHE B 102 -19.09 46.60 42.57
N GLN B 103 -19.28 47.74 41.90
CA GLN B 103 -20.38 47.85 40.93
C GLN B 103 -19.81 47.82 39.57
N ASP B 104 -20.65 47.42 38.63
CA ASP B 104 -20.32 47.55 37.23
C ASP B 104 -21.57 47.58 36.45
N ARG B 105 -21.55 48.15 35.25
CA ARG B 105 -22.75 48.22 34.40
C ARG B 105 -22.59 47.31 33.20
N PHE B 106 -23.71 47.00 32.57
CA PHE B 106 -23.68 46.21 31.38
C PHE B 106 -24.72 46.75 30.38
N ASP B 107 -24.45 46.45 29.11
CA ASP B 107 -25.42 46.69 28.04
C ASP B 107 -25.91 45.36 27.53
N HIS B 108 -25.05 44.37 27.55
CA HIS B 108 -25.47 43.07 27.19
C HIS B 108 -25.00 42.23 28.31
N LEU B 109 -25.86 41.36 28.85
CA LEU B 109 -25.46 40.42 29.92
C LEU B 109 -25.59 38.97 29.43
N VAL B 110 -24.51 38.16 29.51
CA VAL B 110 -24.61 36.71 29.26
C VAL B 110 -24.52 35.93 30.57
N LEU B 111 -25.64 35.34 31.00
CA LEU B 111 -25.70 34.46 32.15
C LEU B 111 -25.23 33.07 31.77
N ALA B 112 -24.06 32.70 32.28
CA ALA B 112 -23.41 31.44 31.96
C ALA B 112 -22.87 30.83 33.23
N THR B 113 -23.77 30.71 34.19
CA THR B 113 -23.41 30.21 35.48
C THR B 113 -23.36 28.68 35.69
N GLY B 114 -23.70 27.91 34.67
CA GLY B 114 -23.46 26.49 34.73
C GLY B 114 -24.33 25.66 35.66
N ALA B 115 -23.76 24.59 36.14
CA ALA B 115 -24.56 23.70 36.98
C ALA B 115 -23.72 23.03 38.07
N ARG B 116 -24.40 22.72 39.13
CA ARG B 116 -23.77 22.17 40.29
C ARG B 116 -24.30 20.74 40.51
N PRO B 117 -23.51 19.94 41.22
CA PRO B 117 -23.89 18.55 41.52
C PRO B 117 -25.07 18.57 42.46
N SER B 118 -26.01 17.68 42.18
CA SER B 118 -27.20 17.45 42.96
C SER B 118 -27.02 16.27 43.90
N LEU B 119 -26.73 16.54 45.17
CA LEU B 119 -26.44 15.49 46.19
C LEU B 119 -27.67 14.96 46.83
N PRO B 120 -27.65 13.67 47.14
CA PRO B 120 -28.86 13.07 47.68
C PRO B 120 -28.70 13.27 49.19
N PRO B 121 -29.82 13.32 49.85
CA PRO B 121 -29.97 13.60 51.28
C PRO B 121 -29.54 12.35 52.07
N ILE B 122 -28.25 12.31 52.39
CA ILE B 122 -27.69 11.12 53.05
C ILE B 122 -26.78 11.56 54.17
N PRO B 123 -27.13 11.16 55.42
CA PRO B 123 -26.30 11.52 56.58
C PRO B 123 -24.85 11.03 56.36
N GLY B 124 -23.88 11.92 56.54
CA GLY B 124 -22.49 11.46 56.46
C GLY B 124 -21.81 12.09 55.27
N THR B 125 -22.55 12.84 54.47
CA THR B 125 -22.09 13.32 53.18
C THR B 125 -21.06 14.33 53.41
N GLU B 126 -21.19 14.92 54.58
CA GLU B 126 -20.41 16.11 54.95
C GLU B 126 -18.95 15.83 55.33
N GLN B 127 -18.60 14.54 55.42
CA GLN B 127 -17.32 14.09 55.99
C GLN B 127 -16.21 14.22 55.04
N GLU B 128 -15.09 13.65 55.44
CA GLU B 128 -13.82 13.95 54.85
C GLU B 128 -13.37 13.30 53.50
N GLY B 129 -13.60 12.02 53.29
CA GLY B 129 -13.23 11.49 51.98
C GLY B 129 -14.42 11.35 51.03
N VAL B 130 -15.40 12.25 51.18
CA VAL B 130 -16.52 12.25 50.24
C VAL B 130 -16.23 13.35 49.22
N TYR B 131 -16.43 13.03 47.95
CA TYR B 131 -16.13 13.92 46.85
C TYR B 131 -17.18 13.99 45.73
N THR B 132 -16.92 14.95 44.84
CA THR B 132 -17.81 15.37 43.78
C THR B 132 -16.92 15.72 42.64
N LEU B 133 -17.39 15.52 41.41
CA LEU B 133 -16.47 15.77 40.27
C LEU B 133 -17.05 16.77 39.29
N ARG B 134 -16.80 18.07 39.48
CA ARG B 134 -17.44 18.98 38.57
C ARG B 134 -16.50 20.10 38.08
N THR B 135 -15.52 20.43 38.92
CA THR B 135 -14.67 21.62 38.66
C THR B 135 -13.18 21.36 38.75
N MET B 136 -12.34 22.33 38.37
CA MET B 136 -10.89 22.05 38.50
C MET B 136 -10.46 21.85 39.94
N GLU B 137 -11.21 22.45 40.85
CA GLU B 137 -10.91 22.35 42.30
C GLU B 137 -11.25 20.94 42.74
N ASP B 138 -12.43 20.41 42.39
CA ASP B 138 -12.72 18.99 42.67
C ASP B 138 -11.58 18.08 42.09
N GLY B 139 -11.02 18.50 40.97
CA GLY B 139 -9.93 17.77 40.38
C GLY B 139 -8.73 17.75 41.31
N GLU B 140 -8.32 18.93 41.77
CA GLU B 140 -7.22 19.01 42.72
C GLU B 140 -7.50 18.15 43.95
N ARG B 141 -8.66 18.34 44.60
CA ARG B 141 -8.99 17.56 45.79
C ARG B 141 -8.78 16.05 45.58
N LEU B 142 -9.53 15.46 44.65
CA LEU B 142 -9.43 14.08 44.34
C LEU B 142 -7.98 13.67 43.99
N LEU B 143 -7.24 14.50 43.25
CA LEU B 143 -5.92 14.12 42.78
C LEU B 143 -4.94 13.90 43.98
N LYS B 144 -5.08 14.76 45.00
CA LYS B 144 -4.43 14.70 46.33
C LYS B 144 -4.76 13.39 47.09
N ALA B 145 -6.03 13.03 47.18
CA ALA B 145 -6.48 11.73 47.82
C ALA B 145 -6.02 10.45 47.17
N LEU B 146 -6.06 10.49 45.85
CA LEU B 146 -5.93 9.31 45.03
C LEU B 146 -4.69 8.49 45.34
N PRO B 147 -3.48 9.08 45.29
CA PRO B 147 -2.35 8.18 45.62
C PRO B 147 -2.46 7.94 47.12
N GLN B 148 -2.28 6.75 47.63
CA GLN B 148 -2.85 6.42 48.96
C GLN B 148 -4.24 5.85 48.79
N ALA B 149 -4.36 4.87 47.89
CA ALA B 149 -5.64 4.20 47.54
C ALA B 149 -6.80 4.59 48.45
N ARG B 150 -7.59 3.63 48.97
CA ARG B 150 -7.48 2.20 48.71
C ARG B 150 -8.78 1.54 48.16
N ARG B 151 -9.90 1.89 48.75
CA ARG B 151 -11.16 1.23 48.42
C ARG B 151 -12.11 2.40 48.02
N ALA B 152 -12.67 2.43 46.79
CA ALA B 152 -13.56 3.55 46.44
C ALA B 152 -15.02 3.08 46.24
N ALA B 153 -15.96 3.96 46.59
CA ALA B 153 -17.36 3.63 46.28
C ALA B 153 -17.88 4.80 45.46
N ILE B 154 -18.53 4.53 44.34
CA ILE B 154 -19.06 5.58 43.53
C ILE B 154 -20.57 5.39 43.59
N LEU B 155 -21.26 6.41 44.13
CA LEU B 155 -22.71 6.42 43.95
C LEU B 155 -23.13 6.96 42.58
N GLY B 156 -23.84 6.18 41.77
CA GLY B 156 -24.40 6.65 40.50
C GLY B 156 -23.71 6.03 39.27
N ALA B 157 -24.48 5.35 38.43
CA ALA B 157 -23.81 4.82 37.27
C ALA B 157 -24.17 5.50 35.95
N GLY B 158 -24.11 6.83 35.90
CA GLY B 158 -24.25 7.60 34.68
C GLY B 158 -22.89 7.93 34.08
N TYR B 159 -22.81 9.06 33.41
CA TYR B 159 -21.61 9.43 32.70
C TYR B 159 -20.47 9.66 33.68
N ILE B 160 -20.56 10.65 34.58
CA ILE B 160 -19.41 10.85 35.48
C ILE B 160 -19.51 9.60 36.33
N GLY B 161 -18.43 8.90 36.58
CA GLY B 161 -18.93 7.73 37.32
C GLY B 161 -18.83 6.38 36.68
N LEU B 162 -19.53 6.12 35.61
CA LEU B 162 -18.91 5.15 34.71
C LEU B 162 -17.57 5.69 34.36
N GLU B 163 -17.43 6.95 33.99
CA GLU B 163 -16.09 7.45 33.60
C GLU B 163 -15.11 7.43 34.78
N ALA B 164 -15.64 7.71 35.97
CA ALA B 164 -14.80 7.77 37.16
C ALA B 164 -14.25 6.38 37.54
N ALA B 165 -15.10 5.37 37.41
CA ALA B 165 -14.74 4.02 37.76
C ALA B 165 -13.54 3.59 36.95
N GLU B 166 -13.54 3.83 35.64
CA GLU B 166 -12.33 3.55 34.87
C GLU B 166 -11.11 4.32 35.47
N ALA B 167 -11.31 5.57 35.90
CA ALA B 167 -10.13 6.35 36.30
C ALA B 167 -9.56 5.77 37.52
N PHE B 168 -10.39 5.61 38.56
CA PHE B 168 -10.02 4.94 39.80
C PHE B 168 -9.34 3.56 39.62
N ARG B 169 -9.95 2.66 38.83
CA ARG B 169 -9.24 1.39 38.58
C ARG B 169 -7.84 1.60 38.08
N LYS B 170 -7.67 2.45 37.07
CA LYS B 170 -6.36 2.68 36.45
C LYS B 170 -5.41 3.25 37.46
N ARG B 171 -5.93 3.80 38.55
CA ARG B 171 -5.10 4.31 39.64
C ARG B 171 -4.85 3.25 40.79
N GLY B 172 -5.20 2.01 40.51
CA GLY B 172 -5.08 1.03 41.55
C GLY B 172 -6.20 0.77 42.50
N LEU B 173 -7.08 1.74 42.84
CA LEU B 173 -8.12 1.49 43.88
C LEU B 173 -9.07 0.37 43.54
N GLN B 174 -9.73 -0.20 44.54
CA GLN B 174 -10.66 -1.23 44.17
C GLN B 174 -11.96 -0.48 44.18
N VAL B 175 -12.80 -0.76 43.19
CA VAL B 175 -13.92 0.11 43.08
C VAL B 175 -15.24 -0.60 42.97
N THR B 176 -16.18 -0.15 43.79
CA THR B 176 -17.47 -0.75 43.72
C THR B 176 -18.50 0.40 43.36
N LEU B 177 -19.37 0.15 42.37
CA LEU B 177 -20.33 1.12 41.85
C LEU B 177 -21.71 0.88 42.39
N LEU B 178 -22.31 1.89 43.02
CA LEU B 178 -23.64 1.67 43.63
C LEU B 178 -24.67 2.49 42.83
N GLU B 179 -25.56 1.78 42.16
CA GLU B 179 -26.60 2.51 41.46
C GLU B 179 -28.00 2.24 42.05
N ALA B 180 -28.81 3.27 42.09
CA ALA B 180 -30.11 3.14 42.64
C ALA B 180 -31.06 2.45 41.68
N LYS B 181 -30.95 2.67 40.37
CA LYS B 181 -31.82 1.91 39.46
C LYS B 181 -31.20 0.53 39.14
N ASP B 182 -31.81 -0.21 38.22
CA ASP B 182 -31.46 -1.58 38.06
C ASP B 182 -30.40 -1.86 37.04
N ARG B 183 -29.80 -0.86 36.42
CA ARG B 183 -28.70 -1.24 35.50
C ARG B 183 -27.82 -0.10 35.48
N PRO B 184 -26.61 -0.25 34.95
CA PRO B 184 -25.82 0.97 34.73
C PRO B 184 -26.47 1.74 33.55
N LEU B 185 -26.22 3.06 33.48
CA LEU B 185 -26.76 3.93 32.44
C LEU B 185 -28.22 3.59 32.23
N PRO B 186 -29.00 3.70 33.33
CA PRO B 186 -30.43 3.46 33.56
C PRO B 186 -31.22 4.28 32.63
N HIS B 187 -30.61 5.38 32.23
CA HIS B 187 -31.31 6.31 31.37
C HIS B 187 -31.53 5.85 29.95
N TRP B 188 -30.94 4.74 29.56
CA TRP B 188 -31.12 4.25 28.23
C TRP B 188 -31.65 2.85 28.30
N ASP B 189 -32.19 2.37 27.20
CA ASP B 189 -32.64 1.02 27.09
C ASP B 189 -31.64 -0.03 27.61
N PRO B 190 -32.12 -1.23 27.90
CA PRO B 190 -31.21 -1.87 28.84
C PRO B 190 -30.14 -2.80 28.20
N GLU B 191 -30.27 -3.05 26.90
CA GLU B 191 -29.22 -3.76 26.17
C GLU B 191 -27.88 -3.09 26.39
N VAL B 192 -27.84 -1.76 26.41
CA VAL B 192 -26.59 -1.05 26.54
C VAL B 192 -26.10 -1.18 27.97
N GLY B 193 -27.04 -1.00 28.91
CA GLY B 193 -26.70 -1.13 30.31
C GLY B 193 -26.03 -2.49 30.62
N ALA B 194 -26.62 -3.57 30.07
CA ALA B 194 -26.00 -4.89 30.07
C ALA B 194 -24.51 -4.89 29.58
N LEU B 195 -24.27 -4.38 28.36
CA LEU B 195 -22.93 -4.49 27.79
C LEU B 195 -21.93 -3.79 28.74
N LEU B 196 -22.42 -2.74 29.37
CA LEU B 196 -21.63 -1.93 30.24
C LEU B 196 -21.31 -2.65 31.56
N LYS B 197 -22.28 -3.43 32.05
CA LYS B 197 -22.06 -4.18 33.31
C LYS B 197 -21.02 -5.19 33.06
N GLU B 198 -21.16 -5.86 31.92
CA GLU B 198 -20.16 -6.82 31.54
C GLU B 198 -18.76 -6.17 31.46
N GLU B 199 -18.61 -5.06 30.77
CA GLU B 199 -17.25 -4.46 30.73
C GLU B 199 -16.70 -4.01 32.07
N LEU B 200 -17.59 -3.49 32.92
CA LEU B 200 -17.13 -3.01 34.17
C LEU B 200 -16.68 -4.21 34.97
N GLU B 201 -17.42 -5.30 34.85
CA GLU B 201 -17.03 -6.43 35.68
C GLU B 201 -15.71 -7.04 35.13
N ARG B 202 -15.69 -7.30 33.83
CA ARG B 202 -14.46 -7.65 33.18
C ARG B 202 -13.25 -6.84 33.68
N HIS B 203 -13.45 -5.68 34.28
CA HIS B 203 -12.28 -4.88 34.62
C HIS B 203 -12.12 -4.75 36.09
N GLY B 204 -12.87 -5.56 36.79
CA GLY B 204 -12.64 -5.60 38.22
C GLY B 204 -13.49 -4.68 39.02
N VAL B 205 -14.52 -4.15 38.42
CA VAL B 205 -15.32 -3.18 39.16
C VAL B 205 -16.55 -3.91 39.63
N GLU B 206 -17.00 -3.67 40.84
CA GLU B 206 -18.16 -4.45 41.29
C GLU B 206 -19.37 -3.64 41.14
N VAL B 207 -20.45 -4.12 40.54
CA VAL B 207 -21.52 -3.17 40.33
C VAL B 207 -22.75 -3.63 41.07
N TRP B 208 -23.10 -2.93 42.16
CA TRP B 208 -24.37 -3.11 42.91
C TRP B 208 -25.57 -2.38 42.21
N THR B 209 -26.65 -3.05 42.02
CA THR B 209 -27.77 -2.41 41.39
C THR B 209 -28.87 -2.28 42.39
N GLY B 210 -29.92 -1.53 42.10
CA GLY B 210 -31.02 -1.42 43.07
C GLY B 210 -30.66 -1.18 44.58
N VAL B 211 -29.75 -0.25 44.83
CA VAL B 211 -29.12 -0.09 46.11
C VAL B 211 -29.70 1.10 46.77
N LYS B 212 -30.04 0.98 48.04
CA LYS B 212 -30.58 2.13 48.76
C LYS B 212 -29.50 2.61 49.67
N VAL B 213 -28.63 3.50 49.20
CA VAL B 213 -27.56 3.94 50.09
C VAL B 213 -28.09 4.70 51.29
N GLU B 214 -27.81 4.19 52.51
CA GLU B 214 -28.46 4.70 53.75
C GLU B 214 -27.63 5.68 54.55
N ALA B 215 -26.30 5.49 54.60
CA ALA B 215 -25.48 6.57 55.19
C ALA B 215 -24.01 6.25 55.17
N PHE B 216 -23.18 7.28 55.35
CA PHE B 216 -21.72 7.21 55.11
C PHE B 216 -21.06 7.15 56.45
N ARG B 217 -20.52 6.00 56.79
CA ARG B 217 -20.16 5.82 58.20
C ARG B 217 -18.81 6.47 58.54
N GLY B 218 -18.77 7.13 59.67
CA GLY B 218 -17.49 7.59 60.16
C GLY B 218 -17.70 8.67 61.19
N MET B 219 -16.57 9.17 61.67
CA MET B 219 -16.60 10.19 62.71
C MET B 219 -16.11 11.47 62.05
N GLY B 220 -16.56 11.71 60.83
CA GLY B 220 -16.10 12.86 60.04
C GLY B 220 -14.97 12.45 59.10
N ARG B 221 -14.81 11.14 58.87
CA ARG B 221 -13.78 10.68 57.92
C ARG B 221 -14.32 9.85 56.79
N VAL B 222 -15.19 8.90 57.15
CA VAL B 222 -15.76 7.99 56.16
C VAL B 222 -14.82 6.86 55.95
N GLU B 223 -15.46 5.71 56.12
CA GLU B 223 -14.75 4.49 55.99
C GLU B 223 -15.79 3.54 55.49
N ALA B 224 -17.06 3.96 55.41
CA ALA B 224 -17.99 2.89 55.04
C ALA B 224 -19.10 2.97 53.96
N VAL B 225 -20.22 3.66 54.18
CA VAL B 225 -21.33 3.46 53.21
C VAL B 225 -22.07 2.19 53.54
N GLU B 226 -23.17 2.43 54.25
CA GLU B 226 -24.08 1.45 54.73
C GLU B 226 -25.21 1.48 53.73
N THR B 227 -25.54 0.33 53.19
CA THR B 227 -26.67 0.27 52.27
C THR B 227 -27.71 -0.78 52.67
N SER B 228 -28.96 -0.62 52.24
CA SER B 228 -29.94 -1.73 52.23
C SER B 228 -29.38 -3.16 51.85
N GLU B 229 -28.26 -3.19 51.14
CA GLU B 229 -27.80 -4.47 50.59
C GLU B 229 -26.56 -4.96 51.32
N GLY B 230 -26.22 -4.33 52.43
CA GLY B 230 -24.97 -4.68 53.05
C GLY B 230 -24.10 -3.47 53.26
N VAL B 231 -22.81 -3.70 53.50
CA VAL B 231 -21.99 -2.57 53.86
C VAL B 231 -20.76 -2.54 53.05
N VAL B 232 -20.59 -1.47 52.29
CA VAL B 232 -19.39 -1.40 51.47
C VAL B 232 -18.33 -0.66 52.20
N PRO B 233 -17.18 -1.29 52.41
CA PRO B 233 -16.15 -0.42 53.03
C PRO B 233 -15.46 0.42 51.98
N ALA B 234 -15.10 1.64 52.36
CA ALA B 234 -14.59 2.64 51.42
C ALA B 234 -13.87 3.86 52.12
N ASP B 235 -12.66 4.18 51.72
CA ASP B 235 -12.04 5.38 52.27
C ASP B 235 -12.08 6.60 51.33
N LEU B 236 -12.71 6.42 50.15
CA LEU B 236 -12.98 7.51 49.23
C LEU B 236 -14.31 7.18 48.55
N VAL B 237 -15.24 8.10 48.74
CA VAL B 237 -16.50 7.94 48.00
C VAL B 237 -16.76 9.16 47.13
N LEU B 238 -17.12 8.92 45.85
CA LEU B 238 -17.49 9.92 44.81
C LEU B 238 -19.00 9.89 44.61
N LEU B 239 -19.59 11.06 44.82
CA LEU B 239 -21.01 11.26 44.60
C LEU B 239 -21.23 11.68 43.12
N ALA B 240 -21.88 10.80 42.36
CA ALA B 240 -21.99 11.03 40.89
C ALA B 240 -23.44 10.79 40.52
N THR B 241 -24.26 11.64 41.12
CA THR B 241 -25.67 11.47 41.23
C THR B 241 -26.48 12.53 40.48
N GLY B 242 -25.84 13.25 39.56
CA GLY B 242 -26.59 14.13 38.67
C GLY B 242 -26.26 15.56 38.93
N ILE B 243 -26.70 16.44 38.02
CA ILE B 243 -26.42 17.87 38.22
C ILE B 243 -27.74 18.59 38.15
N ARG B 244 -27.76 19.83 38.62
CA ARG B 244 -28.92 20.67 38.40
C ARG B 244 -28.34 22.08 37.97
N PRO B 245 -29.09 22.85 37.18
CA PRO B 245 -28.56 24.19 36.77
C PRO B 245 -28.49 25.18 37.93
N ASN B 246 -27.51 26.06 37.83
CA ASN B 246 -27.38 27.27 38.67
C ASN B 246 -28.19 28.48 38.28
N THR B 247 -29.49 28.40 38.55
CA THR B 247 -30.39 29.44 38.11
C THR B 247 -30.65 30.49 39.23
N GLU B 248 -29.84 30.47 40.27
CA GLU B 248 -30.22 31.21 41.45
C GLU B 248 -30.10 32.74 41.21
N LEU B 249 -28.94 33.17 40.74
CA LEU B 249 -28.80 34.58 40.47
C LEU B 249 -29.80 35.06 39.41
N ALA B 250 -30.07 34.23 38.40
CA ALA B 250 -30.94 34.63 37.33
C ALA B 250 -32.33 34.84 37.88
N GLN B 251 -32.73 34.07 38.88
CA GLN B 251 -34.14 34.20 39.33
C GLN B 251 -34.30 35.51 40.10
N ALA B 252 -33.25 35.82 40.87
CA ALA B 252 -33.17 37.07 41.60
C ALA B 252 -33.46 38.19 40.66
N MET B 253 -32.89 38.15 39.47
CA MET B 253 -33.05 39.29 38.59
C MET B 253 -34.29 39.22 37.75
N GLY B 254 -35.12 38.23 38.00
CA GLY B 254 -36.34 38.06 37.23
C GLY B 254 -36.27 37.49 35.81
N VAL B 255 -35.27 36.64 35.55
CA VAL B 255 -35.19 35.87 34.33
C VAL B 255 -36.07 34.66 34.49
N ALA B 256 -36.83 34.34 33.46
CA ALA B 256 -37.75 33.19 33.43
C ALA B 256 -37.13 31.82 33.26
N LEU B 257 -37.68 30.86 34.00
CA LEU B 257 -37.16 29.50 33.94
C LEU B 257 -38.16 28.77 33.10
N GLY B 258 -37.69 27.78 32.36
CA GLY B 258 -38.59 27.09 31.44
C GLY B 258 -38.95 25.87 32.23
N PRO B 259 -39.70 24.98 31.57
CA PRO B 259 -40.33 23.86 32.36
C PRO B 259 -39.32 22.89 32.95
N THR B 260 -38.11 22.82 32.40
CA THR B 260 -37.10 21.89 32.87
C THR B 260 -36.42 22.41 34.09
N GLY B 261 -36.50 23.71 34.34
CA GLY B 261 -35.80 24.28 35.48
C GLY B 261 -34.59 25.06 35.14
N ALA B 262 -34.14 24.89 33.90
CA ALA B 262 -33.06 25.69 33.38
C ALA B 262 -33.64 27.02 32.79
N ILE B 263 -32.77 27.99 32.52
CA ILE B 263 -33.26 29.26 32.01
C ILE B 263 -33.81 29.08 30.63
N ALA B 264 -34.95 29.70 30.34
CA ALA B 264 -35.58 29.55 29.02
C ALA B 264 -34.88 30.41 27.98
N THR B 265 -34.81 29.98 26.72
CA THR B 265 -34.22 30.87 25.71
C THR B 265 -34.92 30.80 24.35
N ASP B 266 -34.63 31.71 23.42
CA ASP B 266 -35.09 31.55 22.04
C ASP B 266 -33.96 31.10 21.07
N GLU B 267 -34.18 31.15 19.75
CA GLU B 267 -33.15 30.71 18.85
C GLU B 267 -31.99 31.65 18.90
N ARG B 268 -32.13 32.75 19.65
CA ARG B 268 -31.10 33.78 19.71
C ARG B 268 -30.36 33.81 20.99
N MET B 269 -30.73 32.83 21.83
CA MET B 269 -30.20 32.65 23.17
C MET B 269 -30.67 33.78 24.08
N ARG B 270 -31.74 34.44 23.69
CA ARG B 270 -32.22 35.56 24.50
C ARG B 270 -33.22 35.11 25.63
N THR B 271 -33.08 35.73 26.80
CA THR B 271 -34.01 35.41 27.87
C THR B 271 -35.25 36.28 27.73
N ASN B 272 -36.14 36.20 28.70
CA ASN B 272 -37.29 37.09 28.76
C ASN B 272 -36.96 38.59 28.95
N LEU B 273 -35.79 38.94 29.49
CA LEU B 273 -35.31 40.34 29.55
C LEU B 273 -34.53 40.85 28.31
N GLU B 274 -34.79 42.11 27.90
CA GLU B 274 -34.09 42.67 26.74
C GLU B 274 -32.75 42.75 27.31
N GLY B 275 -31.72 42.37 26.54
CA GLY B 275 -30.32 42.57 26.90
C GLY B 275 -29.59 41.41 27.58
N VAL B 276 -30.41 40.51 28.13
CA VAL B 276 -29.99 39.34 28.86
C VAL B 276 -30.11 38.02 28.02
N TYR B 277 -28.94 37.45 27.76
CA TYR B 277 -28.79 36.12 27.20
C TYR B 277 -28.44 34.95 28.18
N ALA B 278 -28.72 33.73 27.84
CA ALA B 278 -28.19 32.63 28.65
C ALA B 278 -27.48 31.57 27.78
N ALA B 279 -26.38 30.99 28.25
CA ALA B 279 -25.57 30.00 27.54
C ALA B 279 -25.00 28.83 28.39
N GLY B 280 -25.11 27.61 27.89
CA GLY B 280 -24.37 26.51 28.53
C GLY B 280 -25.23 25.68 29.46
N ASP B 281 -24.72 25.31 30.61
CA ASP B 281 -25.41 24.24 31.32
C ASP B 281 -26.56 24.79 32.10
N VAL B 282 -26.66 26.10 32.11
CA VAL B 282 -27.75 26.77 32.80
C VAL B 282 -29.02 26.92 31.92
N ALA B 283 -28.89 26.58 30.63
CA ALA B 283 -29.89 27.02 29.66
C ALA B 283 -30.60 25.87 29.00
N GLU B 284 -31.88 26.04 28.68
CA GLU B 284 -32.65 25.02 28.02
C GLU B 284 -32.33 25.05 26.54
N SER B 285 -32.43 23.94 25.81
CA SER B 285 -32.36 23.96 24.36
C SER B 285 -33.63 23.37 23.82
N PHE B 286 -34.01 23.70 22.60
CA PHE B 286 -35.17 23.05 21.98
C PHE B 286 -34.82 21.68 21.45
N HIS B 287 -35.59 20.67 21.85
CA HIS B 287 -35.36 19.27 21.38
C HIS B 287 -36.16 19.06 20.09
N ARG B 288 -35.48 18.62 19.02
CA ARG B 288 -36.12 18.52 17.70
C ARG B 288 -36.99 17.27 17.53
N VAL B 289 -36.80 16.25 18.35
CA VAL B 289 -37.63 15.06 18.23
C VAL B 289 -38.84 15.29 19.09
N LEU B 290 -38.60 15.77 20.33
CA LEU B 290 -39.73 16.00 21.22
C LEU B 290 -40.54 17.26 20.92
N LYS B 291 -39.98 18.11 20.08
CA LYS B 291 -40.56 19.43 19.77
C LYS B 291 -40.99 20.23 21.02
N ARG B 292 -40.09 20.33 21.99
CA ARG B 292 -40.23 21.21 23.16
C ARG B 292 -38.90 21.44 23.81
N PRO B 293 -38.89 22.30 24.81
CA PRO B 293 -37.66 22.66 25.49
C PRO B 293 -37.18 21.52 26.34
N TYR B 294 -35.88 21.44 26.53
CA TYR B 294 -35.32 20.23 27.04
C TYR B 294 -33.97 20.68 27.60
N TRP B 295 -33.32 19.90 28.48
CA TRP B 295 -32.10 20.33 29.15
C TRP B 295 -30.96 19.44 28.74
N LEU B 296 -30.01 19.91 27.98
CA LEU B 296 -29.04 18.99 27.51
C LEU B 296 -27.67 19.52 27.84
N PRO B 297 -27.19 19.37 29.09
CA PRO B 297 -25.89 19.90 29.53
C PRO B 297 -24.65 19.21 29.04
N LEU B 298 -24.35 19.29 27.76
CA LEU B 298 -23.10 18.81 27.21
C LEU B 298 -22.28 19.99 26.80
N GLY B 299 -20.98 19.76 26.63
CA GLY B 299 -20.01 20.80 26.32
C GLY B 299 -20.05 21.27 24.88
N ASP B 300 -20.39 20.40 23.95
CA ASP B 300 -20.60 20.92 22.63
C ASP B 300 -21.82 21.84 22.56
N VAL B 301 -22.91 21.49 23.27
CA VAL B 301 -24.03 22.37 23.26
C VAL B 301 -23.76 23.61 24.04
N ALA B 302 -22.94 23.55 25.05
CA ALA B 302 -22.56 24.83 25.64
C ALA B 302 -21.73 25.77 24.72
N ASN B 303 -20.82 25.22 23.87
CA ASN B 303 -20.11 26.05 22.92
C ASN B 303 -20.99 26.63 21.87
N LYS B 304 -22.00 25.90 21.46
CA LYS B 304 -22.92 26.39 20.45
C LYS B 304 -23.77 27.51 21.03
N HIS B 305 -24.31 27.35 22.24
CA HIS B 305 -24.96 28.48 22.93
C HIS B 305 -24.06 29.72 22.93
N GLY B 306 -22.86 29.56 23.46
CA GLY B 306 -21.89 30.63 23.57
C GLY B 306 -21.75 31.32 22.25
N ARG B 307 -21.34 30.59 21.25
CA ARG B 307 -21.04 31.20 20.00
C ARG B 307 -22.22 31.98 19.42
N THR B 308 -23.45 31.53 19.67
CA THR B 308 -24.64 32.20 19.16
C THR B 308 -24.90 33.50 19.90
N ALA B 309 -24.91 33.46 21.22
CA ALA B 309 -25.09 34.68 21.99
C ALA B 309 -24.07 35.71 21.63
N GLY B 310 -22.82 35.31 21.63
CA GLY B 310 -21.75 36.17 21.20
C GLY B 310 -21.95 36.74 19.83
N SER B 311 -22.17 35.93 18.81
CA SER B 311 -22.46 36.44 17.48
C SER B 311 -23.62 37.46 17.44
N VAL B 312 -24.69 37.16 18.18
CA VAL B 312 -25.90 37.95 18.10
C VAL B 312 -25.65 39.32 18.62
N ILE B 313 -24.97 39.37 19.79
CA ILE B 313 -24.49 40.58 20.45
C ILE B 313 -23.60 41.44 19.57
N ALA B 314 -22.72 40.81 18.80
CA ALA B 314 -21.78 41.60 18.02
C ALA B 314 -22.48 42.04 16.77
N GLY B 315 -23.77 41.73 16.71
CA GLY B 315 -24.62 42.12 15.61
C GLY B 315 -24.49 41.34 14.35
N ARG B 316 -23.84 40.16 14.36
CA ARG B 316 -24.02 39.19 13.32
C ARG B 316 -25.31 38.39 13.43
N GLU B 317 -25.84 37.93 12.31
CA GLU B 317 -27.08 37.14 12.31
C GLU B 317 -26.72 35.74 12.59
N ALA B 318 -27.26 35.13 13.64
CA ALA B 318 -26.92 33.81 14.05
C ALA B 318 -28.10 33.30 14.86
N ARG B 319 -28.40 32.02 14.70
CA ARG B 319 -29.45 31.34 15.42
C ARG B 319 -29.04 29.93 15.80
N PHE B 320 -29.54 29.49 16.94
CA PHE B 320 -29.33 28.14 17.41
C PHE B 320 -30.61 27.36 17.28
N LEU B 321 -30.55 26.30 16.49
CA LEU B 321 -31.80 25.65 16.04
C LEU B 321 -32.23 24.36 16.77
N GLY B 322 -31.61 24.05 17.91
CA GLY B 322 -31.93 22.87 18.67
C GLY B 322 -30.91 21.73 18.73
N VAL B 323 -31.29 20.75 19.53
CA VAL B 323 -30.55 19.54 19.67
C VAL B 323 -31.49 18.32 19.55
N VAL B 324 -30.86 17.17 19.45
CA VAL B 324 -31.53 15.96 19.27
C VAL B 324 -31.10 14.98 20.38
N GLY B 325 -30.07 15.31 21.16
CA GLY B 325 -29.63 14.48 22.27
C GLY B 325 -28.37 13.60 22.02
N THR B 326 -27.58 13.85 21.00
CA THR B 326 -26.46 12.97 20.76
C THR B 326 -25.50 13.02 21.94
N ALA B 327 -25.13 11.85 22.48
CA ALA B 327 -24.04 11.74 23.47
C ALA B 327 -23.09 10.56 23.22
N ILE B 328 -21.81 10.76 23.52
CA ILE B 328 -20.94 9.62 23.44
C ILE B 328 -20.00 9.70 24.64
N PHE B 329 -19.68 8.55 25.24
CA PHE B 329 -18.63 8.50 26.27
C PHE B 329 -17.85 7.23 26.16
N LYS B 330 -16.66 7.23 26.79
CA LYS B 330 -15.80 6.02 26.89
C LYS B 330 -15.78 5.41 28.30
N ALA B 331 -16.10 4.15 28.37
CA ALA B 331 -15.96 3.35 29.61
C ALA B 331 -15.05 2.17 29.37
N PHE B 332 -13.78 2.27 29.73
CA PHE B 332 -12.82 1.18 29.47
C PHE B 332 -12.71 0.92 28.00
N ASP B 333 -13.11 -0.26 27.54
CA ASP B 333 -12.89 -0.62 26.15
C ASP B 333 -14.19 -0.44 25.33
N LEU B 334 -15.17 0.25 25.89
CA LEU B 334 -16.40 0.51 25.12
C LEU B 334 -16.47 1.99 24.86
N ALA B 335 -16.93 2.35 23.67
CA ALA B 335 -17.33 3.72 23.34
C ALA B 335 -18.85 3.61 23.21
N VAL B 336 -19.61 4.37 23.99
CA VAL B 336 -21.07 4.17 23.98
C VAL B 336 -21.73 5.44 23.52
N ALA B 337 -22.56 5.36 22.48
CA ALA B 337 -23.13 6.61 21.90
C ALA B 337 -24.62 6.47 21.70
N THR B 338 -25.40 7.37 22.28
CA THR B 338 -26.83 7.41 22.09
C THR B 338 -27.26 8.72 21.38
N THR B 339 -28.47 8.77 20.89
CA THR B 339 -29.00 9.94 20.24
C THR B 339 -30.51 9.80 20.14
N GLY B 340 -31.20 10.92 20.23
CA GLY B 340 -32.64 10.82 20.24
C GLY B 340 -33.23 10.21 21.49
N LEU B 341 -34.38 9.60 21.35
CA LEU B 341 -35.05 8.90 22.42
C LEU B 341 -34.73 7.39 22.44
N SER B 342 -34.62 6.79 23.61
CA SER B 342 -34.66 5.32 23.74
C SER B 342 -36.06 4.84 23.57
N LEU B 343 -36.26 3.55 23.31
CA LEU B 343 -37.61 2.99 23.28
C LEU B 343 -38.40 3.23 24.58
N GLU B 344 -37.75 3.24 25.75
CA GLU B 344 -38.52 3.47 26.99
C GLU B 344 -39.15 4.81 26.87
N GLY B 345 -38.33 5.80 26.66
CA GLY B 345 -38.83 7.15 26.66
C GLY B 345 -39.70 7.44 25.45
N ALA B 346 -39.44 6.77 24.33
CA ALA B 346 -40.30 7.04 23.19
C ALA B 346 -41.72 6.57 23.48
N LEU B 347 -41.91 5.46 24.20
CA LEU B 347 -43.26 5.07 24.64
C LEU B 347 -43.84 5.98 25.77
N LYS B 348 -43.00 6.45 26.68
CA LYS B 348 -43.49 7.37 27.70
C LYS B 348 -44.15 8.56 26.94
N GLU B 349 -43.57 8.94 25.82
CA GLU B 349 -44.00 10.09 25.05
C GLU B 349 -45.21 9.76 24.27
N GLY B 350 -45.59 8.53 24.23
CA GLY B 350 -46.82 8.17 23.56
C GLY B 350 -46.72 7.57 22.21
N PHE B 351 -45.51 7.36 21.68
CA PHE B 351 -45.36 6.91 20.27
C PHE B 351 -45.62 5.48 20.20
N TRP B 352 -46.11 5.00 19.11
CA TRP B 352 -46.21 3.55 19.02
C TRP B 352 -44.88 3.04 18.51
N ALA B 353 -43.92 2.90 19.38
CA ALA B 353 -42.55 2.66 18.98
C ALA B 353 -42.08 1.22 19.13
N LYS B 354 -41.11 0.84 18.33
CA LYS B 354 -40.46 -0.44 18.44
C LYS B 354 -38.95 -0.23 18.40
N LYS B 355 -38.17 -1.18 18.92
CA LYS B 355 -36.71 -1.14 18.75
C LYS B 355 -36.12 -2.32 17.99
N VAL B 356 -34.89 -2.18 17.55
CA VAL B 356 -34.18 -3.26 16.93
C VAL B 356 -32.76 -3.10 17.48
N PHE B 357 -32.09 -4.22 17.75
CA PHE B 357 -30.78 -4.14 18.37
C PHE B 357 -29.96 -5.25 17.75
N ILE B 358 -28.88 -4.91 17.04
CA ILE B 358 -28.13 -5.94 16.37
C ILE B 358 -26.66 -5.84 16.80
N GLN B 359 -25.94 -6.95 16.67
CA GLN B 359 -24.53 -6.94 16.88
C GLN B 359 -23.86 -7.42 15.60
N SER B 360 -22.87 -6.65 15.20
CA SER B 360 -22.16 -6.82 13.94
C SER B 360 -20.73 -6.58 14.29
N ARG B 361 -19.90 -6.39 13.26
CA ARG B 361 -18.48 -6.14 13.46
C ARG B 361 -18.12 -4.76 12.90
N ASP B 362 -16.92 -4.32 13.22
CA ASP B 362 -16.40 -3.03 12.89
C ASP B 362 -15.31 -3.18 11.86
N GLY B 363 -15.52 -3.99 10.83
CA GLY B 363 -14.49 -4.27 9.86
C GLY B 363 -14.94 -5.59 9.41
N ALA B 364 -14.52 -5.97 8.22
CA ALA B 364 -14.69 -7.28 7.64
C ALA B 364 -14.49 -8.52 8.59
N HIS B 365 -15.27 -9.62 8.40
CA HIS B 365 -15.04 -10.81 9.26
C HIS B 365 -13.57 -11.23 9.23
N TYR B 366 -13.10 -11.35 8.00
CA TYR B 366 -11.72 -11.73 7.77
C TYR B 366 -10.63 -10.74 8.20
N TYR B 367 -10.96 -9.54 8.64
CA TYR B 367 -9.86 -8.58 8.82
C TYR B 367 -9.33 -8.65 10.22
N PRO B 368 -8.02 -8.61 10.35
CA PRO B 368 -7.39 -8.93 11.64
C PRO B 368 -7.63 -7.83 12.59
N GLY B 369 -8.25 -8.14 13.69
CA GLY B 369 -8.37 -7.10 14.67
C GLY B 369 -9.74 -6.57 14.82
N SER B 370 -10.58 -6.82 13.82
CA SER B 370 -11.92 -6.25 13.79
C SER B 370 -12.64 -6.64 15.03
N GLY B 371 -13.30 -5.68 15.68
CA GLY B 371 -14.04 -6.01 16.89
C GLY B 371 -15.54 -5.95 16.70
N PRO B 372 -16.26 -5.94 17.81
CA PRO B 372 -17.73 -5.96 17.68
C PRO B 372 -18.22 -4.54 17.62
N LEU B 373 -19.42 -4.43 17.08
CA LEU B 373 -20.07 -3.14 16.94
C LEU B 373 -21.59 -3.38 17.03
N TRP B 374 -22.32 -2.74 17.94
CA TRP B 374 -23.74 -3.05 18.13
C TRP B 374 -24.45 -1.80 17.75
N VAL B 375 -25.63 -1.89 17.16
CA VAL B 375 -26.34 -0.68 16.84
C VAL B 375 -27.77 -0.93 17.12
N GLU B 376 -28.43 0.03 17.82
CA GLU B 376 -29.88 0.03 18.13
C GLU B 376 -30.59 1.16 17.40
N LEU B 377 -31.78 0.84 16.90
CA LEU B 377 -32.66 1.79 16.21
C LEU B 377 -34.02 1.83 16.97
N VAL B 378 -34.50 3.01 17.29
CA VAL B 378 -35.78 3.15 17.98
C VAL B 378 -36.62 3.93 16.99
N TYR B 379 -37.70 3.35 16.52
CA TYR B 379 -38.51 3.96 15.44
C TYR B 379 -40.02 3.79 15.70
N GLU B 380 -40.82 4.64 15.04
CA GLU B 380 -42.31 4.62 15.01
C GLU B 380 -42.83 3.48 14.12
N GLU B 381 -43.78 2.73 14.63
CA GLU B 381 -44.29 1.57 13.96
C GLU B 381 -44.74 1.82 12.54
N GLY B 382 -45.56 2.80 12.26
CA GLY B 382 -46.16 2.76 10.95
C GLY B 382 -45.48 3.58 9.91
N THR B 383 -45.18 4.82 10.26
CA THR B 383 -44.46 5.75 9.47
C THR B 383 -43.04 5.27 9.20
N GLY B 384 -42.44 4.46 10.09
CA GLY B 384 -41.02 4.25 10.11
C GLY B 384 -40.09 5.41 10.57
N ARG B 385 -40.63 6.50 11.15
CA ARG B 385 -39.85 7.64 11.53
C ARG B 385 -38.88 7.22 12.56
N LEU B 386 -37.59 7.57 12.41
CA LEU B 386 -36.60 7.30 13.48
C LEU B 386 -36.89 8.17 14.68
N LEU B 387 -36.56 7.71 15.85
CA LEU B 387 -36.81 8.51 17.04
C LEU B 387 -35.59 8.47 17.98
N GLY B 388 -34.63 7.58 17.71
CA GLY B 388 -33.48 7.48 18.59
C GLY B 388 -32.66 6.32 18.11
N GLY B 389 -31.48 6.13 18.69
CA GLY B 389 -30.59 5.09 18.27
C GLY B 389 -29.37 5.01 19.17
N ALA B 390 -28.69 3.88 19.19
CA ALA B 390 -27.42 3.87 19.91
C ALA B 390 -26.42 3.11 19.02
N VAL B 391 -25.14 3.38 19.16
CA VAL B 391 -24.20 2.39 18.71
C VAL B 391 -23.10 2.24 19.74
N VAL B 392 -22.61 1.02 19.94
CA VAL B 392 -21.54 0.90 20.90
C VAL B 392 -20.49 0.14 20.22
N ALA B 393 -19.22 0.50 20.43
CA ALA B 393 -18.10 -0.05 19.65
C ALA B 393 -16.87 0.03 20.51
N ARG B 394 -15.71 -0.48 20.11
CA ARG B 394 -14.47 -0.12 20.88
C ARG B 394 -13.93 1.16 20.25
N GLY B 395 -14.23 1.32 18.93
CA GLY B 395 -13.86 2.38 17.98
C GLY B 395 -13.85 3.88 18.36
N HIS B 396 -12.79 4.55 17.84
CA HIS B 396 -12.14 5.89 18.20
C HIS B 396 -12.40 7.04 17.20
N GLY B 397 -13.49 6.76 16.38
CA GLY B 397 -14.40 5.59 16.51
C GLY B 397 -15.62 4.80 15.98
N ALA B 398 -16.77 5.42 15.91
CA ALA B 398 -18.16 4.81 15.75
C ALA B 398 -19.12 5.14 17.00
N LEU B 399 -19.94 6.25 16.94
CA LEU B 399 -19.59 7.44 16.01
C LEU B 399 -20.26 7.43 14.64
N ARG B 400 -20.65 6.25 14.16
CA ARG B 400 -21.65 6.21 13.13
C ARG B 400 -22.88 6.84 13.75
N ILE B 401 -22.89 7.10 15.07
CA ILE B 401 -24.08 7.67 15.72
C ILE B 401 -24.44 8.94 15.07
N ASP B 402 -23.42 9.72 14.60
CA ASP B 402 -23.60 10.98 13.88
C ASP B 402 -24.55 10.84 12.64
N VAL B 403 -24.58 9.71 11.95
CA VAL B 403 -25.46 9.52 10.83
C VAL B 403 -26.90 9.56 11.28
N LEU B 404 -27.16 8.99 12.47
CA LEU B 404 -28.53 8.90 12.96
C LEU B 404 -28.97 10.27 13.42
N ALA B 405 -28.04 11.03 14.02
CA ALA B 405 -28.30 12.40 14.43
C ALA B 405 -28.62 13.22 13.18
N ALA B 406 -27.90 13.01 12.09
CA ALA B 406 -28.23 13.71 10.87
C ALA B 406 -29.70 13.41 10.40
N LEU B 407 -30.10 12.14 10.44
CA LEU B 407 -31.44 11.74 10.05
C LEU B 407 -32.49 12.22 11.06
N LEU B 408 -32.23 12.12 12.36
CA LEU B 408 -33.17 12.66 13.33
C LEU B 408 -33.50 14.15 13.04
N HIS B 409 -32.58 14.84 12.36
CA HIS B 409 -32.59 16.30 12.34
C HIS B 409 -33.66 16.80 11.45
N ARG B 410 -33.65 16.29 10.19
CA ARG B 410 -34.82 16.25 9.30
C ARG B 410 -35.81 15.19 9.87
N GLU B 411 -36.87 14.75 9.25
CA GLU B 411 -37.61 13.78 10.04
C GLU B 411 -36.98 12.45 9.93
N GLY B 412 -36.87 11.92 8.76
CA GLY B 412 -35.98 10.79 8.64
C GLY B 412 -36.45 9.42 9.06
N SER B 413 -36.49 8.51 8.10
CA SER B 413 -37.07 7.19 8.39
C SER B 413 -36.13 6.06 8.28
N VAL B 414 -36.54 4.90 8.78
CA VAL B 414 -35.72 3.74 8.58
C VAL B 414 -35.46 3.51 7.07
N GLU B 415 -36.46 3.77 6.28
CA GLU B 415 -36.31 3.72 4.85
C GLU B 415 -35.21 4.66 4.29
N ASP B 416 -35.12 5.89 4.81
CA ASP B 416 -34.06 6.84 4.44
C ASP B 416 -32.70 6.31 4.79
N LEU B 417 -32.58 5.73 5.99
CA LEU B 417 -31.33 5.15 6.45
C LEU B 417 -30.96 4.04 5.56
N LEU B 418 -31.93 3.21 5.21
CA LEU B 418 -31.63 2.12 4.28
C LEU B 418 -30.99 2.54 2.96
N ALA B 419 -31.35 3.73 2.47
CA ALA B 419 -30.99 4.17 1.14
C ALA B 419 -29.61 4.79 1.09
N LEU B 420 -29.02 5.05 2.26
CA LEU B 420 -27.73 5.74 2.39
C LEU B 420 -26.63 4.98 1.71
N ASP B 421 -25.77 5.71 1.02
CA ASP B 421 -24.55 5.15 0.46
C ASP B 421 -23.37 5.28 1.41
N LEU B 422 -23.28 4.41 2.40
CA LEU B 422 -22.20 4.52 3.36
C LEU B 422 -20.84 4.02 2.86
N ALA B 423 -19.81 4.31 3.66
CA ALA B 423 -18.45 3.86 3.34
C ALA B 423 -18.15 2.45 3.84
N TYR B 424 -17.57 1.69 2.91
CA TYR B 424 -17.11 0.31 3.07
C TYR B 424 -15.62 0.12 2.66
N ALA B 425 -14.82 -0.48 3.55
CA ALA B 425 -13.56 -1.12 3.20
C ALA B 425 -13.17 -2.01 4.39
N PRO B 426 -12.41 -3.11 4.16
CA PRO B 426 -12.30 -4.19 5.14
C PRO B 426 -11.84 -3.78 6.50
N PRO B 427 -10.98 -2.78 6.58
CA PRO B 427 -10.51 -2.37 7.90
C PRO B 427 -11.53 -1.61 8.75
N PHE B 428 -12.63 -1.12 8.17
CA PHE B 428 -13.44 -0.10 8.80
C PHE B 428 -14.87 -0.42 9.03
N SER B 429 -15.48 -1.15 8.12
CA SER B 429 -16.80 -1.76 8.36
C SER B 429 -17.03 -3.00 7.48
N PRO B 430 -17.86 -3.94 7.89
CA PRO B 430 -18.27 -5.05 7.00
C PRO B 430 -18.88 -4.49 5.72
N VAL B 431 -19.06 -5.27 4.65
CA VAL B 431 -19.63 -4.73 3.43
C VAL B 431 -21.07 -4.22 3.59
N TRP B 432 -21.85 -4.78 4.49
CA TRP B 432 -23.09 -4.10 4.90
C TRP B 432 -22.85 -3.35 6.21
N ASP B 433 -22.97 -2.02 6.21
CA ASP B 433 -22.60 -1.31 7.42
C ASP B 433 -23.55 -1.68 8.60
N PRO B 434 -23.03 -1.78 9.84
CA PRO B 434 -23.99 -2.10 10.89
C PRO B 434 -25.23 -1.21 10.86
N LEU B 435 -25.15 0.08 10.56
CA LEU B 435 -26.37 0.85 10.43
C LEU B 435 -27.32 0.21 9.41
N LEU B 436 -26.83 -0.34 8.30
CA LEU B 436 -27.74 -0.83 7.29
C LEU B 436 -28.30 -2.17 7.71
N ILE B 437 -27.50 -3.00 8.39
CA ILE B 437 -28.03 -4.30 8.77
C ILE B 437 -29.14 -4.06 9.82
N ALA B 438 -28.89 -3.24 10.84
CA ALA B 438 -29.99 -2.77 11.70
C ALA B 438 -31.18 -2.25 10.99
N ALA B 439 -31.07 -1.63 9.81
CA ALA B 439 -32.20 -0.99 9.25
C ALA B 439 -33.12 -2.01 8.70
N GLN B 440 -34.34 -1.95 9.31
CA GLN B 440 -35.58 -2.80 9.09
C GLN B 440 -35.23 -4.31 9.42
N GLN B 441 -34.64 -4.81 8.25
CA GLN B 441 -33.36 -5.48 8.09
C GLN B 441 -33.10 -5.99 9.52
N ALA B 442 -32.75 -7.32 9.61
CA ALA B 442 -32.65 -8.16 10.82
C ALA B 442 -33.41 -7.54 12.04
N ARG B 443 -33.53 -8.32 13.17
CA ARG B 443 -34.28 -7.96 14.47
C ARG B 443 -33.47 -7.80 15.85
N MET C 1 21.49 -39.78 53.26
CA MET C 1 20.12 -39.93 52.77
C MET C 1 20.01 -40.13 51.21
N GLY C 2 18.76 -40.24 50.72
CA GLY C 2 18.32 -40.45 49.31
C GLY C 2 17.15 -39.55 48.78
N LYS C 3 17.29 -38.25 49.08
CA LYS C 3 16.32 -37.25 48.75
C LYS C 3 16.40 -36.75 47.28
N ARG C 4 15.55 -35.75 47.00
CA ARG C 4 15.26 -35.35 45.63
C ARG C 4 15.83 -33.96 45.33
N MET C 5 16.69 -33.93 44.30
CA MET C 5 17.35 -32.72 43.83
C MET C 5 16.71 -32.28 42.57
N VAL C 6 16.17 -31.08 42.59
CA VAL C 6 15.57 -30.52 41.36
C VAL C 6 16.38 -29.32 40.90
N VAL C 7 16.73 -29.38 39.62
CA VAL C 7 17.52 -28.31 39.00
C VAL C 7 16.68 -27.53 37.99
N VAL C 8 16.50 -26.23 38.22
CA VAL C 8 15.80 -25.38 37.26
C VAL C 8 16.81 -24.76 36.27
N GLY C 9 16.85 -25.24 35.05
CA GLY C 9 17.76 -24.73 34.07
C GLY C 9 18.86 -25.75 33.86
N GLY C 10 19.15 -26.13 32.62
CA GLY C 10 20.09 -27.21 32.41
C GLY C 10 21.25 -26.75 31.54
N VAL C 11 21.66 -25.50 31.62
CA VAL C 11 22.61 -25.22 30.57
C VAL C 11 23.99 -25.45 30.98
N ALA C 12 24.47 -24.87 32.09
CA ALA C 12 25.89 -25.01 32.41
C ALA C 12 26.05 -25.02 33.90
N GLY C 13 25.51 -24.00 34.55
CA GLY C 13 25.44 -23.99 35.99
C GLY C 13 24.60 -25.17 36.42
N GLY C 14 23.39 -25.31 35.86
CA GLY C 14 22.53 -26.44 36.21
C GLY C 14 23.05 -27.82 35.74
N ALA C 15 23.59 -28.00 34.51
CA ALA C 15 24.10 -29.33 34.14
C ALA C 15 25.27 -29.78 34.97
N SER C 16 26.17 -28.88 35.38
CA SER C 16 27.29 -29.21 36.26
C SER C 16 26.85 -29.76 37.56
N ALA C 17 25.90 -29.06 38.20
CA ALA C 17 25.37 -29.37 39.52
C ALA C 17 24.68 -30.74 39.47
N ALA C 18 23.72 -30.90 38.58
CA ALA C 18 23.20 -32.22 38.33
C ALA C 18 24.26 -33.32 38.17
N ALA C 19 25.33 -33.14 37.41
CA ALA C 19 26.15 -34.31 37.11
C ALA C 19 27.03 -34.65 38.29
N LYS C 20 27.46 -33.62 39.00
CA LYS C 20 28.43 -33.83 40.07
C LYS C 20 27.68 -34.35 41.30
N ALA C 21 26.48 -33.87 41.53
CA ALA C 21 25.71 -34.39 42.66
C ALA C 21 25.46 -35.84 42.41
N LYS C 22 25.04 -36.20 41.21
CA LYS C 22 24.68 -37.63 40.99
C LYS C 22 25.87 -38.53 41.14
N ARG C 23 27.02 -38.05 40.66
CA ARG C 23 28.29 -38.80 40.72
C ARG C 23 28.71 -39.01 42.16
N GLU C 24 28.40 -38.04 43.01
CA GLU C 24 29.07 -37.96 44.29
C GLU C 24 28.24 -38.64 45.27
N ASN C 25 26.96 -38.79 44.95
CA ASN C 25 25.98 -39.48 45.77
C ASN C 25 24.80 -40.06 44.97
N PRO C 26 24.99 -41.27 44.45
CA PRO C 26 24.07 -41.84 43.45
C PRO C 26 22.71 -42.11 44.04
N GLU C 27 22.61 -42.10 45.38
CA GLU C 27 21.37 -42.29 46.08
C GLU C 27 20.43 -41.23 45.71
N LEU C 28 20.94 -40.05 45.33
CA LEU C 28 20.11 -38.85 45.10
C LEU C 28 19.15 -39.08 43.97
N GLU C 29 17.93 -38.55 44.06
CA GLU C 29 17.09 -38.47 42.83
C GLU C 29 17.43 -37.13 42.14
N VAL C 30 17.97 -37.22 40.91
CA VAL C 30 18.38 -35.96 40.26
C VAL C 30 17.60 -35.63 39.03
N VAL C 31 16.82 -34.56 39.05
CA VAL C 31 16.04 -34.15 37.88
C VAL C 31 16.26 -32.68 37.44
N VAL C 32 16.47 -32.47 36.16
CA VAL C 32 16.65 -31.17 35.55
C VAL C 32 15.43 -30.76 34.67
N TYR C 33 14.79 -29.64 34.96
CA TYR C 33 13.81 -29.04 34.04
C TYR C 33 14.42 -27.88 33.28
N GLU C 34 14.59 -28.05 31.96
CA GLU C 34 15.18 -27.02 31.10
C GLU C 34 14.11 -26.50 30.16
N LYS C 35 13.81 -25.23 30.14
CA LYS C 35 12.76 -24.81 29.20
C LYS C 35 13.10 -24.74 27.73
N SER C 36 14.37 -24.65 27.40
CA SER C 36 14.78 -24.42 26.02
C SER C 36 14.81 -25.64 25.14
N GLY C 37 14.44 -26.79 25.59
CA GLY C 37 14.75 -27.78 24.57
C GLY C 37 16.16 -28.04 24.01
N TRP C 38 17.21 -27.42 24.55
CA TRP C 38 18.55 -28.02 24.47
C TRP C 38 19.19 -27.91 25.80
N VAL C 39 20.13 -28.79 26.11
CA VAL C 39 20.65 -28.83 27.48
C VAL C 39 22.11 -29.12 27.36
N SER C 40 22.90 -28.62 28.31
CA SER C 40 24.36 -28.91 28.35
C SER C 40 25.11 -28.59 27.01
N TYR C 41 25.13 -27.32 26.60
CA TYR C 41 25.79 -27.03 25.36
C TYR C 41 26.65 -25.76 25.56
N GLY C 42 27.66 -25.61 24.73
CA GLY C 42 28.55 -24.50 24.92
C GLY C 42 28.12 -23.26 24.18
N ALA C 43 27.31 -22.40 24.77
CA ALA C 43 26.92 -21.19 24.05
C ALA C 43 28.14 -20.40 23.48
N CYS C 44 29.24 -20.47 24.22
CA CYS C 44 30.53 -19.92 23.83
C CYS C 44 30.98 -20.27 22.43
N GLY C 45 30.56 -21.39 21.90
CA GLY C 45 31.01 -21.78 20.61
C GLY C 45 30.09 -21.27 19.49
N LEU C 46 29.00 -20.59 19.83
CA LEU C 46 28.05 -20.24 18.76
C LEU C 46 28.73 -19.37 17.70
N PRO C 47 29.67 -18.47 18.09
CA PRO C 47 30.11 -17.69 16.98
C PRO C 47 30.93 -18.48 15.99
N TYR C 48 31.45 -19.65 16.40
CA TYR C 48 32.32 -20.48 15.51
C TYR C 48 31.47 -21.39 14.64
N VAL C 49 30.18 -21.39 14.87
CA VAL C 49 29.26 -22.18 14.12
C VAL C 49 28.60 -21.25 13.12
N LEU C 50 28.21 -20.05 13.55
CA LEU C 50 27.89 -18.96 12.62
C LEU C 50 28.91 -18.75 11.52
N SER C 51 30.18 -18.75 11.85
CA SER C 51 31.25 -18.45 10.85
C SER C 51 31.42 -19.58 9.91
N GLY C 52 30.85 -20.70 10.25
CA GLY C 52 31.07 -21.86 9.45
C GLY C 52 32.28 -22.72 9.81
N GLU C 53 33.24 -22.21 10.60
CA GLU C 53 34.34 -23.11 11.02
C GLU C 53 33.89 -24.47 11.72
N ILE C 54 32.87 -24.43 12.58
CA ILE C 54 32.23 -25.62 13.09
C ILE C 54 30.98 -25.90 12.25
N PRO C 55 31.00 -27.03 11.50
CA PRO C 55 29.98 -27.60 10.59
C PRO C 55 28.52 -27.61 11.12
N ARG C 56 28.22 -28.24 12.23
CA ARG C 56 26.83 -28.29 12.68
C ARG C 56 26.68 -27.85 14.12
N LEU C 57 25.57 -27.25 14.43
CA LEU C 57 25.28 -26.78 15.77
C LEU C 57 25.31 -27.85 16.87
N GLU C 58 25.00 -29.10 16.53
CA GLU C 58 24.96 -30.16 17.53
C GLU C 58 26.40 -30.49 18.00
N ARG C 59 27.37 -29.86 17.39
CA ARG C 59 28.72 -30.18 17.78
C ARG C 59 29.04 -29.55 19.15
N LEU C 60 28.15 -28.69 19.61
CA LEU C 60 28.38 -27.84 20.73
C LEU C 60 27.83 -28.47 22.00
N VAL C 61 27.10 -29.54 21.85
CA VAL C 61 26.47 -30.15 22.99
C VAL C 61 27.49 -31.05 23.67
N ALA C 62 27.57 -31.00 24.99
CA ALA C 62 28.58 -31.75 25.77
C ALA C 62 28.02 -33.11 26.17
N ARG C 63 26.83 -33.11 26.76
CA ARG C 63 26.13 -34.33 27.10
C ARG C 63 24.67 -34.29 26.56
N THR C 64 24.18 -35.39 25.99
CA THR C 64 22.82 -35.42 25.48
C THR C 64 21.90 -35.92 26.56
N PRO C 65 20.59 -35.66 26.42
CA PRO C 65 19.72 -36.05 27.51
C PRO C 65 19.68 -37.58 27.58
N GLU C 66 19.89 -38.25 26.44
CA GLU C 66 20.11 -39.68 26.52
C GLU C 66 21.37 -40.07 27.31
N GLU C 67 22.47 -39.32 27.21
CA GLU C 67 23.66 -39.80 27.90
C GLU C 67 23.50 -39.55 29.39
N PHE C 68 22.77 -38.49 29.67
CA PHE C 68 22.48 -38.14 31.04
C PHE C 68 21.68 -39.24 31.62
N ARG C 69 20.65 -39.69 30.89
CA ARG C 69 19.76 -40.77 31.38
C ARG C 69 20.56 -41.99 31.75
N LYS C 70 21.33 -42.53 30.82
CA LYS C 70 22.36 -43.52 31.20
C LYS C 70 23.16 -43.20 32.49
N GLN C 71 23.39 -41.94 32.86
CA GLN C 71 24.23 -41.76 34.04
C GLN C 71 23.36 -41.46 35.24
N GLY C 72 22.07 -41.71 35.10
CA GLY C 72 21.22 -41.59 36.25
C GLY C 72 20.65 -40.21 36.51
N VAL C 73 20.77 -39.31 35.52
CA VAL C 73 20.16 -37.99 35.63
C VAL C 73 19.00 -37.84 34.66
N LEU C 74 17.89 -37.38 35.18
CA LEU C 74 16.73 -37.28 34.31
C LEU C 74 16.59 -35.88 33.80
N VAL C 75 16.79 -35.66 32.48
CA VAL C 75 16.54 -34.31 31.99
C VAL C 75 15.27 -34.13 31.19
N HIS C 76 14.45 -33.18 31.62
CA HIS C 76 13.33 -32.79 30.76
C HIS C 76 13.47 -31.47 30.04
N THR C 77 13.57 -31.51 28.68
CA THR C 77 13.55 -30.24 27.90
C THR C 77 12.19 -29.66 27.58
N ARG C 78 12.17 -28.39 27.22
CA ARG C 78 10.91 -27.73 26.95
C ARG C 78 10.00 -27.99 28.15
N HIS C 79 10.56 -27.81 29.35
CA HIS C 79 9.75 -27.79 30.59
C HIS C 79 9.96 -26.54 31.41
N GLU C 80 8.94 -25.76 31.63
CA GLU C 80 9.33 -24.54 32.26
C GLU C 80 8.80 -24.59 33.62
N VAL C 81 9.65 -24.43 34.67
CA VAL C 81 9.08 -24.28 35.99
C VAL C 81 8.56 -22.90 36.21
N VAL C 82 7.27 -22.81 36.38
CA VAL C 82 6.48 -21.61 36.49
C VAL C 82 6.23 -21.02 37.87
N ASP C 83 6.13 -21.88 38.85
CA ASP C 83 6.08 -21.40 40.19
C ASP C 83 6.76 -22.38 41.17
N VAL C 84 7.22 -21.88 42.29
CA VAL C 84 7.77 -22.72 43.35
C VAL C 84 7.07 -22.33 44.64
N ASP C 85 6.53 -23.32 45.38
CA ASP C 85 5.82 -23.12 46.65
C ASP C 85 6.82 -23.30 47.70
N TYR C 86 7.63 -22.32 47.80
CA TYR C 86 8.87 -22.35 48.51
C TYR C 86 8.88 -22.75 49.91
N GLU C 87 9.35 -21.74 50.63
CA GLU C 87 9.02 -21.39 52.05
C GLU C 87 8.26 -19.94 52.38
N LEU C 88 6.91 -19.86 52.29
CA LEU C 88 5.95 -20.94 51.96
C LEU C 88 6.27 -22.37 52.57
N ARG C 89 6.38 -23.41 51.74
CA ARG C 89 6.72 -24.72 52.22
C ARG C 89 6.23 -25.71 51.24
N THR C 90 7.23 -26.36 50.65
CA THR C 90 7.17 -27.20 49.49
C THR C 90 5.83 -27.86 49.48
N LEU C 91 5.18 -27.82 48.28
CA LEU C 91 5.15 -28.85 47.18
C LEU C 91 6.39 -28.40 46.41
N THR C 92 5.94 -27.69 45.40
CA THR C 92 6.49 -26.42 45.05
C THR C 92 6.55 -26.53 43.56
N VAL C 93 7.52 -27.17 42.97
CA VAL C 93 7.49 -26.94 41.55
C VAL C 93 6.03 -27.18 40.91
N HIS C 94 5.46 -26.20 40.14
CA HIS C 94 4.47 -26.46 39.04
C HIS C 94 5.34 -26.21 37.91
N ASP C 95 5.53 -27.16 37.03
CA ASP C 95 6.02 -26.79 35.71
C ASP C 95 5.16 -27.21 34.44
N HIS C 96 5.55 -26.82 33.23
CA HIS C 96 4.71 -27.01 32.12
C HIS C 96 5.36 -27.87 30.95
N ALA C 97 4.80 -29.03 30.48
CA ALA C 97 5.45 -29.82 29.30
C ALA C 97 4.92 -29.39 27.95
N GLU C 98 4.93 -30.40 27.02
CA GLU C 98 4.09 -30.47 25.73
C GLU C 98 2.71 -31.23 25.87
N GLY C 99 1.72 -30.33 25.89
CA GLY C 99 0.42 -30.51 26.46
C GLY C 99 0.28 -29.85 27.84
N ARG C 100 0.73 -30.63 28.81
CA ARG C 100 0.24 -30.49 30.19
C ARG C 100 0.99 -29.57 31.13
N THR C 101 0.47 -29.47 32.33
CA THR C 101 1.22 -28.90 33.40
C THR C 101 1.00 -29.67 34.72
N PHE C 102 1.94 -29.57 35.67
CA PHE C 102 2.03 -30.54 36.79
C PHE C 102 2.87 -30.21 37.97
N GLN C 103 2.69 -30.95 39.05
CA GLN C 103 3.45 -30.69 40.29
C GLN C 103 4.68 -31.60 40.55
N ASP C 104 5.56 -31.13 41.40
CA ASP C 104 6.69 -31.94 41.79
C ASP C 104 7.21 -31.31 43.04
N ARG C 105 8.01 -32.06 43.76
CA ARG C 105 8.47 -31.62 45.10
C ARG C 105 9.94 -31.62 44.96
N PHE C 106 10.55 -30.90 45.88
CA PHE C 106 11.97 -31.01 45.99
C PHE C 106 12.48 -31.08 47.44
N ASP C 107 13.76 -31.43 47.61
CA ASP C 107 14.42 -31.37 48.92
C ASP C 107 15.58 -30.42 48.82
N HIS C 108 16.21 -30.45 47.66
CA HIS C 108 17.29 -29.51 47.31
C HIS C 108 16.88 -28.92 45.99
N LEU C 109 16.99 -27.59 45.88
CA LEU C 109 16.60 -26.90 44.64
C LEU C 109 17.79 -26.13 44.17
N VAL C 110 18.25 -26.39 42.94
CA VAL C 110 19.25 -25.51 42.30
C VAL C 110 18.63 -24.62 41.22
N LEU C 111 18.62 -23.33 41.52
CA LEU C 111 18.20 -22.27 40.61
C LEU C 111 19.36 -21.98 39.61
N ALA C 112 19.24 -22.37 38.37
CA ALA C 112 20.31 -22.10 37.41
C ALA C 112 19.64 -21.61 36.20
N THR C 113 18.92 -20.50 36.32
CA THR C 113 18.10 -20.01 35.24
C THR C 113 18.80 -19.05 34.25
N GLY C 114 20.07 -18.77 34.46
CA GLY C 114 20.87 -17.99 33.52
C GLY C 114 20.54 -16.53 33.37
N ALA C 115 20.80 -16.00 32.17
CA ALA C 115 20.58 -14.57 31.86
C ALA C 115 20.10 -14.41 30.48
N ARG C 116 19.38 -13.34 30.31
CA ARG C 116 18.78 -12.99 29.01
C ARG C 116 19.37 -11.69 28.51
N PRO C 117 19.34 -11.50 27.21
CA PRO C 117 19.88 -10.28 26.60
C PRO C 117 19.10 -9.12 27.00
N SER C 118 19.75 -8.03 27.28
CA SER C 118 19.19 -6.76 27.71
C SER C 118 19.08 -5.83 26.53
N LEU C 119 17.88 -5.64 25.99
CA LEU C 119 17.65 -4.83 24.78
C LEU C 119 17.35 -3.40 25.02
N PRO C 120 17.92 -2.55 24.20
CA PRO C 120 17.67 -1.14 24.42
C PRO C 120 16.32 -0.79 23.80
N PRO C 121 15.70 0.21 24.35
CA PRO C 121 14.39 0.73 23.96
C PRO C 121 14.42 1.47 22.64
N ILE C 122 14.41 0.73 21.57
CA ILE C 122 14.59 1.33 20.25
C ILE C 122 13.43 0.90 19.39
N PRO C 123 12.68 1.85 18.87
CA PRO C 123 11.62 1.51 17.92
C PRO C 123 12.11 0.73 16.73
N GLY C 124 11.47 -0.39 16.42
CA GLY C 124 11.79 -1.15 15.24
C GLY C 124 12.45 -2.46 15.64
N THR C 125 12.63 -2.66 16.95
CA THR C 125 13.38 -3.79 17.44
C THR C 125 12.64 -5.07 17.14
N GLU C 126 11.35 -4.91 16.96
CA GLU C 126 10.48 -6.05 16.87
C GLU C 126 10.41 -6.67 15.48
N GLN C 127 11.14 -6.14 14.52
CA GLN C 127 10.97 -6.57 13.18
C GLN C 127 11.82 -7.73 12.90
N GLU C 128 11.98 -8.03 11.63
CA GLU C 128 12.19 -9.34 11.19
C GLU C 128 13.62 -9.66 11.04
N GLY C 129 14.45 -8.79 10.58
CA GLY C 129 15.82 -9.30 10.59
C GLY C 129 16.67 -8.90 11.80
N VAL C 130 16.03 -8.65 12.93
CA VAL C 130 16.76 -8.24 14.12
C VAL C 130 16.96 -9.43 15.03
N TYR C 131 18.19 -9.65 15.48
CA TYR C 131 18.55 -10.83 16.20
C TYR C 131 19.36 -10.62 17.49
N THR C 132 19.53 -11.70 18.22
CA THR C 132 20.12 -11.71 19.55
C THR C 132 20.94 -12.96 19.56
N LEU C 133 21.99 -13.10 20.39
CA LEU C 133 22.84 -14.34 20.29
C LEU C 133 23.11 -14.94 21.63
N ARG C 134 22.20 -15.74 22.14
CA ARG C 134 22.38 -16.19 23.51
C ARG C 134 22.19 -17.71 23.61
N THR C 135 21.38 -18.28 22.74
CA THR C 135 20.94 -19.65 22.92
C THR C 135 21.08 -20.47 21.66
N MET C 136 20.86 -21.78 21.74
CA MET C 136 20.91 -22.57 20.50
C MET C 136 19.85 -22.19 19.48
N GLU C 137 18.65 -21.86 19.91
CA GLU C 137 17.65 -21.40 19.02
C GLU C 137 18.10 -20.11 18.35
N ASP C 138 18.64 -19.12 19.07
CA ASP C 138 19.19 -17.93 18.39
C ASP C 138 20.17 -18.42 17.29
N GLY C 139 20.90 -19.47 17.58
CA GLY C 139 21.89 -19.90 16.63
C GLY C 139 21.22 -20.34 15.40
N GLU C 140 20.13 -21.14 15.52
CA GLU C 140 19.39 -21.66 14.36
C GLU C 140 18.83 -20.51 13.51
N ARG C 141 18.11 -19.56 14.14
CA ARG C 141 17.64 -18.38 13.44
C ARG C 141 18.77 -17.67 12.65
N LEU C 142 19.83 -17.26 13.32
CA LEU C 142 20.92 -16.66 12.62
C LEU C 142 21.45 -17.52 11.49
N LEU C 143 21.50 -18.83 11.65
CA LEU C 143 22.21 -19.64 10.70
C LEU C 143 21.45 -19.72 9.42
N LYS C 144 20.12 -19.70 9.56
CA LYS C 144 19.08 -19.61 8.48
C LYS C 144 19.22 -18.30 7.66
N ALA C 145 19.31 -17.15 8.36
CA ALA C 145 19.51 -15.82 7.76
C ALA C 145 20.84 -15.61 6.98
N LEU C 146 21.94 -16.11 7.53
CA LEU C 146 23.25 -15.79 7.10
C LEU C 146 23.56 -16.09 5.59
N PRO C 147 23.29 -17.30 5.11
CA PRO C 147 23.57 -17.38 3.65
C PRO C 147 22.52 -16.56 2.95
N GLN C 148 22.81 -15.80 1.93
CA GLN C 148 21.89 -14.67 1.59
C GLN C 148 22.24 -13.43 2.39
N ALA C 149 23.52 -13.08 2.35
CA ALA C 149 24.18 -12.02 3.10
C ALA C 149 23.23 -11.12 3.79
N ARG C 150 23.23 -9.79 3.57
CA ARG C 150 24.17 -8.99 2.74
C ARG C 150 24.98 -7.93 3.54
N ARG C 151 24.30 -7.18 4.38
CA ARG C 151 24.88 -6.03 5.01
C ARG C 151 24.49 -6.25 6.47
N ALA C 152 25.43 -6.35 7.40
CA ALA C 152 25.02 -6.48 8.82
C ALA C 152 25.40 -5.28 9.69
N ALA C 153 24.59 -4.98 10.70
CA ALA C 153 24.96 -3.93 11.62
C ALA C 153 24.93 -4.58 12.97
N ILE C 154 25.98 -4.44 13.80
CA ILE C 154 26.00 -4.98 15.13
C ILE C 154 25.97 -3.84 16.15
N LEU C 155 24.95 -3.77 17.03
CA LEU C 155 24.94 -2.84 18.12
C LEU C 155 25.68 -3.44 19.28
N GLY C 156 26.80 -2.86 19.70
CA GLY C 156 27.51 -3.19 20.93
C GLY C 156 28.85 -3.78 20.64
N ALA C 157 29.92 -3.18 21.12
CA ALA C 157 31.22 -3.78 20.82
C ALA C 157 31.88 -4.34 22.04
N GLY C 158 31.13 -5.12 22.81
CA GLY C 158 31.66 -6.01 23.85
C GLY C 158 32.07 -7.37 23.35
N TYR C 159 31.90 -8.37 24.17
CA TYR C 159 32.35 -9.70 23.77
C TYR C 159 31.50 -10.30 22.63
N ILE C 160 30.20 -10.56 22.86
CA ILE C 160 29.39 -11.13 21.77
C ILE C 160 29.40 -9.99 20.79
N GLY C 161 29.74 -10.16 19.56
CA GLY C 161 29.68 -8.83 18.96
C GLY C 161 30.99 -8.34 18.45
N LEU C 162 32.01 -8.16 19.30
CA LEU C 162 33.35 -8.30 18.72
C LEU C 162 33.44 -9.71 18.13
N GLU C 163 32.91 -10.72 18.80
CA GLU C 163 33.11 -12.07 18.30
C GLU C 163 32.23 -12.28 17.11
N ALA C 164 31.08 -11.64 17.13
CA ALA C 164 30.14 -11.78 16.00
C ALA C 164 30.55 -11.08 14.75
N ALA C 165 31.24 -9.94 14.87
CA ALA C 165 31.77 -9.23 13.73
C ALA C 165 32.70 -10.13 12.97
N GLU C 166 33.56 -10.91 13.67
CA GLU C 166 34.47 -11.87 13.05
C GLU C 166 33.71 -12.92 12.32
N ALA C 167 32.58 -13.36 12.87
CA ALA C 167 31.81 -14.44 12.30
C ALA C 167 31.22 -14.01 11.06
N PHE C 168 30.45 -12.93 11.14
CA PHE C 168 29.80 -12.38 9.95
C PHE C 168 30.75 -12.04 8.81
N ARG C 169 31.95 -11.52 9.08
CA ARG C 169 32.82 -11.25 7.95
C ARG C 169 33.24 -12.52 7.24
N LYS C 170 33.55 -13.55 8.03
CA LYS C 170 34.00 -14.83 7.53
C LYS C 170 32.89 -15.42 6.66
N ARG C 171 31.66 -14.94 6.81
CA ARG C 171 30.54 -15.44 6.07
C ARG C 171 30.25 -14.53 4.90
N GLY C 172 31.19 -13.64 4.65
CA GLY C 172 31.03 -12.69 3.58
C GLY C 172 30.23 -11.40 3.73
N LEU C 173 29.45 -11.18 4.80
CA LEU C 173 28.61 -9.99 4.92
C LEU C 173 29.49 -8.75 5.06
N GLN C 174 29.01 -7.57 4.69
CA GLN C 174 29.76 -6.42 5.11
C GLN C 174 29.23 -5.97 6.47
N VAL C 175 30.11 -5.68 7.37
CA VAL C 175 29.59 -5.46 8.70
C VAL C 175 30.06 -4.13 9.28
N THR C 176 29.15 -3.43 9.89
CA THR C 176 29.48 -2.20 10.54
C THR C 176 29.06 -2.29 12.04
N LEU C 177 29.98 -1.97 12.95
CA LEU C 177 29.79 -2.08 14.39
C LEU C 177 29.41 -0.78 15.00
N LEU C 178 28.36 -0.73 15.77
CA LEU C 178 27.91 0.57 16.29
C LEU C 178 28.09 0.56 17.77
N GLU C 179 28.97 1.37 18.31
CA GLU C 179 29.02 1.38 19.75
C GLU C 179 28.62 2.71 20.35
N ALA C 180 27.98 2.65 21.51
CA ALA C 180 27.53 3.85 22.22
C ALA C 180 28.63 4.60 22.93
N LYS C 181 29.52 3.94 23.66
CA LYS C 181 30.69 4.62 24.18
C LYS C 181 31.75 4.86 23.08
N ASP C 182 32.96 5.31 23.48
CA ASP C 182 33.95 5.84 22.51
C ASP C 182 34.95 4.83 21.90
N ARG C 183 35.02 3.64 22.42
CA ARG C 183 35.96 2.77 21.81
C ARG C 183 35.37 1.36 21.84
N PRO C 184 35.90 0.43 21.04
CA PRO C 184 35.48 -0.95 21.30
C PRO C 184 35.93 -1.42 22.66
N LEU C 185 35.20 -2.34 23.26
CA LEU C 185 35.61 -2.89 24.54
C LEU C 185 35.84 -1.73 25.53
N PRO C 186 34.86 -0.85 25.67
CA PRO C 186 34.77 0.36 26.48
C PRO C 186 35.00 -0.01 27.90
N HIS C 187 34.71 -1.25 28.23
CA HIS C 187 34.79 -1.63 29.62
C HIS C 187 36.24 -1.73 30.14
N TRP C 188 37.19 -1.54 29.23
CA TRP C 188 38.56 -1.68 29.59
C TRP C 188 39.29 -0.48 29.14
N ASP C 189 40.34 -0.12 29.89
CA ASP C 189 41.34 0.86 29.49
C ASP C 189 41.54 0.99 27.97
N PRO C 190 41.84 2.17 27.49
CA PRO C 190 41.58 2.34 26.08
C PRO C 190 42.69 1.94 25.12
N GLU C 191 43.83 1.51 25.65
CA GLU C 191 44.91 0.98 24.83
C GLU C 191 44.50 -0.31 24.12
N VAL C 192 43.82 -1.19 24.87
CA VAL C 192 43.27 -2.39 24.30
C VAL C 192 42.18 -2.03 23.26
N GLY C 193 41.24 -1.17 23.64
CA GLY C 193 40.23 -0.70 22.72
C GLY C 193 40.82 -0.37 21.37
N ALA C 194 41.93 0.39 21.42
CA ALA C 194 42.59 0.81 20.18
C ALA C 194 43.11 -0.30 19.27
N LEU C 195 43.79 -1.25 19.87
CA LEU C 195 44.41 -2.33 19.15
C LEU C 195 43.29 -3.08 18.52
N LEU C 196 42.16 -3.13 19.22
CA LEU C 196 41.00 -3.77 18.66
C LEU C 196 40.41 -3.01 17.46
N LYS C 197 40.24 -1.69 17.54
CA LYS C 197 39.72 -0.96 16.42
C LYS C 197 40.60 -1.16 15.19
N GLU C 198 41.91 -1.10 15.37
CA GLU C 198 42.81 -1.32 14.22
C GLU C 198 42.58 -2.68 13.63
N GLU C 199 42.38 -3.74 14.43
CA GLU C 199 42.19 -5.08 13.88
C GLU C 199 40.91 -5.25 13.19
N LEU C 200 39.86 -4.68 13.74
CA LEU C 200 38.60 -4.80 13.06
C LEU C 200 38.75 -4.09 11.74
N GLU C 201 39.42 -2.95 11.71
CA GLU C 201 39.40 -2.19 10.46
C GLU C 201 40.28 -2.87 9.43
N ARG C 202 41.43 -3.30 9.86
CA ARG C 202 42.24 -4.17 9.05
C ARG C 202 41.46 -5.34 8.43
N HIS C 203 40.35 -5.78 9.01
CA HIS C 203 39.57 -6.88 8.41
C HIS C 203 38.26 -6.46 7.75
N GLY C 204 38.10 -5.19 7.49
CA GLY C 204 36.98 -4.78 6.67
C GLY C 204 35.77 -4.46 7.46
N VAL C 205 35.89 -4.20 8.75
CA VAL C 205 34.72 -3.96 9.56
C VAL C 205 34.73 -2.49 9.86
N GLU C 206 33.61 -1.79 9.69
CA GLU C 206 33.62 -0.37 9.96
C GLU C 206 33.25 -0.12 11.40
N VAL C 207 34.04 0.62 12.16
CA VAL C 207 33.55 0.75 13.52
C VAL C 207 33.10 2.17 13.78
N TRP C 208 31.81 2.40 14.07
CA TRP C 208 31.24 3.70 14.48
C TRP C 208 31.30 3.78 16.01
N THR C 209 31.67 4.90 16.54
CA THR C 209 31.81 5.08 17.97
C THR C 209 30.92 6.22 18.39
N GLY C 210 30.64 6.30 19.69
CA GLY C 210 29.68 7.27 20.22
C GLY C 210 28.41 7.50 19.37
N VAL C 211 27.71 6.41 19.08
CA VAL C 211 26.62 6.39 18.11
C VAL C 211 25.41 6.40 18.96
N LYS C 212 24.38 7.13 18.52
CA LYS C 212 23.14 7.12 19.26
C LYS C 212 22.18 6.40 18.35
N VAL C 213 22.04 5.08 18.48
CA VAL C 213 21.05 4.44 17.60
C VAL C 213 19.61 4.89 17.87
N GLU C 214 18.94 5.41 16.83
CA GLU C 214 17.64 6.02 17.00
C GLU C 214 16.43 5.18 16.58
N ALA C 215 16.57 4.36 15.55
CA ALA C 215 15.50 3.45 15.23
C ALA C 215 15.83 2.54 14.10
N PHE C 216 15.11 1.42 13.98
CA PHE C 216 15.46 0.43 13.00
C PHE C 216 14.42 0.56 11.90
N ARG C 217 14.83 0.93 10.70
CA ARG C 217 13.81 1.34 9.74
C ARG C 217 13.23 0.15 8.99
N GLY C 218 11.91 0.11 8.83
CA GLY C 218 11.32 -0.81 7.91
C GLY C 218 9.87 -0.94 8.20
N MET C 219 9.16 -1.75 7.42
CA MET C 219 7.73 -2.03 7.63
C MET C 219 7.56 -3.42 8.18
N GLY C 220 8.45 -3.78 9.08
CA GLY C 220 8.48 -5.06 9.73
C GLY C 220 9.55 -5.94 9.18
N ARG C 221 10.48 -5.40 8.40
CA ARG C 221 11.54 -6.22 7.91
C ARG C 221 12.88 -5.75 8.39
N VAL C 222 13.15 -4.48 8.25
CA VAL C 222 14.45 -3.95 8.64
C VAL C 222 15.36 -3.93 7.48
N GLU C 223 15.83 -2.72 7.22
CA GLU C 223 16.63 -2.45 6.09
C GLU C 223 17.59 -1.38 6.50
N ALA C 224 17.41 -0.78 7.68
CA ALA C 224 18.24 0.38 7.96
C ALA C 224 18.90 0.62 9.27
N VAL C 225 18.28 0.98 10.37
CA VAL C 225 19.22 1.60 11.42
C VAL C 225 19.60 3.08 11.17
N GLU C 226 18.85 3.93 11.85
CA GLU C 226 18.95 5.34 11.74
C GLU C 226 19.66 5.73 12.97
N THR C 227 20.78 6.42 12.85
CA THR C 227 21.53 6.87 14.04
C THR C 227 21.80 8.34 14.00
N SER C 228 22.03 8.93 15.14
CA SER C 228 22.54 10.29 15.20
C SER C 228 23.66 10.63 14.14
N GLU C 229 24.43 9.65 13.69
CA GLU C 229 25.59 9.90 12.88
C GLU C 229 25.37 9.57 11.41
N GLY C 230 24.13 9.39 11.00
CA GLY C 230 23.86 8.94 9.65
C GLY C 230 23.01 7.71 9.62
N VAL C 231 22.91 7.08 8.46
CA VAL C 231 22.02 5.96 8.31
C VAL C 231 22.79 4.78 7.87
N VAL C 232 22.76 3.71 8.66
CA VAL C 232 23.44 2.52 8.23
C VAL C 232 22.51 1.60 7.47
N PRO C 233 22.80 1.28 6.22
CA PRO C 233 21.87 0.30 5.71
C PRO C 233 22.25 -1.13 6.15
N ALA C 234 21.28 -2.02 6.35
CA ALA C 234 21.50 -3.33 6.95
C ALA C 234 20.24 -4.21 6.81
N ASP C 235 20.42 -5.42 6.34
CA ASP C 235 19.31 -6.35 6.27
C ASP C 235 19.36 -7.42 7.35
N LEU C 236 20.48 -7.39 8.08
CA LEU C 236 20.57 -8.16 9.27
C LEU C 236 21.19 -7.30 10.37
N VAL C 237 20.49 -7.11 11.52
CA VAL C 237 21.06 -6.46 12.70
C VAL C 237 21.06 -7.41 13.89
N LEU C 238 22.16 -7.40 14.68
CA LEU C 238 22.46 -8.23 15.86
C LEU C 238 22.56 -7.30 17.02
N LEU C 239 21.75 -7.48 18.05
CA LEU C 239 21.75 -6.58 19.23
C LEU C 239 22.60 -7.24 20.29
N ALA C 240 23.77 -6.68 20.55
CA ALA C 240 24.77 -7.29 21.38
C ALA C 240 25.11 -6.29 22.42
N THR C 241 24.11 -5.95 23.23
CA THR C 241 24.09 -4.83 24.11
C THR C 241 24.02 -5.26 25.55
N GLY C 242 24.46 -6.47 25.87
CA GLY C 242 24.57 -6.85 27.29
C GLY C 242 23.46 -7.73 27.81
N ILE C 243 23.63 -8.31 28.98
CA ILE C 243 22.69 -9.32 29.46
C ILE C 243 22.36 -8.93 30.86
N ARG C 244 21.29 -9.46 31.37
CA ARG C 244 20.91 -9.28 32.76
C ARG C 244 20.41 -10.69 33.28
N PRO C 245 20.48 -10.90 34.59
CA PRO C 245 20.19 -12.25 35.09
C PRO C 245 18.72 -12.48 35.13
N ASN C 246 18.29 -13.73 34.91
CA ASN C 246 16.93 -14.23 35.11
C ASN C 246 16.51 -14.54 36.55
N THR C 247 16.25 -13.49 37.30
CA THR C 247 15.99 -13.66 38.70
C THR C 247 14.47 -13.73 38.97
N GLU C 248 13.66 -13.85 37.93
CA GLU C 248 12.24 -13.57 38.05
C GLU C 248 11.51 -14.62 38.87
N LEU C 249 11.75 -15.89 38.53
CA LEU C 249 11.23 -17.01 39.32
C LEU C 249 11.78 -17.01 40.71
N ALA C 250 13.07 -16.75 40.87
CA ALA C 250 13.64 -16.71 42.19
C ALA C 250 13.05 -15.66 43.14
N GLN C 251 12.72 -14.49 42.63
CA GLN C 251 12.14 -13.51 43.53
C GLN C 251 10.74 -13.93 43.92
N ALA C 252 9.98 -14.48 42.98
CA ALA C 252 8.63 -14.96 43.28
C ALA C 252 8.65 -15.84 44.52
N MET C 253 9.70 -16.64 44.66
CA MET C 253 9.75 -17.62 45.71
C MET C 253 10.43 -17.07 46.93
N GLY C 254 10.86 -15.84 46.86
CA GLY C 254 11.43 -15.21 48.05
C GLY C 254 12.92 -15.40 48.30
N VAL C 255 13.68 -15.67 47.25
CA VAL C 255 15.13 -15.71 47.28
C VAL C 255 15.64 -14.29 47.26
N ALA C 256 16.66 -13.95 48.02
CA ALA C 256 17.27 -12.64 48.02
C ALA C 256 18.19 -12.34 46.84
N LEU C 257 18.06 -11.16 46.22
CA LEU C 257 19.06 -10.67 45.25
C LEU C 257 20.08 -9.91 46.00
N GLY C 258 21.27 -9.88 45.47
CA GLY C 258 22.35 -9.16 46.14
C GLY C 258 22.40 -7.84 45.42
N PRO C 259 23.37 -7.06 45.76
CA PRO C 259 23.32 -5.68 45.27
C PRO C 259 23.52 -5.54 43.79
N THR C 260 24.11 -6.53 43.12
CA THR C 260 24.32 -6.49 41.66
C THR C 260 23.03 -6.73 40.90
N GLY C 261 22.03 -7.33 41.55
CA GLY C 261 20.87 -7.78 40.82
C GLY C 261 20.78 -9.26 40.54
N ALA C 262 21.88 -9.99 40.77
CA ALA C 262 21.91 -11.42 40.62
C ALA C 262 21.58 -12.05 41.97
N ILE C 263 21.24 -13.34 41.96
CA ILE C 263 20.95 -14.00 43.22
C ILE C 263 22.21 -13.97 44.12
N ALA C 264 22.03 -13.63 45.38
CA ALA C 264 23.11 -13.65 46.35
C ALA C 264 23.39 -15.08 46.78
N THR C 265 24.68 -15.34 47.11
CA THR C 265 25.09 -16.66 47.59
C THR C 265 26.21 -16.64 48.65
N ASP C 266 26.39 -17.75 49.36
CA ASP C 266 27.62 -17.92 50.18
C ASP C 266 28.69 -18.89 49.55
N GLU C 267 29.72 -19.26 50.30
CA GLU C 267 30.79 -20.04 49.70
C GLU C 267 30.27 -21.42 49.31
N ARG C 268 29.01 -21.69 49.65
CA ARG C 268 28.46 -23.03 49.40
C ARG C 268 27.39 -23.00 48.33
N MET C 269 27.28 -21.84 47.73
CA MET C 269 26.27 -21.60 46.75
C MET C 269 24.87 -21.55 47.32
N ARG C 270 24.75 -21.26 48.61
CA ARG C 270 23.44 -21.30 49.23
C ARG C 270 22.79 -19.90 49.23
N THR C 271 21.49 -19.86 48.93
CA THR C 271 20.75 -18.63 48.92
C THR C 271 20.27 -18.40 50.34
N ASN C 272 19.42 -17.42 50.51
CA ASN C 272 18.88 -17.18 51.85
C ASN C 272 17.89 -18.25 52.33
N LEU C 273 17.28 -19.05 51.45
CA LEU C 273 16.43 -20.17 51.88
C LEU C 273 17.19 -21.49 52.09
N GLU C 274 16.96 -22.13 53.24
CA GLU C 274 17.44 -23.51 53.50
C GLU C 274 16.98 -24.32 52.33
N GLY C 275 17.85 -25.17 51.82
CA GLY C 275 17.50 -26.01 50.69
C GLY C 275 17.73 -25.50 49.27
N VAL C 276 17.82 -24.17 49.12
CA VAL C 276 17.80 -23.54 47.83
C VAL C 276 19.15 -22.91 47.45
N TYR C 277 19.64 -23.33 46.30
CA TYR C 277 20.99 -23.01 45.86
C TYR C 277 20.93 -22.20 44.58
N ALA C 278 21.92 -21.39 44.29
CA ALA C 278 21.92 -20.85 42.94
C ALA C 278 23.30 -21.07 42.22
N ALA C 279 23.30 -21.28 40.89
CA ALA C 279 24.55 -21.50 40.10
C ALA C 279 24.53 -20.89 38.73
N GLY C 280 25.63 -20.31 38.28
CA GLY C 280 25.72 -19.85 36.89
C GLY C 280 25.40 -18.37 36.68
N ASP C 281 24.78 -18.06 35.54
CA ASP C 281 24.71 -16.65 35.19
C ASP C 281 23.73 -15.91 35.99
N VAL C 282 22.97 -16.60 36.80
CA VAL C 282 21.93 -15.97 37.62
C VAL C 282 22.49 -15.55 39.00
N ALA C 283 23.77 -15.86 39.27
CA ALA C 283 24.29 -15.83 40.66
C ALA C 283 25.49 -14.94 40.84
N GLU C 284 25.56 -14.20 41.92
CA GLU C 284 26.68 -13.29 42.16
C GLU C 284 27.84 -14.16 42.59
N SER C 285 29.06 -13.63 42.49
CA SER C 285 30.25 -14.29 43.01
C SER C 285 31.07 -13.25 43.82
N PHE C 286 31.93 -13.75 44.72
CA PHE C 286 32.66 -12.78 45.52
C PHE C 286 33.87 -12.33 44.76
N HIS C 287 34.04 -11.02 44.57
CA HIS C 287 35.26 -10.48 43.93
C HIS C 287 36.44 -10.31 44.90
N ARG C 288 37.54 -10.95 44.61
CA ARG C 288 38.63 -10.97 45.56
C ARG C 288 39.46 -9.69 45.55
N VAL C 289 39.35 -8.90 44.51
CA VAL C 289 40.10 -7.65 44.52
C VAL C 289 39.21 -6.59 45.21
N LEU C 290 37.97 -6.42 44.73
CA LEU C 290 37.07 -5.44 45.32
C LEU C 290 36.57 -5.84 46.74
N LYS C 291 36.83 -7.09 47.13
CA LYS C 291 36.28 -7.69 48.33
C LYS C 291 34.78 -7.44 48.54
N ARG C 292 33.95 -7.63 47.51
CA ARG C 292 32.51 -7.64 47.70
C ARG C 292 31.84 -8.52 46.66
N PRO C 293 30.51 -8.63 46.70
CA PRO C 293 29.85 -9.42 45.65
C PRO C 293 29.85 -8.68 44.35
N TYR C 294 29.74 -9.46 43.29
CA TYR C 294 30.07 -9.02 41.97
C TYR C 294 29.42 -9.99 40.95
N TRP C 295 29.22 -9.59 39.70
CA TRP C 295 28.49 -10.47 38.83
C TRP C 295 29.43 -10.80 37.69
N LEU C 296 29.76 -12.06 37.51
CA LEU C 296 30.72 -12.34 36.51
C LEU C 296 30.21 -13.54 35.69
N PRO C 297 29.32 -13.26 34.72
CA PRO C 297 28.69 -14.31 33.92
C PRO C 297 29.54 -14.99 32.87
N LEU C 298 30.59 -15.69 33.30
CA LEU C 298 31.36 -16.52 32.40
C LEU C 298 31.09 -17.98 32.69
N GLY C 299 31.52 -18.82 31.74
CA GLY C 299 31.11 -20.19 31.66
C GLY C 299 31.98 -21.02 32.56
N ASP C 300 33.21 -20.62 32.75
CA ASP C 300 33.97 -21.34 33.75
C ASP C 300 33.41 -21.05 35.14
N VAL C 301 33.01 -19.82 35.43
CA VAL C 301 32.51 -19.64 36.74
C VAL C 301 31.17 -20.36 36.83
N ALA C 302 30.50 -20.62 35.73
CA ALA C 302 29.20 -21.27 35.89
C ALA C 302 29.46 -22.70 36.24
N ASN C 303 30.41 -23.35 35.58
CA ASN C 303 30.79 -24.69 36.02
C ASN C 303 31.34 -24.80 37.48
N LYS C 304 32.10 -23.81 37.91
CA LYS C 304 32.47 -23.84 39.32
C LYS C 304 31.23 -23.68 40.30
N HIS C 305 30.32 -22.77 40.04
CA HIS C 305 29.12 -22.72 40.88
C HIS C 305 28.49 -24.07 40.91
N GLY C 306 28.09 -24.60 39.74
CA GLY C 306 27.41 -25.86 39.64
C GLY C 306 28.12 -26.98 40.35
N ARG C 307 29.41 -27.14 40.15
CA ARG C 307 30.13 -28.24 40.77
C ARG C 307 30.05 -28.09 42.26
N THR C 308 30.15 -26.87 42.73
CA THR C 308 30.13 -26.65 44.17
C THR C 308 28.77 -27.00 44.78
N ALA C 309 27.68 -26.64 44.12
CA ALA C 309 26.33 -26.88 44.63
C ALA C 309 26.12 -28.33 44.65
N GLY C 310 26.38 -28.97 43.53
CA GLY C 310 26.28 -30.40 43.46
C GLY C 310 27.09 -31.17 44.52
N SER C 311 28.39 -30.87 44.66
CA SER C 311 29.12 -31.47 45.78
C SER C 311 28.44 -31.28 47.13
N VAL C 312 28.14 -30.03 47.46
CA VAL C 312 27.57 -29.72 48.75
C VAL C 312 26.30 -30.54 49.00
N ILE C 313 25.31 -30.46 48.13
CA ILE C 313 24.17 -31.38 48.14
C ILE C 313 24.49 -32.90 48.33
N ALA C 314 25.45 -33.44 47.62
CA ALA C 314 25.74 -34.84 47.77
C ALA C 314 26.46 -35.09 49.11
N GLY C 315 26.60 -34.05 49.88
CA GLY C 315 27.25 -34.19 51.14
C GLY C 315 28.75 -34.20 51.16
N ARG C 316 29.46 -33.93 50.05
CA ARG C 316 30.89 -33.50 50.09
C ARG C 316 31.09 -32.10 50.55
N GLU C 317 32.15 -31.86 51.28
CA GLU C 317 32.42 -30.50 51.74
C GLU C 317 33.05 -29.88 50.51
N ALA C 318 32.51 -28.76 50.03
CA ALA C 318 33.13 -28.04 48.88
C ALA C 318 32.85 -26.60 49.07
N ARG C 319 33.78 -25.77 48.70
CA ARG C 319 33.52 -24.33 48.86
C ARG C 319 33.90 -23.56 47.62
N PHE C 320 33.17 -22.49 47.28
CA PHE C 320 33.59 -21.60 46.19
C PHE C 320 34.17 -20.31 46.72
N LEU C 321 35.41 -20.02 46.40
CA LEU C 321 36.04 -18.93 47.15
C LEU C 321 36.22 -17.62 46.40
N GLY C 322 35.57 -17.46 45.26
CA GLY C 322 35.63 -16.20 44.56
C GLY C 322 36.26 -16.16 43.19
N VAL C 323 36.10 -14.99 42.58
CA VAL C 323 36.69 -14.73 41.30
C VAL C 323 37.50 -13.45 41.38
N VAL C 324 38.35 -13.28 40.39
CA VAL C 324 39.09 -12.09 40.22
C VAL C 324 38.71 -11.33 38.86
N GLY C 325 37.88 -11.93 38.02
CA GLY C 325 37.45 -11.32 36.76
C GLY C 325 38.27 -11.66 35.49
N THR C 326 38.99 -12.80 35.44
CA THR C 326 39.78 -13.17 34.29
C THR C 326 38.87 -13.43 33.05
N ALA C 327 39.19 -12.84 31.92
CA ALA C 327 38.45 -13.20 30.73
C ALA C 327 39.34 -13.11 29.52
N ILE C 328 39.03 -13.94 28.55
CA ILE C 328 39.84 -13.96 27.35
C ILE C 328 38.88 -14.22 26.17
N PHE C 329 39.10 -13.53 25.05
CA PHE C 329 38.35 -13.82 23.84
C PHE C 329 39.20 -13.65 22.61
N LYS C 330 38.75 -14.17 21.47
CA LYS C 330 39.50 -13.99 20.28
C LYS C 330 38.73 -13.03 19.36
N ALA C 331 39.41 -12.08 18.76
CA ALA C 331 38.79 -11.21 17.76
C ALA C 331 39.68 -11.22 16.53
N PHE C 332 39.32 -11.92 15.48
CA PHE C 332 40.24 -12.07 14.34
C PHE C 332 41.61 -12.59 14.74
N ASP C 333 42.66 -11.81 14.52
CA ASP C 333 44.01 -12.23 14.80
C ASP C 333 44.50 -11.82 16.16
N LEU C 334 43.63 -11.29 17.01
CA LEU C 334 44.08 -10.95 18.36
C LEU C 334 43.46 -11.87 19.39
N ALA C 335 44.23 -12.20 20.41
CA ALA C 335 43.64 -12.79 21.60
C ALA C 335 43.72 -11.72 22.70
N VAL C 336 42.61 -11.37 23.29
CA VAL C 336 42.67 -10.31 24.29
C VAL C 336 42.25 -10.86 25.66
N ALA C 337 43.14 -10.76 26.66
CA ALA C 337 42.78 -11.22 27.98
C ALA C 337 42.93 -10.16 29.03
N THR C 338 41.94 -10.02 29.90
CA THR C 338 41.98 -9.07 31.02
C THR C 338 41.67 -9.80 32.28
N THR C 339 42.05 -9.22 33.39
CA THR C 339 41.84 -9.82 34.70
C THR C 339 41.87 -8.70 35.74
N GLY C 340 41.12 -8.83 36.84
CA GLY C 340 41.18 -7.76 37.83
C GLY C 340 40.54 -6.47 37.34
N LEU C 341 40.85 -5.31 37.93
CA LEU C 341 40.29 -3.99 37.55
C LEU C 341 41.13 -3.31 36.53
N SER C 342 40.52 -2.49 35.70
CA SER C 342 41.31 -1.61 34.81
C SER C 342 41.70 -0.40 35.61
N LEU C 343 42.68 0.37 35.13
CA LEU C 343 42.92 1.67 35.72
C LEU C 343 41.64 2.55 35.90
N GLU C 344 40.79 2.62 34.86
CA GLU C 344 39.58 3.42 35.04
C GLU C 344 38.80 3.01 36.27
N GLY C 345 38.37 1.77 36.28
CA GLY C 345 37.64 1.30 37.41
C GLY C 345 38.41 1.22 38.69
N ALA C 346 39.75 1.14 38.66
CA ALA C 346 40.45 0.99 39.91
C ALA C 346 40.36 2.33 40.56
N LEU C 347 40.40 3.39 39.71
CA LEU C 347 40.27 4.76 40.26
C LEU C 347 38.85 5.03 40.76
N LYS C 348 37.86 4.59 39.99
CA LYS C 348 36.50 4.77 40.42
C LYS C 348 36.26 4.19 41.86
N GLU C 349 36.79 3.02 42.11
CA GLU C 349 36.82 2.44 43.46
C GLU C 349 37.58 3.22 44.53
N GLY C 350 38.37 4.19 44.11
CA GLY C 350 39.16 4.88 45.06
C GLY C 350 40.56 4.45 45.34
N PHE C 351 41.18 3.60 44.53
CA PHE C 351 42.57 3.32 44.83
C PHE C 351 43.45 4.43 44.27
N TRP C 352 44.61 4.66 44.89
CA TRP C 352 45.52 5.56 44.12
C TRP C 352 46.23 4.70 43.10
N ALA C 353 45.65 4.59 41.92
CA ALA C 353 46.12 3.57 40.98
C ALA C 353 46.96 4.12 39.75
N LYS C 354 47.87 3.31 39.23
CA LYS C 354 48.66 3.72 38.08
C LYS C 354 48.64 2.56 37.10
N LYS C 355 48.96 2.82 35.86
CA LYS C 355 49.11 1.75 34.90
C LYS C 355 50.45 1.81 34.15
N VAL C 356 50.81 0.69 33.57
CA VAL C 356 51.93 0.73 32.69
C VAL C 356 51.54 -0.15 31.52
N PHE C 357 51.97 0.13 30.31
CA PHE C 357 51.50 -0.65 29.16
C PHE C 357 52.62 -0.79 28.15
N ILE C 358 53.12 -1.98 27.97
CA ILE C 358 54.27 -2.14 27.15
C ILE C 358 53.99 -3.04 26.01
N GLN C 359 54.80 -2.92 24.96
CA GLN C 359 54.60 -3.80 23.82
C GLN C 359 55.90 -4.54 23.67
N SER C 360 55.83 -5.88 23.58
CA SER C 360 56.95 -6.75 23.56
C SER C 360 56.70 -7.73 22.45
N ARG C 361 57.45 -8.86 22.44
CA ARG C 361 57.31 -9.88 21.40
C ARG C 361 56.87 -11.18 22.07
N ASP C 362 56.45 -12.14 21.27
CA ASP C 362 55.97 -13.41 21.75
C ASP C 362 57.01 -14.49 21.43
N GLY C 363 58.24 -14.18 21.69
CA GLY C 363 59.31 -15.06 21.26
C GLY C 363 60.51 -14.16 20.99
N ALA C 364 61.72 -14.67 21.07
CA ALA C 364 62.90 -13.95 20.63
C ALA C 364 62.77 -13.00 19.46
N HIS C 365 63.46 -11.88 19.47
CA HIS C 365 63.47 -11.02 18.27
C HIS C 365 63.86 -11.82 17.05
N TYR C 366 64.98 -12.54 17.12
CA TYR C 366 65.45 -13.38 16.02
C TYR C 366 64.62 -14.59 15.55
N TYR C 367 63.65 -15.04 16.32
CA TYR C 367 62.92 -16.23 15.97
C TYR C 367 61.86 -15.99 14.91
N PRO C 368 61.83 -16.83 13.90
CA PRO C 368 60.98 -16.57 12.73
C PRO C 368 59.52 -16.67 13.06
N GLY C 369 58.81 -15.58 12.80
CA GLY C 369 57.39 -15.58 12.98
C GLY C 369 56.91 -15.09 14.30
N SER C 370 57.81 -14.76 15.21
CA SER C 370 57.43 -14.21 16.51
C SER C 370 56.66 -12.90 16.25
N GLY C 371 55.56 -12.76 16.98
CA GLY C 371 54.68 -11.64 16.77
C GLY C 371 54.60 -10.80 18.01
N PRO C 372 53.68 -9.88 18.02
CA PRO C 372 53.76 -8.91 19.09
C PRO C 372 53.01 -9.46 20.26
N LEU C 373 53.28 -8.91 21.45
CA LEU C 373 52.55 -9.27 22.65
C LEU C 373 52.56 -8.07 23.53
N TRP C 374 51.44 -7.61 24.06
CA TRP C 374 51.40 -6.36 24.83
C TRP C 374 50.92 -6.73 26.19
N VAL C 375 51.46 -6.09 27.20
CA VAL C 375 50.94 -6.40 28.51
C VAL C 375 50.73 -5.12 29.27
N GLU C 376 49.65 -5.04 30.07
CA GLU C 376 49.29 -3.90 30.91
C GLU C 376 49.17 -4.36 32.34
N LEU C 377 49.63 -3.55 33.22
CA LEU C 377 49.62 -3.84 34.62
C LEU C 377 48.98 -2.60 35.29
N VAL C 378 48.02 -2.84 36.19
CA VAL C 378 47.28 -1.81 36.89
C VAL C 378 47.61 -2.08 38.32
N TYR C 379 48.23 -1.08 39.00
CA TYR C 379 48.73 -1.32 40.36
C TYR C 379 48.51 -0.12 41.29
N GLU C 380 48.58 -0.34 42.61
CA GLU C 380 48.36 0.67 43.62
C GLU C 380 49.69 1.41 43.93
N GLU C 381 49.63 2.74 44.10
CA GLU C 381 50.82 3.61 44.08
C GLU C 381 51.95 3.28 45.11
N GLY C 382 51.59 3.03 46.34
CA GLY C 382 52.64 3.00 47.32
C GLY C 382 53.00 1.58 47.63
N THR C 383 51.94 0.78 47.80
CA THR C 383 52.05 -0.63 48.19
C THR C 383 52.63 -1.53 47.06
N GLY C 384 52.40 -1.11 45.84
CA GLY C 384 52.75 -1.95 44.72
C GLY C 384 51.82 -3.10 44.40
N ARG C 385 50.71 -3.16 45.15
CA ARG C 385 49.69 -4.16 45.07
C ARG C 385 49.16 -4.19 43.66
N LEU C 386 49.17 -5.40 43.02
CA LEU C 386 48.54 -5.54 41.70
C LEU C 386 47.04 -5.45 41.91
N LEU C 387 46.37 -4.86 40.90
CA LEU C 387 44.92 -4.66 40.91
C LEU C 387 44.20 -5.17 39.68
N GLY C 388 44.92 -5.36 38.58
CA GLY C 388 44.33 -5.74 37.31
C GLY C 388 45.45 -5.77 36.23
N GLY C 389 45.23 -6.42 35.09
CA GLY C 389 46.22 -6.48 34.06
C GLY C 389 45.53 -6.94 32.79
N ALA C 390 46.18 -6.69 31.69
CA ALA C 390 45.65 -7.27 30.48
C ALA C 390 46.84 -7.89 29.73
N VAL C 391 46.64 -8.94 28.92
CA VAL C 391 47.68 -9.18 27.88
C VAL C 391 46.97 -9.42 26.59
N VAL C 392 47.49 -8.88 25.48
CA VAL C 392 46.92 -9.20 24.18
C VAL C 392 48.00 -9.72 23.27
N ALA C 393 47.69 -10.75 22.47
CA ALA C 393 48.73 -11.43 21.66
C ALA C 393 48.03 -12.02 20.48
N ARG C 394 48.72 -12.65 19.52
CA ARG C 394 48.00 -13.52 18.55
C ARG C 394 47.77 -14.91 19.19
N GLY C 395 48.79 -15.32 19.98
CA GLY C 395 48.92 -16.55 20.80
C GLY C 395 47.73 -17.32 21.37
N HIS C 396 47.77 -18.67 21.18
CA HIS C 396 46.71 -19.81 21.25
C HIS C 396 47.01 -20.65 22.47
N GLY C 397 47.45 -19.60 23.28
CA GLY C 397 48.70 -19.04 23.78
C GLY C 397 49.10 -17.55 24.10
N ALA C 398 48.66 -17.06 25.26
CA ALA C 398 49.12 -15.85 26.08
C ALA C 398 47.92 -14.93 26.48
N LEU C 399 47.32 -15.12 27.67
CA LEU C 399 47.29 -16.44 28.45
C LEU C 399 48.32 -16.51 29.55
N ARG C 400 49.40 -15.74 29.36
CA ARG C 400 50.17 -15.27 30.51
C ARG C 400 49.18 -14.56 31.48
N ILE C 401 48.01 -14.15 30.99
CA ILE C 401 47.08 -13.51 31.89
C ILE C 401 46.89 -14.34 33.18
N ASP C 402 46.98 -15.67 33.02
CA ASP C 402 46.79 -16.61 34.13
C ASP C 402 47.75 -16.34 35.27
N VAL C 403 48.98 -15.84 34.98
CA VAL C 403 49.96 -15.56 36.02
C VAL C 403 49.46 -14.39 36.91
N LEU C 404 48.82 -13.41 36.28
CA LEU C 404 48.44 -12.23 36.99
C LEU C 404 47.21 -12.63 37.77
N ALA C 405 46.32 -13.44 37.20
CA ALA C 405 45.23 -13.93 38.08
C ALA C 405 45.75 -14.71 39.36
N ALA C 406 46.82 -15.46 39.21
CA ALA C 406 47.33 -16.21 40.31
C ALA C 406 47.84 -15.21 41.32
N LEU C 407 48.47 -14.10 40.89
CA LEU C 407 48.94 -13.07 41.83
C LEU C 407 47.78 -12.31 42.54
N LEU C 408 46.76 -11.99 41.75
CA LEU C 408 45.60 -11.23 42.23
C LEU C 408 44.90 -11.99 43.31
N HIS C 409 45.13 -13.28 43.40
CA HIS C 409 44.32 -14.13 44.26
C HIS C 409 44.76 -14.08 45.72
N ARG C 410 46.06 -14.26 46.03
CA ARG C 410 46.71 -13.76 47.26
C ARG C 410 46.80 -12.19 47.07
N GLU C 411 47.56 -11.39 47.78
CA GLU C 411 47.44 -9.98 47.36
C GLU C 411 48.28 -9.60 46.17
N GLY C 412 49.57 -9.84 46.25
CA GLY C 412 50.36 -9.92 45.05
C GLY C 412 50.79 -8.56 44.57
N SER C 413 52.10 -8.30 44.61
CA SER C 413 52.63 -6.99 44.20
C SER C 413 53.45 -7.07 42.93
N VAL C 414 53.66 -5.93 42.35
CA VAL C 414 54.57 -5.86 41.26
C VAL C 414 55.89 -6.55 41.66
N GLU C 415 56.35 -6.28 42.89
CA GLU C 415 57.56 -6.86 43.39
C GLU C 415 57.51 -8.42 43.35
N ASP C 416 56.41 -9.00 43.78
CA ASP C 416 56.15 -10.45 43.60
C ASP C 416 56.28 -10.92 42.15
N LEU C 417 55.66 -10.22 41.23
CA LEU C 417 55.64 -10.58 39.84
C LEU C 417 57.12 -10.56 39.41
N LEU C 418 57.83 -9.53 39.82
CA LEU C 418 59.23 -9.35 39.43
C LEU C 418 60.13 -10.53 39.82
N ALA C 419 59.75 -11.23 40.89
CA ALA C 419 60.55 -12.32 41.46
C ALA C 419 60.30 -13.69 40.86
N LEU C 420 59.22 -13.78 40.08
CA LEU C 420 58.86 -15.03 39.46
C LEU C 420 59.94 -15.53 38.50
N ASP C 421 60.00 -16.86 38.45
CA ASP C 421 60.87 -17.61 37.60
C ASP C 421 60.05 -18.13 36.39
N LEU C 422 59.79 -17.25 35.43
CA LEU C 422 59.03 -17.69 34.26
C LEU C 422 59.78 -18.59 33.21
N ALA C 423 59.01 -19.19 32.31
CA ALA C 423 59.61 -19.95 31.22
C ALA C 423 60.20 -19.12 30.05
N TYR C 424 61.37 -19.49 29.59
CA TYR C 424 62.01 -18.85 28.45
C TYR C 424 62.53 -19.87 27.42
N ALA C 425 62.26 -19.66 26.15
CA ALA C 425 62.97 -20.34 25.10
C ALA C 425 62.58 -19.61 23.84
N PRO C 426 63.51 -19.41 22.89
CA PRO C 426 63.32 -18.53 21.75
C PRO C 426 61.96 -18.62 20.98
N PRO C 427 61.41 -19.80 20.78
CA PRO C 427 60.05 -19.86 20.14
C PRO C 427 58.88 -19.28 20.99
N PHE C 428 59.01 -19.05 22.29
CA PHE C 428 57.82 -18.90 23.09
C PHE C 428 57.73 -17.63 23.81
N SER C 429 58.87 -17.14 24.33
CA SER C 429 58.95 -15.76 24.87
C SER C 429 60.37 -15.20 24.72
N PRO C 430 60.58 -13.84 24.66
CA PRO C 430 61.90 -13.20 24.74
C PRO C 430 62.53 -13.55 26.07
N VAL C 431 63.81 -13.33 26.31
CA VAL C 431 64.49 -13.82 27.50
C VAL C 431 64.00 -13.09 28.77
N TRP C 432 63.63 -11.85 28.63
CA TRP C 432 62.79 -11.25 29.65
C TRP C 432 61.32 -11.44 29.26
N ASP C 433 60.56 -12.24 30.00
CA ASP C 433 59.13 -12.33 29.68
C ASP C 433 58.30 -11.00 29.66
N PRO C 434 57.42 -10.80 28.69
CA PRO C 434 56.73 -9.54 28.73
C PRO C 434 56.17 -9.16 30.10
N LEU C 435 55.65 -10.11 30.87
CA LEU C 435 55.22 -9.80 32.23
C LEU C 435 56.32 -9.16 33.03
N LEU C 436 57.55 -9.65 32.95
CA LEU C 436 58.64 -8.99 33.72
C LEU C 436 59.03 -7.67 33.10
N ILE C 437 58.97 -7.48 31.77
CA ILE C 437 59.48 -6.19 31.33
C ILE C 437 58.41 -5.18 31.83
N ALA C 438 57.15 -5.49 31.67
CA ALA C 438 56.12 -4.64 32.30
C ALA C 438 56.37 -4.41 33.80
N ALA C 439 56.88 -5.38 34.57
CA ALA C 439 56.93 -5.17 36.01
C ALA C 439 57.91 -4.07 36.33
N GLN C 440 57.27 -3.04 36.91
CA GLN C 440 57.87 -1.76 37.42
C GLN C 440 58.49 -1.01 36.17
N GLN C 441 59.74 -1.61 36.03
CA GLN C 441 60.39 -2.09 34.86
C GLN C 441 59.56 -1.36 33.71
N ALA C 442 60.30 -0.65 32.81
CA ALA C 442 59.82 0.28 31.77
C ALA C 442 58.40 0.85 32.07
N ARG C 443 57.93 1.80 31.21
CA ARG C 443 56.63 2.57 31.38
C ARG C 443 55.49 2.38 30.29
N MET D 1 25.11 16.81 -77.32
CA MET D 1 24.58 18.14 -76.94
C MET D 1 24.59 18.46 -75.38
N GLY D 2 24.00 19.65 -75.05
CA GLY D 2 23.87 20.25 -73.69
C GLY D 2 22.46 20.85 -73.28
N LYS D 3 21.44 20.06 -73.59
CA LYS D 3 20.08 20.46 -73.42
C LYS D 3 19.56 20.31 -71.97
N ARG D 4 18.28 20.67 -71.75
CA ARG D 4 17.72 20.78 -70.39
C ARG D 4 16.74 19.63 -70.10
N MET D 5 17.03 18.85 -69.05
CA MET D 5 16.26 17.72 -68.59
C MET D 5 15.49 18.17 -67.40
N VAL D 6 14.17 18.11 -67.47
CA VAL D 6 13.36 18.45 -66.32
C VAL D 6 12.65 17.19 -65.85
N VAL D 7 12.82 16.89 -64.55
CA VAL D 7 12.18 15.75 -63.89
C VAL D 7 11.01 16.20 -62.98
N VAL D 8 9.82 15.69 -63.28
CA VAL D 8 8.65 15.95 -62.42
C VAL D 8 8.49 14.86 -61.35
N GLY D 9 8.94 15.14 -60.14
CA GLY D 9 8.84 14.15 -59.09
C GLY D 9 10.21 13.71 -58.69
N GLY D 10 10.61 13.89 -57.41
CA GLY D 10 11.98 13.65 -56.99
C GLY D 10 12.18 12.43 -56.07
N VAL D 11 11.34 11.41 -56.17
CA VAL D 11 11.43 10.56 -55.03
C VAL D 11 12.39 9.47 -55.30
N ALA D 12 12.14 8.63 -56.30
CA ALA D 12 12.94 7.39 -56.47
C ALA D 12 13.15 7.10 -57.93
N GLY D 13 12.07 6.95 -58.69
CA GLY D 13 12.16 6.96 -60.13
C GLY D 13 12.80 8.29 -60.56
N GLY D 14 12.31 9.42 -60.05
CA GLY D 14 12.84 10.69 -60.48
C GLY D 14 14.26 10.93 -59.98
N ALA D 15 14.61 10.63 -58.76
CA ALA D 15 15.92 10.99 -58.36
C ALA D 15 16.93 10.09 -59.09
N SER D 16 16.57 8.84 -59.34
CA SER D 16 17.41 7.96 -60.18
C SER D 16 17.84 8.51 -61.50
N ALA D 17 16.85 8.94 -62.25
CA ALA D 17 16.99 9.42 -63.58
C ALA D 17 17.80 10.67 -63.49
N ALA D 18 17.44 11.62 -62.63
CA ALA D 18 18.28 12.78 -62.44
C ALA D 18 19.76 12.48 -62.21
N ALA D 19 20.05 11.53 -61.31
CA ALA D 19 21.42 11.44 -60.86
C ALA D 19 22.27 10.79 -61.93
N LYS D 20 21.68 9.80 -62.60
CA LYS D 20 22.37 8.97 -63.55
C LYS D 20 22.56 9.75 -64.80
N ALA D 21 21.55 10.49 -65.22
CA ALA D 21 21.69 11.39 -66.38
C ALA D 21 22.87 12.37 -66.21
N LYS D 22 22.90 13.03 -65.05
CA LYS D 22 23.91 14.10 -64.89
C LYS D 22 25.30 13.48 -64.88
N ARG D 23 25.41 12.23 -64.36
CA ARG D 23 26.66 11.48 -64.20
C ARG D 23 27.20 11.13 -65.57
N GLU D 24 26.29 10.75 -66.44
CA GLU D 24 26.64 10.06 -67.68
C GLU D 24 26.84 11.08 -68.74
N ASN D 25 26.38 12.30 -68.44
CA ASN D 25 26.57 13.43 -69.33
C ASN D 25 26.39 14.78 -68.66
N PRO D 26 27.49 15.26 -68.12
CA PRO D 26 27.50 16.44 -67.24
C PRO D 26 27.16 17.70 -67.97
N GLU D 27 27.26 17.67 -69.29
CA GLU D 27 26.74 18.74 -70.16
C GLU D 27 25.28 19.13 -69.93
N LEU D 28 24.47 18.15 -69.55
CA LEU D 28 23.04 18.33 -69.37
C LEU D 28 22.72 19.32 -68.27
N GLU D 29 21.69 20.15 -68.45
CA GLU D 29 21.18 20.95 -67.30
C GLU D 29 20.10 20.06 -66.70
N VAL D 30 20.25 19.68 -65.44
CA VAL D 30 19.30 18.74 -64.87
C VAL D 30 18.56 19.38 -63.70
N VAL D 31 17.26 19.44 -63.79
CA VAL D 31 16.50 20.01 -62.71
C VAL D 31 15.26 19.14 -62.35
N VAL D 32 15.09 18.99 -61.04
CA VAL D 32 14.03 18.21 -60.40
C VAL D 32 13.00 19.15 -59.67
N TYR D 33 11.72 19.08 -60.06
CA TYR D 33 10.66 19.74 -59.34
C TYR D 33 9.86 18.70 -58.49
N GLU D 34 9.96 18.79 -57.16
CA GLU D 34 9.34 17.83 -56.25
C GLU D 34 8.34 18.58 -55.43
N LYS D 35 7.08 18.21 -55.52
CA LYS D 35 6.11 18.96 -54.69
C LYS D 35 6.14 18.82 -53.18
N SER D 36 6.74 17.76 -52.68
CA SER D 36 6.58 17.36 -51.29
C SER D 36 7.66 17.90 -50.43
N GLY D 37 8.56 18.66 -50.96
CA GLY D 37 9.46 19.06 -49.92
C GLY D 37 10.27 18.02 -49.14
N TRP D 38 10.17 16.75 -49.51
CA TRP D 38 11.34 15.86 -49.29
C TRP D 38 11.70 15.16 -50.61
N VAL D 39 12.98 14.85 -50.78
CA VAL D 39 13.38 14.34 -52.08
C VAL D 39 14.34 13.19 -51.80
N SER D 40 14.33 12.17 -52.68
CA SER D 40 15.23 11.05 -52.54
C SER D 40 15.23 10.34 -51.18
N TYR D 41 14.16 9.68 -50.80
CA TYR D 41 14.11 9.05 -49.50
C TYR D 41 13.47 7.68 -49.61
N GLY D 42 13.65 6.86 -48.57
CA GLY D 42 13.20 5.49 -48.66
C GLY D 42 11.84 5.29 -48.08
N ALA D 43 10.78 5.47 -48.85
CA ALA D 43 9.47 5.32 -48.20
C ALA D 43 9.31 3.95 -47.52
N CYS D 44 10.02 2.96 -48.05
CA CYS D 44 10.00 1.63 -47.54
C CYS D 44 10.42 1.57 -46.09
N GLY D 45 11.24 2.47 -45.62
CA GLY D 45 11.68 2.34 -44.28
C GLY D 45 10.73 3.00 -43.31
N LEU D 46 9.59 3.50 -43.76
CA LEU D 46 8.79 4.29 -42.84
C LEU D 46 8.28 3.42 -41.70
N PRO D 47 7.92 2.19 -41.99
CA PRO D 47 7.42 1.50 -40.82
C PRO D 47 8.49 1.32 -39.75
N TYR D 48 9.77 1.37 -40.09
CA TYR D 48 10.83 1.10 -39.10
C TYR D 48 11.13 2.36 -38.27
N VAL D 49 10.49 3.45 -38.65
CA VAL D 49 10.70 4.68 -37.94
C VAL D 49 9.51 4.79 -37.03
N LEU D 50 8.33 4.58 -37.60
CA LEU D 50 7.11 4.43 -36.79
C LEU D 50 7.31 3.57 -35.57
N SER D 51 7.89 2.40 -35.78
CA SER D 51 8.15 1.41 -34.73
C SER D 51 9.15 1.85 -33.71
N GLY D 52 9.90 2.91 -33.96
CA GLY D 52 10.95 3.29 -33.02
C GLY D 52 12.34 2.71 -33.29
N GLU D 53 12.46 1.65 -34.11
CA GLU D 53 13.77 1.04 -34.35
C GLU D 53 14.75 1.98 -35.10
N ILE D 54 14.24 2.88 -35.92
CA ILE D 54 15.04 3.93 -36.50
C ILE D 54 14.62 5.22 -35.83
N PRO D 55 15.53 5.83 -35.10
CA PRO D 55 15.47 7.05 -34.27
C PRO D 55 14.83 8.18 -35.00
N ARG D 56 15.38 8.70 -36.09
CA ARG D 56 14.77 9.89 -36.71
C ARG D 56 14.39 9.66 -38.19
N LEU D 57 13.28 10.22 -38.62
CA LEU D 57 12.84 10.23 -39.99
C LEU D 57 13.93 10.67 -41.04
N GLU D 58 14.67 11.75 -40.80
CA GLU D 58 15.79 12.09 -41.66
C GLU D 58 16.81 10.95 -41.93
N ARG D 59 16.74 9.83 -41.24
CA ARG D 59 17.69 8.74 -41.50
C ARG D 59 17.35 7.99 -42.82
N LEU D 60 16.21 8.32 -43.40
CA LEU D 60 15.68 7.56 -44.51
C LEU D 60 16.11 8.20 -45.84
N VAL D 61 16.67 9.41 -45.73
CA VAL D 61 16.96 10.22 -46.90
C VAL D 61 18.31 9.68 -47.44
N ALA D 62 18.40 9.47 -48.75
CA ALA D 62 19.61 8.97 -49.46
C ALA D 62 20.55 10.08 -49.89
N ARG D 63 19.99 11.12 -50.52
CA ARG D 63 20.76 12.27 -50.91
C ARG D 63 19.93 13.50 -50.58
N THR D 64 20.58 14.54 -50.03
CA THR D 64 19.90 15.81 -49.68
C THR D 64 19.99 16.73 -50.85
N PRO D 65 19.11 17.75 -50.87
CA PRO D 65 19.17 18.64 -52.02
C PRO D 65 20.46 19.42 -52.03
N GLU D 66 21.02 19.69 -50.88
CA GLU D 66 22.37 20.19 -50.93
C GLU D 66 23.40 19.22 -51.54
N GLU D 67 23.28 17.91 -51.31
CA GLU D 67 24.32 17.02 -51.89
C GLU D 67 24.16 16.91 -53.39
N PHE D 68 22.91 16.89 -53.81
CA PHE D 68 22.62 16.93 -55.20
C PHE D 68 23.24 18.20 -55.82
N ARG D 69 23.03 19.36 -55.21
CA ARG D 69 23.56 20.60 -55.78
C ARG D 69 25.05 20.38 -55.97
N LYS D 70 25.78 19.94 -54.95
CA LYS D 70 27.20 19.69 -55.18
C LYS D 70 27.46 18.84 -56.40
N GLN D 71 26.52 17.98 -56.82
CA GLN D 71 26.85 17.02 -57.91
C GLN D 71 26.32 17.50 -59.20
N GLY D 72 25.87 18.76 -59.22
CA GLY D 72 25.36 19.40 -60.40
C GLY D 72 23.92 19.21 -60.71
N VAL D 73 23.12 18.79 -59.73
CA VAL D 73 21.68 18.58 -59.96
C VAL D 73 20.93 19.58 -59.11
N LEU D 74 20.00 20.27 -59.74
CA LEU D 74 19.23 21.30 -59.03
C LEU D 74 17.93 20.79 -58.61
N VAL D 75 17.72 20.64 -57.30
CA VAL D 75 16.39 20.16 -56.87
C VAL D 75 15.59 21.23 -56.16
N HIS D 76 14.36 21.44 -56.65
CA HIS D 76 13.42 22.27 -55.92
C HIS D 76 12.28 21.53 -55.27
N THR D 77 12.29 21.56 -53.92
CA THR D 77 11.13 21.01 -53.15
C THR D 77 9.93 21.94 -53.01
N ARG D 78 8.80 21.35 -52.65
CA ARG D 78 7.57 22.13 -52.52
C ARG D 78 7.40 22.96 -53.82
N HIS D 79 7.58 22.29 -54.97
CA HIS D 79 7.33 22.87 -56.32
C HIS D 79 6.44 21.97 -57.10
N GLU D 80 5.25 22.39 -57.40
CA GLU D 80 4.43 21.43 -58.02
C GLU D 80 4.26 21.82 -59.47
N VAL D 81 4.52 20.91 -60.41
CA VAL D 81 4.27 21.29 -61.76
C VAL D 81 2.82 21.04 -62.09
N VAL D 82 2.16 22.11 -62.46
CA VAL D 82 0.73 22.18 -62.62
C VAL D 82 0.25 22.02 -64.02
N ASP D 83 1.04 22.42 -65.02
CA ASP D 83 0.69 22.13 -66.40
C ASP D 83 1.94 21.98 -67.23
N VAL D 84 1.78 21.21 -68.31
CA VAL D 84 2.82 21.06 -69.33
C VAL D 84 2.27 21.42 -70.71
N ASP D 85 2.89 22.39 -71.41
CA ASP D 85 2.55 22.75 -72.80
C ASP D 85 3.26 21.84 -73.77
N TYR D 86 2.81 20.64 -73.73
CA TYR D 86 3.44 19.53 -74.32
C TYR D 86 3.85 19.70 -75.73
N GLU D 87 3.37 18.67 -76.40
CA GLU D 87 2.98 18.68 -77.87
C GLU D 87 1.39 18.60 -78.34
N LEU D 88 0.64 19.73 -78.38
CA LEU D 88 1.08 21.13 -78.11
C LEU D 88 2.47 21.56 -78.62
N ARG D 89 3.30 22.12 -77.75
CA ARG D 89 4.66 22.40 -78.12
C ARG D 89 5.19 23.31 -77.08
N THR D 90 6.16 22.77 -76.28
CA THR D 90 6.90 23.43 -75.21
C THR D 90 6.73 24.94 -75.51
N LEU D 91 6.69 25.95 -74.60
CA LEU D 91 7.25 26.11 -73.20
C LEU D 91 7.22 24.85 -72.45
N THR D 92 6.31 25.01 -71.49
CA THR D 92 5.45 23.98 -71.09
C THR D 92 5.45 24.06 -69.60
N VAL D 93 6.47 23.64 -68.89
CA VAL D 93 6.22 23.68 -67.46
C VAL D 93 5.77 25.12 -66.97
N HIS D 94 4.56 25.20 -66.37
CA HIS D 94 4.18 26.23 -65.34
C HIS D 94 4.16 25.46 -64.07
N ASP D 95 5.00 25.85 -63.15
CA ASP D 95 4.91 25.20 -61.90
C ASP D 95 4.77 26.23 -60.73
N HIS D 96 4.51 25.78 -59.48
CA HIS D 96 4.26 26.73 -58.40
C HIS D 96 5.28 26.67 -57.16
N ALA D 97 6.10 27.72 -56.77
CA ALA D 97 6.97 27.71 -55.48
C ALA D 97 6.19 28.06 -54.21
N GLU D 98 6.96 28.72 -53.30
CA GLU D 98 6.51 29.47 -52.05
C GLU D 98 6.50 31.01 -52.20
N GLY D 99 5.22 31.41 -52.48
CA GLY D 99 4.76 32.66 -53.10
C GLY D 99 4.23 32.35 -54.50
N ARG D 100 5.19 32.26 -55.42
CA ARG D 100 4.98 32.53 -56.85
C ARG D 100 4.56 31.39 -57.72
N THR D 101 4.34 31.70 -58.99
CA THR D 101 4.34 30.65 -59.96
C THR D 101 5.10 31.08 -61.26
N PHE D 102 5.48 30.15 -62.14
CA PHE D 102 6.39 30.50 -63.20
C PHE D 102 6.57 29.47 -64.31
N GLN D 103 7.26 29.86 -65.38
CA GLN D 103 7.42 28.97 -66.53
C GLN D 103 8.80 28.36 -66.62
N ASP D 104 8.84 27.24 -67.34
CA ASP D 104 10.13 26.68 -67.64
C ASP D 104 9.94 25.92 -68.90
N ARG D 105 11.07 25.67 -69.57
CA ARG D 105 11.08 24.88 -70.79
C ARG D 105 11.73 23.53 -70.47
N PHE D 106 11.56 22.59 -71.40
CA PHE D 106 12.39 21.43 -71.34
C PHE D 106 12.76 20.88 -72.69
N ASP D 107 13.73 20.01 -72.76
CA ASP D 107 14.02 19.29 -74.01
C ASP D 107 13.77 17.85 -73.75
N HIS D 108 14.06 17.39 -72.53
CA HIS D 108 13.70 16.05 -72.10
C HIS D 108 12.88 16.21 -70.82
N LEU D 109 11.81 15.47 -70.73
CA LEU D 109 10.98 15.53 -69.54
C LEU D 109 10.83 14.12 -68.97
N VAL D 110 11.10 14.01 -67.68
CA VAL D 110 10.84 12.75 -67.01
C VAL D 110 9.70 12.88 -66.07
N LEU D 111 8.64 12.17 -66.44
CA LEU D 111 7.43 11.97 -65.61
C LEU D 111 7.60 10.91 -64.48
N ALA D 112 7.75 11.37 -63.23
CA ALA D 112 8.01 10.45 -62.14
C ALA D 112 7.18 10.88 -60.96
N THR D 113 5.86 10.96 -61.20
CA THR D 113 4.93 11.50 -60.21
C THR D 113 4.39 10.47 -59.18
N GLY D 114 4.78 9.22 -59.35
CA GLY D 114 4.46 8.24 -58.36
C GLY D 114 3.03 7.80 -58.22
N ALA D 115 2.62 7.44 -57.02
CA ALA D 115 1.30 6.93 -56.78
C ALA D 115 0.76 7.45 -55.43
N ARG D 116 -0.56 7.55 -55.41
CA ARG D 116 -1.26 8.00 -54.22
C ARG D 116 -2.10 6.84 -53.70
N PRO D 117 -2.36 6.89 -52.38
CA PRO D 117 -3.23 5.92 -51.72
C PRO D 117 -4.62 6.02 -52.31
N SER D 118 -5.22 4.88 -52.63
CA SER D 118 -6.58 4.70 -53.08
C SER D 118 -7.51 4.38 -51.88
N LEU D 119 -8.23 5.40 -51.43
CA LEU D 119 -9.15 5.29 -50.29
C LEU D 119 -10.55 4.81 -50.63
N PRO D 120 -11.08 3.86 -49.84
CA PRO D 120 -12.43 3.41 -50.11
C PRO D 120 -13.43 4.55 -49.63
N PRO D 121 -14.62 4.61 -50.28
CA PRO D 121 -15.73 5.58 -50.00
C PRO D 121 -16.46 5.19 -48.67
N ILE D 122 -15.99 5.80 -47.60
CA ILE D 122 -16.42 5.40 -46.29
C ILE D 122 -16.64 6.66 -45.51
N PRO D 123 -17.86 6.83 -45.08
CA PRO D 123 -18.18 8.09 -44.38
C PRO D 123 -17.34 8.16 -43.12
N GLY D 124 -16.71 9.30 -42.91
CA GLY D 124 -16.03 9.51 -41.64
C GLY D 124 -14.51 9.42 -41.82
N THR D 125 -14.15 9.25 -43.09
CA THR D 125 -12.77 9.09 -43.51
C THR D 125 -12.02 10.36 -43.28
N GLU D 126 -12.76 11.44 -43.30
CA GLU D 126 -12.16 12.77 -43.25
C GLU D 126 -11.76 13.22 -41.87
N GLN D 127 -12.01 12.42 -40.84
CA GLN D 127 -11.85 12.89 -39.48
C GLN D 127 -10.39 12.92 -39.06
N GLU D 128 -10.17 12.98 -37.77
CA GLU D 128 -8.96 13.48 -37.28
C GLU D 128 -7.98 12.38 -36.99
N GLY D 129 -8.35 11.22 -36.49
CA GLY D 129 -7.23 10.30 -36.31
C GLY D 129 -7.13 9.24 -37.39
N VAL D 130 -7.52 9.60 -38.61
CA VAL D 130 -7.51 8.66 -39.74
C VAL D 130 -6.33 9.01 -40.56
N TYR D 131 -5.59 8.00 -40.99
CA TYR D 131 -4.24 8.17 -41.56
C TYR D 131 -3.91 7.29 -42.73
N THR D 132 -2.87 7.69 -43.41
CA THR D 132 -2.45 7.04 -44.63
C THR D 132 -0.93 6.92 -44.57
N LEU D 133 -0.32 5.95 -45.24
CA LEU D 133 1.15 5.83 -45.06
C LEU D 133 1.93 5.78 -46.36
N ARG D 134 2.31 6.95 -46.86
CA ARG D 134 2.86 6.90 -48.19
C ARG D 134 4.08 7.82 -48.29
N THR D 135 4.15 8.89 -47.48
CA THR D 135 5.14 9.94 -47.72
C THR D 135 5.79 10.35 -46.42
N MET D 136 6.85 11.15 -46.46
CA MET D 136 7.49 11.55 -45.22
C MET D 136 6.60 12.41 -44.36
N GLU D 137 5.65 13.09 -44.99
CA GLU D 137 4.73 13.88 -44.24
C GLU D 137 3.78 12.94 -43.45
N ASP D 138 3.29 11.87 -44.11
CA ASP D 138 2.49 10.86 -43.42
C ASP D 138 3.28 10.33 -42.25
N GLY D 139 4.55 10.05 -42.48
CA GLY D 139 5.48 9.72 -41.39
C GLY D 139 5.41 10.65 -40.19
N GLU D 140 5.63 11.95 -40.37
CA GLU D 140 5.49 12.97 -39.30
C GLU D 140 4.14 12.95 -38.61
N ARG D 141 3.06 13.00 -39.39
CA ARG D 141 1.74 12.93 -38.81
C ARG D 141 1.65 11.73 -37.84
N LEU D 142 1.81 10.50 -38.36
CA LEU D 142 1.70 9.28 -37.55
C LEU D 142 2.65 9.34 -36.35
N LEU D 143 3.82 9.91 -36.49
CA LEU D 143 4.83 9.82 -35.42
C LEU D 143 4.41 10.61 -34.18
N LYS D 144 3.80 11.76 -34.45
CA LYS D 144 3.14 12.68 -33.55
C LYS D 144 1.96 12.02 -32.78
N ALA D 145 1.13 11.23 -33.49
CA ALA D 145 0.02 10.53 -32.94
C ALA D 145 0.41 9.41 -32.03
N LEU D 146 1.46 8.72 -32.37
CA LEU D 146 1.72 7.39 -31.85
C LEU D 146 2.01 7.35 -30.36
N PRO D 147 2.87 8.24 -29.84
CA PRO D 147 2.99 8.16 -28.37
C PRO D 147 1.70 8.67 -27.78
N GLN D 148 1.08 8.08 -26.78
CA GLN D 148 -0.38 8.36 -26.56
C GLN D 148 -1.26 7.38 -27.32
N ALA D 149 -0.85 6.11 -27.27
CA ALA D 149 -1.46 4.96 -27.95
C ALA D 149 -2.72 5.31 -28.64
N ARG D 150 -3.82 4.55 -28.48
CA ARG D 150 -4.03 3.43 -27.59
C ARG D 150 -4.55 2.21 -28.30
N ARG D 151 -5.55 2.45 -29.14
CA ARG D 151 -6.26 1.35 -29.79
C ARG D 151 -6.12 1.62 -31.32
N ALA D 152 -5.52 0.75 -32.13
CA ALA D 152 -5.44 0.99 -33.57
C ALA D 152 -6.21 0.02 -34.47
N ALA D 153 -6.82 0.54 -35.53
CA ALA D 153 -7.46 -0.33 -36.49
C ALA D 153 -6.80 -0.07 -37.84
N ILE D 154 -6.38 -1.13 -38.51
CA ILE D 154 -5.77 -1.02 -39.81
C ILE D 154 -6.68 -1.67 -40.83
N LEU D 155 -7.20 -0.87 -41.76
CA LEU D 155 -7.93 -1.40 -42.89
C LEU D 155 -6.98 -1.87 -43.96
N GLY D 156 -7.00 -3.16 -44.29
CA GLY D 156 -6.16 -3.73 -45.33
C GLY D 156 -5.01 -4.63 -44.85
N ALA D 157 -5.02 -5.88 -45.29
CA ALA D 157 -3.91 -6.73 -44.93
C ALA D 157 -2.97 -7.09 -46.07
N GLY D 158 -2.57 -6.07 -46.85
CA GLY D 158 -1.49 -6.14 -47.82
C GLY D 158 -0.14 -5.75 -47.23
N TYR D 159 0.73 -5.20 -48.03
CA TYR D 159 2.06 -4.92 -47.54
C TYR D 159 2.07 -3.79 -46.49
N ILE D 160 1.66 -2.57 -46.81
CA ILE D 160 1.73 -1.54 -45.78
C ILE D 160 0.71 -2.08 -44.83
N GLY D 161 0.88 -2.11 -43.56
CA GLY D 161 -0.35 -2.65 -43.05
C GLY D 161 -0.18 -3.98 -42.39
N LEU D 162 0.15 -5.04 -43.11
CA LEU D 162 0.91 -6.09 -42.38
C LEU D 162 2.17 -5.40 -41.73
N GLU D 163 2.89 -4.58 -42.49
CA GLU D 163 4.08 -4.07 -41.97
C GLU D 163 3.69 -3.11 -40.95
N ALA D 164 2.58 -2.40 -41.13
CA ALA D 164 2.22 -1.39 -40.09
C ALA D 164 1.80 -1.99 -38.76
N ALA D 165 1.11 -3.15 -38.83
CA ALA D 165 0.67 -3.88 -37.64
C ALA D 165 1.83 -4.17 -36.73
N GLU D 166 2.93 -4.69 -37.29
CA GLU D 166 4.19 -4.84 -36.57
C GLU D 166 4.67 -3.58 -35.90
N ALA D 167 4.57 -2.45 -36.60
CA ALA D 167 5.12 -1.20 -36.07
C ALA D 167 4.33 -0.81 -34.84
N PHE D 168 2.99 -0.77 -35.05
CA PHE D 168 2.07 -0.33 -34.01
C PHE D 168 2.18 -1.20 -32.80
N ARG D 169 2.28 -2.52 -33.00
CA ARG D 169 2.43 -3.38 -31.83
C ARG D 169 3.74 -3.06 -31.08
N LYS D 170 4.85 -2.90 -31.79
CA LYS D 170 6.07 -2.52 -31.13
C LYS D 170 5.97 -1.21 -30.36
N ARG D 171 5.02 -0.36 -30.75
CA ARG D 171 4.83 0.89 -30.07
C ARG D 171 3.82 0.81 -28.93
N GLY D 172 3.48 -0.42 -28.56
CA GLY D 172 2.51 -0.61 -27.51
C GLY D 172 1.03 -0.66 -27.85
N LEU D 173 0.58 -0.17 -29.02
CA LEU D 173 -0.88 -0.08 -29.28
C LEU D 173 -1.54 -1.42 -29.34
N GLN D 174 -2.86 -1.45 -29.17
CA GLN D 174 -3.47 -2.72 -29.43
C GLN D 174 -3.98 -2.63 -30.84
N VAL D 175 -3.77 -3.65 -31.66
CA VAL D 175 -4.10 -3.38 -33.05
C VAL D 175 -4.96 -4.49 -33.59
N THR D 176 -6.01 -4.07 -34.31
CA THR D 176 -6.87 -5.06 -34.92
C THR D 176 -6.90 -4.75 -36.40
N LEU D 177 -6.69 -5.76 -37.22
CA LEU D 177 -6.52 -5.61 -38.65
C LEU D 177 -7.82 -6.01 -39.33
N LEU D 178 -8.38 -5.10 -40.17
CA LEU D 178 -9.62 -5.38 -40.91
C LEU D 178 -9.41 -5.70 -42.40
N GLU D 179 -9.64 -6.92 -42.82
CA GLU D 179 -9.48 -7.16 -44.24
C GLU D 179 -10.81 -7.57 -44.90
N ALA D 180 -11.03 -7.01 -46.07
CA ALA D 180 -12.23 -7.30 -46.84
C ALA D 180 -12.28 -8.66 -47.44
N LYS D 181 -11.18 -9.16 -48.00
CA LYS D 181 -11.16 -10.57 -48.45
C LYS D 181 -10.96 -11.55 -47.30
N ASP D 182 -10.71 -12.83 -47.59
CA ASP D 182 -10.79 -13.88 -46.52
C ASP D 182 -9.53 -14.20 -45.76
N ARG D 183 -8.40 -13.66 -46.20
CA ARG D 183 -7.16 -13.96 -45.54
C ARG D 183 -6.30 -12.77 -45.59
N PRO D 184 -5.26 -12.69 -44.72
CA PRO D 184 -4.25 -11.63 -44.95
C PRO D 184 -3.46 -11.95 -46.22
N LEU D 185 -3.02 -10.94 -46.96
CA LEU D 185 -2.26 -11.14 -48.22
C LEU D 185 -3.06 -12.00 -49.18
N PRO D 186 -4.28 -11.56 -49.43
CA PRO D 186 -5.33 -12.17 -50.23
C PRO D 186 -4.80 -12.36 -51.61
N HIS D 187 -3.81 -11.54 -51.96
CA HIS D 187 -3.35 -11.50 -53.32
C HIS D 187 -2.53 -12.73 -53.72
N TRP D 188 -2.29 -13.56 -52.72
CA TRP D 188 -1.46 -14.75 -52.90
C TRP D 188 -2.20 -15.97 -52.37
N ASP D 189 -1.93 -17.12 -52.98
CA ASP D 189 -2.35 -18.43 -52.48
C ASP D 189 -2.42 -18.52 -50.97
N PRO D 190 -3.35 -19.30 -50.47
CA PRO D 190 -3.69 -18.97 -49.11
C PRO D 190 -2.84 -19.67 -48.07
N GLU D 191 -1.99 -20.61 -48.50
CA GLU D 191 -1.07 -21.22 -47.51
C GLU D 191 -0.26 -20.11 -46.79
N VAL D 192 0.25 -19.13 -47.57
CA VAL D 192 1.03 -18.04 -47.01
C VAL D 192 0.12 -17.19 -46.14
N GLY D 193 -1.05 -16.81 -46.68
CA GLY D 193 -2.02 -16.10 -45.89
C GLY D 193 -2.16 -16.74 -44.49
N ALA D 194 -2.31 -18.06 -44.42
CA ALA D 194 -2.46 -18.73 -43.13
C ALA D 194 -1.30 -18.52 -42.20
N LEU D 195 -0.09 -18.68 -42.75
CA LEU D 195 1.15 -18.63 -41.95
C LEU D 195 1.20 -17.25 -41.28
N LEU D 196 0.65 -16.25 -42.00
CA LEU D 196 0.71 -14.85 -41.55
C LEU D 196 -0.30 -14.59 -40.46
N LYS D 197 -1.50 -15.16 -40.63
CA LYS D 197 -2.55 -14.99 -39.65
C LYS D 197 -2.06 -15.61 -38.36
N GLU D 198 -1.49 -16.82 -38.47
CA GLU D 198 -0.88 -17.39 -37.26
C GLU D 198 0.13 -16.43 -36.57
N GLU D 199 1.07 -15.87 -37.36
CA GLU D 199 2.09 -15.00 -36.76
C GLU D 199 1.52 -13.72 -36.16
N LEU D 200 0.56 -13.14 -36.87
CA LEU D 200 -0.01 -11.91 -36.38
C LEU D 200 -0.65 -12.20 -35.01
N GLU D 201 -1.23 -13.39 -34.89
CA GLU D 201 -2.08 -13.59 -33.74
C GLU D 201 -1.13 -13.90 -32.64
N ARG D 202 -0.21 -14.80 -32.91
CA ARG D 202 0.90 -15.03 -31.99
C ARG D 202 1.44 -13.72 -31.38
N HIS D 203 1.34 -12.59 -32.06
CA HIS D 203 1.95 -11.37 -31.54
C HIS D 203 0.96 -10.44 -31.07
N GLY D 204 -0.28 -10.91 -30.95
CA GLY D 204 -1.29 -10.12 -30.29
C GLY D 204 -2.09 -9.20 -31.15
N VAL D 205 -2.20 -9.55 -32.42
CA VAL D 205 -2.89 -8.70 -33.36
C VAL D 205 -4.13 -9.45 -33.62
N GLU D 206 -5.28 -8.77 -33.54
CA GLU D 206 -6.53 -9.42 -33.91
C GLU D 206 -6.78 -9.38 -35.40
N VAL D 207 -6.99 -10.49 -36.05
CA VAL D 207 -7.24 -10.26 -37.49
C VAL D 207 -8.72 -10.59 -37.95
N TRP D 208 -9.53 -9.56 -38.26
CA TRP D 208 -10.88 -9.71 -38.83
C TRP D 208 -10.79 -10.00 -40.37
N THR D 209 -11.46 -11.04 -40.83
CA THR D 209 -11.52 -11.33 -42.23
C THR D 209 -12.93 -11.08 -42.78
N GLY D 210 -13.08 -11.01 -44.12
CA GLY D 210 -14.36 -10.74 -44.75
C GLY D 210 -15.16 -9.65 -44.07
N VAL D 211 -14.53 -8.52 -43.78
CA VAL D 211 -15.15 -7.44 -43.03
C VAL D 211 -15.68 -6.38 -43.95
N LYS D 212 -16.87 -5.86 -43.67
CA LYS D 212 -17.37 -4.80 -44.55
C LYS D 212 -17.29 -3.49 -43.78
N VAL D 213 -16.21 -2.74 -43.89
CA VAL D 213 -16.20 -1.56 -43.06
C VAL D 213 -17.25 -0.55 -43.48
N GLU D 214 -18.12 -0.14 -42.57
CA GLU D 214 -19.28 0.67 -42.95
C GLU D 214 -19.14 2.14 -42.64
N ALA D 215 -18.41 2.53 -41.58
CA ALA D 215 -18.18 3.99 -41.30
C ALA D 215 -17.37 4.23 -40.10
N PHE D 216 -16.71 5.39 -40.09
CA PHE D 216 -15.76 5.74 -38.98
C PHE D 216 -16.45 6.68 -38.01
N ARG D 217 -16.80 6.16 -36.85
CA ARG D 217 -17.65 6.89 -35.90
C ARG D 217 -16.87 8.00 -35.22
N GLY D 218 -17.45 9.19 -35.23
CA GLY D 218 -16.94 10.28 -34.45
C GLY D 218 -17.59 11.58 -34.82
N MET D 219 -17.22 12.62 -34.08
CA MET D 219 -17.71 13.96 -34.35
C MET D 219 -16.54 14.75 -34.96
N GLY D 220 -15.87 14.11 -35.93
CA GLY D 220 -14.62 14.59 -36.53
C GLY D 220 -13.37 14.18 -35.75
N ARG D 221 -13.45 13.15 -34.90
CA ARG D 221 -12.28 12.72 -34.17
C ARG D 221 -11.94 11.29 -34.42
N VAL D 222 -12.98 10.44 -34.35
CA VAL D 222 -12.82 8.98 -34.57
C VAL D 222 -12.42 8.30 -33.30
N GLU D 223 -13.19 7.28 -33.05
CA GLU D 223 -13.14 6.56 -31.83
C GLU D 223 -13.67 5.17 -32.20
N ALA D 224 -14.31 4.98 -33.35
CA ALA D 224 -14.82 3.64 -33.57
C ALA D 224 -14.56 2.78 -34.85
N VAL D 225 -15.07 3.02 -36.05
CA VAL D 225 -15.07 1.94 -37.06
C VAL D 225 -16.15 0.88 -36.79
N GLU D 226 -17.22 1.09 -37.55
CA GLU D 226 -18.44 0.33 -37.46
C GLU D 226 -18.38 -0.62 -38.63
N THR D 227 -18.48 -1.90 -38.37
CA THR D 227 -18.45 -2.85 -39.46
C THR D 227 -19.68 -3.77 -39.46
N SER D 228 -19.98 -4.37 -40.58
CA SER D 228 -20.83 -5.58 -40.64
C SER D 228 -20.68 -6.69 -39.49
N GLU D 229 -19.50 -6.80 -38.92
CA GLU D 229 -19.22 -7.87 -37.98
C GLU D 229 -19.11 -7.33 -36.53
N GLY D 230 -19.62 -6.13 -36.27
CA GLY D 230 -19.46 -5.58 -34.94
C GLY D 230 -18.81 -4.22 -34.94
N VAL D 231 -18.41 -3.72 -33.78
CA VAL D 231 -17.83 -2.40 -33.76
C VAL D 231 -16.44 -2.44 -33.18
N VAL D 232 -15.43 -1.97 -33.92
CA VAL D 232 -14.08 -1.93 -33.35
C VAL D 232 -13.74 -0.61 -32.71
N PRO D 233 -13.55 -0.56 -31.43
CA PRO D 233 -13.20 0.82 -31.02
C PRO D 233 -11.78 1.12 -31.34
N ALA D 234 -11.48 2.36 -31.73
CA ALA D 234 -10.14 2.75 -32.18
C ALA D 234 -9.90 4.26 -32.20
N ASP D 235 -8.78 4.73 -31.68
CA ASP D 235 -8.50 6.16 -31.70
C ASP D 235 -7.46 6.58 -32.75
N LEU D 236 -6.96 5.57 -33.44
CA LEU D 236 -6.09 5.77 -34.58
C LEU D 236 -6.42 4.72 -35.62
N VAL D 237 -6.77 5.20 -36.80
CA VAL D 237 -7.00 4.23 -37.88
C VAL D 237 -6.15 4.54 -39.09
N LEU D 238 -5.53 3.48 -39.65
CA LEU D 238 -4.64 3.53 -40.78
C LEU D 238 -5.36 2.90 -41.99
N LEU D 239 -5.48 3.68 -43.07
CA LEU D 239 -6.05 3.17 -44.28
C LEU D 239 -4.96 2.60 -45.17
N ALA D 240 -4.92 1.29 -45.33
CA ALA D 240 -3.84 0.66 -46.10
C ALA D 240 -4.47 -0.19 -47.13
N THR D 241 -5.18 0.46 -48.02
CA THR D 241 -6.16 -0.18 -48.89
C THR D 241 -5.72 -0.06 -50.36
N GLY D 242 -4.40 0.13 -50.63
CA GLY D 242 -3.88 0.07 -52.01
C GLY D 242 -3.56 1.47 -52.53
N ILE D 243 -2.96 1.49 -53.71
CA ILE D 243 -2.50 2.77 -54.26
C ILE D 243 -2.88 2.79 -55.71
N ARG D 244 -2.87 3.96 -56.30
CA ARG D 244 -3.16 4.01 -57.71
C ARG D 244 -2.21 5.08 -58.25
N PRO D 245 -1.85 4.96 -59.55
CA PRO D 245 -0.77 5.84 -60.09
C PRO D 245 -1.21 7.26 -60.27
N ASN D 246 -0.31 8.22 -60.13
CA ASN D 246 -0.58 9.64 -60.41
C ASN D 246 -0.41 10.04 -61.84
N THR D 247 -1.41 9.68 -62.64
CA THR D 247 -1.34 9.93 -64.07
C THR D 247 -1.94 11.26 -64.51
N GLU D 248 -2.34 12.11 -63.58
CA GLU D 248 -3.28 13.18 -63.88
C GLU D 248 -2.62 14.28 -64.78
N LEU D 249 -1.51 14.86 -64.33
CA LEU D 249 -0.71 15.74 -65.17
C LEU D 249 -0.28 15.07 -66.49
N ALA D 250 0.12 13.82 -66.47
CA ALA D 250 0.46 13.16 -67.72
C ALA D 250 -0.68 13.13 -68.74
N GLN D 251 -1.93 12.90 -68.34
CA GLN D 251 -2.99 12.83 -69.32
C GLN D 251 -3.27 14.21 -69.80
N ALA D 252 -3.24 15.22 -68.93
CA ALA D 252 -3.43 16.61 -69.38
C ALA D 252 -2.59 16.90 -70.61
N MET D 253 -1.32 16.44 -70.58
CA MET D 253 -0.42 16.78 -71.63
C MET D 253 -0.44 15.77 -72.79
N GLY D 254 -1.40 14.88 -72.81
CA GLY D 254 -1.51 13.94 -73.92
C GLY D 254 -0.66 12.66 -73.93
N VAL D 255 -0.13 12.28 -72.76
CA VAL D 255 0.61 11.01 -72.61
C VAL D 255 -0.41 9.89 -72.59
N ALA D 256 -0.17 8.82 -73.35
CA ALA D 256 -0.93 7.55 -73.28
C ALA D 256 -0.86 6.75 -71.95
N LEU D 257 -2.00 6.25 -71.49
CA LEU D 257 -1.98 5.29 -70.38
C LEU D 257 -2.04 3.94 -71.03
N GLY D 258 -1.47 2.96 -70.37
CA GLY D 258 -1.54 1.60 -70.89
C GLY D 258 -2.71 0.99 -70.23
N PRO D 259 -2.94 -0.29 -70.47
CA PRO D 259 -4.20 -0.90 -70.04
C PRO D 259 -4.32 -1.00 -68.53
N THR D 260 -3.22 -0.89 -67.79
CA THR D 260 -3.29 -0.98 -66.31
C THR D 260 -3.71 0.34 -65.69
N GLY D 261 -3.68 1.40 -66.46
CA GLY D 261 -3.94 2.71 -65.90
C GLY D 261 -2.69 3.54 -65.54
N ALA D 262 -1.53 2.86 -65.43
CA ALA D 262 -0.25 3.49 -65.31
C ALA D 262 0.22 3.98 -66.70
N ILE D 263 1.18 4.93 -66.74
CA ILE D 263 1.74 5.41 -68.03
C ILE D 263 2.40 4.26 -68.80
N ALA D 264 2.19 4.19 -70.11
CA ALA D 264 2.82 3.15 -70.95
C ALA D 264 4.23 3.56 -71.29
N THR D 265 5.09 2.57 -71.45
CA THR D 265 6.48 2.85 -71.83
C THR D 265 7.06 1.73 -72.70
N ASP D 266 8.15 2.06 -73.42
CA ASP D 266 8.97 1.06 -74.12
C ASP D 266 10.22 0.69 -73.34
N GLU D 267 11.11 -0.06 -73.96
CA GLU D 267 12.26 -0.57 -73.25
C GLU D 267 13.14 0.62 -72.90
N ARG D 268 12.87 1.76 -73.51
CA ARG D 268 13.70 2.90 -73.17
C ARG D 268 13.03 3.89 -72.21
N MET D 269 11.94 3.41 -71.62
CA MET D 269 11.13 4.23 -70.73
C MET D 269 10.55 5.45 -71.46
N ARG D 270 10.35 5.35 -72.77
CA ARG D 270 9.80 6.47 -73.53
C ARG D 270 8.28 6.34 -73.69
N THR D 271 7.60 7.49 -73.54
CA THR D 271 6.13 7.52 -73.64
C THR D 271 5.80 7.75 -75.08
N ASN D 272 4.53 7.87 -75.41
CA ASN D 272 4.12 8.14 -76.77
C ASN D 272 4.66 9.51 -77.29
N LEU D 273 4.91 10.50 -76.45
CA LEU D 273 5.53 11.73 -76.92
C LEU D 273 7.08 11.74 -77.04
N GLU D 274 7.57 12.26 -78.18
CA GLU D 274 9.03 12.49 -78.40
C GLU D 274 9.44 13.37 -77.29
N GLY D 275 10.56 13.06 -76.61
CA GLY D 275 11.10 13.83 -75.50
C GLY D 275 10.65 13.45 -74.07
N VAL D 276 9.54 12.69 -73.97
CA VAL D 276 8.87 12.48 -72.67
C VAL D 276 8.92 11.05 -72.19
N TYR D 277 9.55 10.89 -71.03
CA TYR D 277 9.82 9.57 -70.44
C TYR D 277 8.98 9.36 -69.19
N ALA D 278 8.74 8.12 -68.79
CA ALA D 278 8.15 7.91 -67.46
C ALA D 278 8.93 6.94 -66.61
N ALA D 279 8.99 7.19 -65.31
CA ALA D 279 9.72 6.29 -64.43
C ALA D 279 9.11 6.13 -63.01
N GLY D 280 9.01 4.88 -62.53
CA GLY D 280 8.66 4.68 -61.14
C GLY D 280 7.27 4.16 -60.93
N ASP D 281 6.56 4.70 -59.94
CA ASP D 281 5.27 4.09 -59.58
C ASP D 281 4.17 4.55 -60.52
N VAL D 282 4.48 5.47 -61.40
CA VAL D 282 3.51 5.99 -62.31
C VAL D 282 3.58 5.19 -63.62
N ALA D 283 4.56 4.31 -63.76
CA ALA D 283 4.80 3.70 -65.07
C ALA D 283 4.61 2.18 -65.13
N GLU D 284 4.01 1.68 -66.21
CA GLU D 284 3.83 0.22 -66.40
C GLU D 284 5.17 -0.44 -66.65
N SER D 285 5.27 -1.73 -66.37
CA SER D 285 6.44 -2.48 -66.78
C SER D 285 6.03 -3.76 -67.50
N PHE D 286 6.94 -4.34 -68.27
CA PHE D 286 6.55 -5.51 -69.04
C PHE D 286 6.70 -6.74 -68.16
N HIS D 287 5.65 -7.52 -68.00
CA HIS D 287 5.77 -8.74 -67.21
C HIS D 287 6.19 -9.90 -68.06
N ARG D 288 7.24 -10.60 -67.63
CA ARG D 288 7.90 -11.59 -68.46
C ARG D 288 7.25 -12.97 -68.41
N VAL D 289 6.38 -13.17 -67.42
CA VAL D 289 5.65 -14.38 -67.35
C VAL D 289 4.41 -14.19 -68.18
N LEU D 290 3.63 -13.13 -67.93
CA LEU D 290 2.31 -12.87 -68.62
C LEU D 290 2.55 -12.35 -70.02
N LYS D 291 3.80 -12.02 -70.31
CA LYS D 291 4.13 -11.34 -71.55
C LYS D 291 3.16 -10.21 -71.94
N ARG D 292 2.88 -9.31 -71.02
CA ARG D 292 2.22 -8.07 -71.37
C ARG D 292 2.53 -6.96 -70.37
N PRO D 293 2.01 -5.77 -70.59
CA PRO D 293 2.32 -4.73 -69.60
C PRO D 293 1.55 -5.04 -68.33
N TYR D 294 2.07 -4.45 -67.23
CA TYR D 294 1.73 -4.86 -65.86
C TYR D 294 2.22 -3.77 -64.92
N TRP D 295 1.57 -3.58 -63.77
CA TRP D 295 1.94 -2.42 -62.93
C TRP D 295 2.60 -2.97 -61.70
N LEU D 296 3.89 -2.70 -61.47
CA LEU D 296 4.61 -3.27 -60.32
C LEU D 296 5.33 -2.18 -59.55
N PRO D 297 4.57 -1.42 -58.72
CA PRO D 297 5.12 -0.27 -57.98
C PRO D 297 6.05 -0.62 -56.80
N LEU D 298 7.17 -1.26 -57.11
CA LEU D 298 8.22 -1.46 -56.11
C LEU D 298 9.38 -0.51 -56.35
N GLY D 299 10.14 -0.27 -55.32
CA GLY D 299 11.18 0.72 -55.36
C GLY D 299 12.45 0.26 -56.04
N ASP D 300 12.71 -1.04 -56.10
CA ASP D 300 13.82 -1.49 -56.93
C ASP D 300 13.41 -1.29 -58.39
N VAL D 301 12.19 -1.74 -58.79
CA VAL D 301 11.75 -1.36 -60.14
C VAL D 301 11.75 0.14 -60.44
N ALA D 302 11.46 1.00 -59.48
CA ALA D 302 11.51 2.41 -59.78
C ALA D 302 12.95 2.90 -60.05
N ASN D 303 13.94 2.42 -59.31
CA ASN D 303 15.33 2.82 -59.59
C ASN D 303 15.78 2.30 -60.96
N LYS D 304 15.33 1.09 -61.30
CA LYS D 304 15.68 0.63 -62.58
C LYS D 304 14.98 1.51 -63.66
N HIS D 305 13.75 1.92 -63.50
CA HIS D 305 13.19 2.79 -64.50
C HIS D 305 14.07 4.05 -64.55
N GLY D 306 14.29 4.68 -63.43
CA GLY D 306 14.95 5.97 -63.46
C GLY D 306 16.33 5.88 -64.10
N ARG D 307 17.12 4.89 -63.68
CA ARG D 307 18.43 4.74 -64.23
C ARG D 307 18.39 4.60 -65.76
N THR D 308 17.42 3.85 -66.26
CA THR D 308 17.31 3.64 -67.69
C THR D 308 16.94 4.97 -68.41
N ALA D 309 15.97 5.71 -67.92
CA ALA D 309 15.62 6.97 -68.56
C ALA D 309 16.81 7.82 -68.55
N GLY D 310 17.34 8.08 -67.37
CA GLY D 310 18.50 8.94 -67.34
C GLY D 310 19.66 8.47 -68.23
N SER D 311 20.02 7.18 -68.27
CA SER D 311 21.05 6.73 -69.21
C SER D 311 20.73 7.12 -70.62
N VAL D 312 19.50 6.80 -71.03
CA VAL D 312 19.06 7.00 -72.38
C VAL D 312 19.11 8.45 -72.81
N ILE D 313 18.59 9.36 -72.01
CA ILE D 313 18.77 10.80 -72.17
C ILE D 313 20.23 11.29 -72.27
N ALA D 314 21.16 10.73 -71.53
CA ALA D 314 22.55 11.21 -71.57
C ALA D 314 23.21 10.61 -72.82
N GLY D 315 22.38 9.98 -73.64
CA GLY D 315 22.85 9.23 -74.78
C GLY D 315 23.60 7.93 -74.62
N ARG D 316 23.59 7.31 -73.44
CA ARG D 316 24.01 5.91 -73.28
C ARG D 316 22.95 4.99 -73.81
N GLU D 317 23.29 3.88 -74.43
CA GLU D 317 22.32 2.87 -74.76
C GLU D 317 21.97 2.09 -73.47
N ALA D 318 20.68 2.06 -73.15
CA ALA D 318 20.25 1.35 -71.95
C ALA D 318 18.88 0.86 -72.28
N ARG D 319 18.51 -0.30 -71.79
CA ARG D 319 17.17 -0.77 -72.02
C ARG D 319 16.67 -1.36 -70.73
N PHE D 320 15.36 -1.28 -70.51
CA PHE D 320 14.74 -1.98 -69.40
C PHE D 320 13.97 -3.19 -69.95
N LEU D 321 14.32 -4.37 -69.49
CA LEU D 321 13.70 -5.52 -70.09
C LEU D 321 12.59 -6.28 -69.35
N GLY D 322 11.99 -5.73 -68.30
CA GLY D 322 10.82 -6.37 -67.75
C GLY D 322 11.02 -6.79 -66.33
N VAL D 323 9.93 -7.25 -65.77
CA VAL D 323 9.93 -7.73 -64.41
C VAL D 323 9.18 -9.03 -64.37
N VAL D 324 9.31 -9.72 -63.26
CA VAL D 324 8.69 -10.98 -63.10
C VAL D 324 7.85 -10.95 -61.79
N GLY D 325 7.91 -9.83 -61.07
CA GLY D 325 7.06 -9.65 -59.92
C GLY D 325 7.59 -9.99 -58.53
N THR D 326 8.92 -10.11 -58.38
CA THR D 326 9.49 -10.55 -57.12
C THR D 326 9.22 -9.55 -56.01
N ALA D 327 8.72 -10.02 -54.88
CA ALA D 327 8.54 -9.16 -53.72
C ALA D 327 8.80 -9.87 -52.37
N ILE D 328 9.43 -9.14 -51.46
CA ILE D 328 9.69 -9.66 -50.17
C ILE D 328 9.38 -8.57 -49.10
N PHE D 329 8.81 -9.00 -47.99
CA PHE D 329 8.57 -8.12 -46.86
C PHE D 329 8.73 -8.86 -45.53
N LYS D 330 8.87 -8.10 -44.47
CA LYS D 330 8.94 -8.72 -43.16
C LYS D 330 7.70 -8.42 -42.32
N ALA D 331 7.11 -9.44 -41.77
CA ALA D 331 6.00 -9.30 -40.83
C ALA D 331 6.37 -10.01 -39.57
N PHE D 332 6.60 -9.28 -38.50
CA PHE D 332 7.19 -9.86 -37.25
C PHE D 332 8.37 -10.84 -37.45
N ASP D 333 8.17 -12.12 -37.17
CA ASP D 333 9.22 -13.12 -37.33
C ASP D 333 9.19 -13.92 -38.65
N LEU D 334 8.45 -13.42 -39.65
CA LEU D 334 8.45 -14.04 -40.96
C LEU D 334 8.98 -13.10 -42.00
N ALA D 335 9.72 -13.66 -42.94
CA ALA D 335 10.10 -12.99 -44.14
C ALA D 335 9.26 -13.69 -45.17
N VAL D 336 8.38 -12.98 -45.88
CA VAL D 336 7.56 -13.64 -46.90
C VAL D 336 8.00 -13.12 -48.25
N ALA D 337 8.43 -14.04 -49.12
CA ALA D 337 8.74 -13.63 -50.47
C ALA D 337 7.96 -14.35 -51.55
N THR D 338 7.35 -13.60 -52.47
CA THR D 338 6.70 -14.14 -53.67
C THR D 338 7.40 -13.69 -54.97
N THR D 339 7.06 -14.35 -56.07
CA THR D 339 7.60 -14.01 -57.38
C THR D 339 6.75 -14.72 -58.45
N GLY D 340 6.61 -14.11 -59.63
CA GLY D 340 5.74 -14.77 -60.61
C GLY D 340 4.24 -14.74 -60.24
N LEU D 341 3.48 -15.68 -60.80
CA LEU D 341 2.07 -15.74 -60.52
C LEU D 341 1.77 -16.75 -59.39
N SER D 342 0.73 -16.49 -58.60
CA SER D 342 0.22 -17.53 -57.70
C SER D 342 -0.62 -18.51 -58.52
N LEU D 343 -0.89 -19.70 -57.94
CA LEU D 343 -1.84 -20.62 -58.57
C LEU D 343 -3.16 -20.03 -58.94
N GLU D 344 -3.74 -19.24 -58.02
CA GLU D 344 -5.02 -18.56 -58.32
C GLU D 344 -4.90 -17.77 -59.61
N GLY D 345 -3.96 -16.81 -59.62
CA GLY D 345 -3.77 -15.97 -60.79
C GLY D 345 -3.30 -16.76 -62.04
N ALA D 346 -2.54 -17.81 -61.83
CA ALA D 346 -2.05 -18.54 -62.98
C ALA D 346 -3.26 -19.19 -63.66
N LEU D 347 -4.23 -19.68 -62.83
CA LEU D 347 -5.41 -20.28 -63.45
C LEU D 347 -6.30 -19.22 -64.08
N LYS D 348 -6.48 -18.09 -63.41
CA LYS D 348 -7.26 -17.00 -64.02
C LYS D 348 -6.72 -16.58 -65.41
N GLU D 349 -5.40 -16.57 -65.58
CA GLU D 349 -4.81 -16.43 -66.95
C GLU D 349 -5.01 -17.52 -67.96
N GLY D 350 -5.49 -18.66 -67.53
CA GLY D 350 -5.69 -19.75 -68.47
C GLY D 350 -4.67 -20.84 -68.46
N PHE D 351 -3.64 -20.83 -67.58
CA PHE D 351 -2.66 -21.94 -67.60
C PHE D 351 -3.18 -23.23 -67.04
N TRP D 352 -2.75 -24.36 -67.56
CA TRP D 352 -3.18 -25.47 -66.77
C TRP D 352 -2.20 -25.63 -65.62
N ALA D 353 -2.53 -25.04 -64.47
CA ALA D 353 -1.47 -24.90 -63.45
C ALA D 353 -1.63 -25.73 -62.20
N LYS D 354 -0.51 -26.14 -61.62
CA LYS D 354 -0.59 -26.86 -60.39
C LYS D 354 0.32 -26.17 -59.36
N LYS D 355 0.16 -26.48 -58.07
CA LYS D 355 1.09 -25.98 -57.04
C LYS D 355 1.66 -27.09 -56.19
N VAL D 356 2.74 -26.82 -55.50
CA VAL D 356 3.27 -27.74 -54.52
C VAL D 356 3.73 -26.86 -53.34
N PHE D 357 3.63 -27.34 -52.12
CA PHE D 357 3.88 -26.39 -51.02
C PHE D 357 4.46 -27.24 -49.88
N ILE D 358 5.76 -27.08 -49.59
CA ILE D 358 6.43 -27.95 -48.66
C ILE D 358 6.95 -27.14 -47.52
N GLN D 359 7.15 -27.77 -46.38
CA GLN D 359 7.80 -27.09 -45.27
C GLN D 359 9.03 -27.89 -44.82
N SER D 360 10.16 -27.21 -44.82
CA SER D 360 11.49 -27.80 -44.62
C SER D 360 12.14 -26.91 -43.56
N ARG D 361 13.46 -27.05 -43.39
CA ARG D 361 14.19 -26.28 -42.37
C ARG D 361 15.15 -25.33 -43.08
N ASP D 362 15.74 -24.42 -42.32
CA ASP D 362 16.65 -23.43 -42.84
C ASP D 362 18.12 -23.76 -42.36
N GLY D 363 18.52 -25.00 -42.53
CA GLY D 363 19.72 -25.49 -41.93
C GLY D 363 19.40 -26.91 -41.58
N ALA D 364 20.45 -27.65 -41.32
CA ALA D 364 20.36 -29.02 -40.91
C ALA D 364 19.42 -29.25 -39.74
N HIS D 365 18.72 -30.42 -39.73
CA HIS D 365 17.88 -30.84 -38.55
C HIS D 365 18.64 -30.69 -37.28
N TYR D 366 19.86 -31.27 -37.21
CA TYR D 366 20.72 -31.22 -36.03
C TYR D 366 21.27 -29.88 -35.64
N TYR D 367 21.29 -28.88 -36.55
CA TYR D 367 21.94 -27.61 -36.25
C TYR D 367 21.17 -26.77 -35.28
N PRO D 368 21.80 -26.28 -34.24
CA PRO D 368 21.11 -25.50 -33.23
C PRO D 368 20.52 -24.19 -33.79
N GLY D 369 19.22 -24.05 -33.62
CA GLY D 369 18.61 -22.78 -33.94
C GLY D 369 17.95 -22.78 -35.29
N SER D 370 18.14 -23.86 -36.04
CA SER D 370 17.66 -23.89 -37.40
C SER D 370 16.16 -23.76 -37.33
N GLY D 371 15.56 -22.87 -38.14
CA GLY D 371 14.12 -22.72 -38.06
C GLY D 371 13.40 -23.31 -39.25
N PRO D 372 12.11 -22.95 -39.42
CA PRO D 372 11.34 -23.46 -40.55
C PRO D 372 11.52 -22.62 -41.76
N LEU D 373 11.37 -23.22 -42.91
CA LEU D 373 11.43 -22.54 -44.19
C LEU D 373 10.46 -23.29 -45.07
N TRP D 374 9.47 -22.59 -45.66
CA TRP D 374 8.43 -23.16 -46.56
C TRP D 374 8.67 -22.69 -47.99
N VAL D 375 8.57 -23.56 -48.97
CA VAL D 375 8.68 -23.03 -50.33
C VAL D 375 7.49 -23.58 -51.11
N GLU D 376 6.84 -22.68 -51.91
CA GLU D 376 5.76 -23.00 -52.84
C GLU D 376 6.23 -22.85 -54.29
N LEU D 377 5.90 -23.81 -55.12
CA LEU D 377 6.17 -23.76 -56.52
C LEU D 377 4.78 -23.73 -57.29
N VAL D 378 4.68 -22.82 -58.28
CA VAL D 378 3.53 -22.78 -59.16
C VAL D 378 4.06 -23.09 -60.57
N TYR D 379 3.61 -24.20 -61.15
CA TYR D 379 4.07 -24.62 -62.49
C TYR D 379 2.92 -25.07 -63.40
N GLU D 380 3.20 -25.07 -64.70
CA GLU D 380 2.31 -25.58 -65.79
C GLU D 380 2.33 -27.12 -65.92
N GLU D 381 1.18 -27.69 -66.18
CA GLU D 381 0.98 -29.11 -66.04
C GLU D 381 1.89 -30.00 -66.95
N GLY D 382 2.08 -29.55 -68.18
CA GLY D 382 2.68 -30.55 -69.06
C GLY D 382 4.14 -30.34 -69.31
N THR D 383 4.38 -29.08 -69.60
CA THR D 383 5.68 -28.54 -69.87
C THR D 383 6.53 -28.55 -68.63
N GLY D 384 5.85 -28.39 -67.48
CA GLY D 384 6.53 -28.16 -66.23
C GLY D 384 7.19 -26.78 -66.11
N ARG D 385 6.79 -25.84 -66.97
CA ARG D 385 7.31 -24.48 -66.93
C ARG D 385 6.94 -23.88 -65.62
N LEU D 386 7.91 -23.24 -64.96
CA LEU D 386 7.60 -22.52 -63.70
C LEU D 386 6.78 -21.27 -64.04
N LEU D 387 5.82 -20.97 -63.19
CA LEU D 387 5.04 -19.76 -63.30
C LEU D 387 5.07 -18.81 -62.07
N GLY D 388 5.35 -19.34 -60.91
CA GLY D 388 5.41 -18.47 -59.77
C GLY D 388 6.04 -19.24 -58.61
N GLY D 389 6.24 -18.57 -57.50
CA GLY D 389 6.76 -19.28 -56.35
C GLY D 389 6.78 -18.36 -55.13
N ALA D 390 6.86 -18.98 -53.98
CA ALA D 390 6.96 -18.20 -52.77
C ALA D 390 7.97 -18.90 -51.88
N VAL D 391 8.73 -18.14 -51.09
CA VAL D 391 9.34 -18.81 -49.95
C VAL D 391 9.19 -17.97 -48.71
N VAL D 392 8.90 -18.61 -47.58
CA VAL D 392 8.73 -17.85 -46.34
C VAL D 392 9.57 -18.48 -45.30
N ALA D 393 10.26 -17.62 -44.53
CA ALA D 393 11.34 -18.08 -43.61
C ALA D 393 11.44 -17.10 -42.51
N ARG D 394 12.32 -17.30 -41.53
CA ARG D 394 12.60 -16.17 -40.59
C ARG D 394 13.72 -15.31 -41.18
N GLY D 395 14.52 -16.00 -42.02
CA GLY D 395 15.81 -15.64 -42.58
C GLY D 395 15.97 -14.31 -43.26
N HIS D 396 17.15 -13.66 -42.99
CA HIS D 396 17.63 -12.20 -43.13
C HIS D 396 18.53 -12.11 -44.32
N GLY D 397 17.87 -13.11 -45.06
CA GLY D 397 18.10 -14.36 -45.76
C GLY D 397 17.17 -15.58 -45.98
N ALA D 398 16.56 -15.55 -47.17
CA ALA D 398 15.74 -16.62 -47.93
C ALA D 398 14.34 -16.00 -48.50
N LEU D 399 14.36 -15.53 -49.75
CA LEU D 399 15.60 -14.95 -50.40
C LEU D 399 16.24 -15.87 -51.35
N ARG D 400 16.02 -17.15 -51.07
CA ARG D 400 16.10 -18.17 -52.10
C ARG D 400 15.10 -17.81 -53.20
N ILE D 401 14.14 -16.92 -52.91
CA ILE D 401 13.20 -16.45 -53.92
C ILE D 401 13.92 -15.97 -55.18
N ASP D 402 15.13 -15.45 -55.01
CA ASP D 402 15.90 -14.91 -56.13
C ASP D 402 16.21 -15.96 -57.17
N VAL D 403 16.38 -17.19 -56.67
CA VAL D 403 16.63 -18.33 -57.56
C VAL D 403 15.46 -18.56 -58.56
N LEU D 404 14.25 -18.50 -58.03
CA LEU D 404 13.07 -18.73 -58.84
C LEU D 404 12.92 -17.53 -59.77
N ALA D 405 13.31 -16.35 -59.31
CA ALA D 405 13.20 -15.20 -60.18
C ALA D 405 14.17 -15.43 -61.35
N ALA D 406 15.34 -15.91 -61.06
CA ALA D 406 16.26 -16.13 -62.16
C ALA D 406 15.67 -17.14 -63.20
N LEU D 407 15.02 -18.18 -62.70
CA LEU D 407 14.50 -19.17 -63.59
C LEU D 407 13.36 -18.58 -64.40
N LEU D 408 12.41 -17.92 -63.71
CA LEU D 408 11.29 -17.19 -64.38
C LEU D 408 11.73 -16.28 -65.58
N HIS D 409 12.95 -15.83 -65.56
CA HIS D 409 13.33 -14.81 -66.46
C HIS D 409 13.60 -15.36 -67.84
N ARG D 410 14.33 -16.48 -67.95
CA ARG D 410 14.31 -17.36 -69.15
C ARG D 410 12.97 -18.20 -69.00
N GLU D 411 12.74 -19.31 -69.66
CA GLU D 411 11.43 -19.90 -69.36
C GLU D 411 11.43 -20.70 -68.10
N GLY D 412 12.31 -21.66 -68.04
CA GLY D 412 12.72 -22.22 -66.76
C GLY D 412 11.72 -23.20 -66.21
N SER D 413 12.13 -24.47 -66.13
CA SER D 413 11.19 -25.50 -65.65
C SER D 413 11.55 -26.06 -64.29
N VAL D 414 10.60 -26.79 -63.74
CA VAL D 414 10.89 -27.52 -62.55
C VAL D 414 12.10 -28.37 -62.81
N GLU D 415 12.17 -28.99 -63.97
CA GLU D 415 13.36 -29.78 -64.32
C GLU D 415 14.66 -29.00 -64.21
N ASP D 416 14.65 -27.77 -64.74
CA ASP D 416 15.77 -26.82 -64.62
C ASP D 416 16.14 -26.53 -63.18
N LEU D 417 15.14 -26.33 -62.35
CA LEU D 417 15.37 -26.06 -60.95
C LEU D 417 16.04 -27.33 -60.39
N LEU D 418 15.48 -28.48 -60.71
CA LEU D 418 16.00 -29.75 -60.17
C LEU D 418 17.48 -29.92 -60.39
N ALA D 419 17.96 -29.42 -61.52
CA ALA D 419 19.35 -29.51 -61.94
C ALA D 419 20.34 -28.60 -61.27
N LEU D 420 19.84 -27.59 -60.59
CA LEU D 420 20.73 -26.61 -60.03
C LEU D 420 21.65 -27.21 -58.97
N ASP D 421 22.85 -26.63 -58.94
CA ASP D 421 23.85 -26.95 -57.92
C ASP D 421 23.85 -25.87 -56.78
N LEU D 422 22.87 -25.99 -55.89
CA LEU D 422 22.79 -25.08 -54.76
C LEU D 422 23.80 -25.26 -53.61
N ALA D 423 23.89 -24.23 -52.78
CA ALA D 423 24.85 -24.25 -51.68
C ALA D 423 24.30 -24.99 -50.48
N TYR D 424 25.16 -25.84 -49.94
CA TYR D 424 24.83 -26.59 -48.73
C TYR D 424 25.91 -26.48 -47.59
N ALA D 425 25.46 -26.19 -46.38
CA ALA D 425 26.28 -26.39 -45.18
C ALA D 425 25.34 -26.30 -43.97
N PRO D 426 25.59 -27.07 -42.93
CA PRO D 426 24.62 -27.26 -41.86
C PRO D 426 23.94 -26.01 -41.29
N PRO D 427 24.67 -24.92 -41.08
CA PRO D 427 24.04 -23.70 -40.54
C PRO D 427 23.05 -23.01 -41.51
N PHE D 428 23.01 -23.38 -42.80
CA PHE D 428 22.38 -22.53 -43.82
C PHE D 428 21.24 -23.14 -44.61
N SER D 429 21.43 -24.38 -45.02
CA SER D 429 20.32 -25.14 -45.56
C SER D 429 20.47 -26.64 -45.19
N PRO D 430 19.39 -27.45 -45.13
CA PRO D 430 19.50 -28.92 -45.13
C PRO D 430 20.26 -29.44 -46.38
N VAL D 431 20.68 -30.70 -46.42
CA VAL D 431 21.51 -31.13 -47.52
C VAL D 431 20.73 -31.16 -48.85
N TRP D 432 19.42 -31.46 -48.82
CA TRP D 432 18.60 -31.07 -49.98
C TRP D 432 17.99 -29.67 -49.73
N ASP D 433 18.34 -28.68 -50.55
CA ASP D 433 17.78 -27.35 -50.35
C ASP D 433 16.27 -27.33 -50.42
N PRO D 434 15.61 -26.56 -49.56
CA PRO D 434 14.15 -26.53 -49.76
C PRO D 434 13.63 -26.37 -51.22
N LEU D 435 14.25 -25.50 -52.04
CA LEU D 435 13.87 -25.40 -53.42
C LEU D 435 13.94 -26.78 -54.08
N LEU D 436 14.98 -27.57 -53.82
CA LEU D 436 15.06 -28.87 -54.48
C LEU D 436 14.01 -29.84 -53.94
N ILE D 437 13.69 -29.75 -52.64
CA ILE D 437 12.77 -30.78 -52.17
C ILE D 437 11.43 -30.36 -52.83
N ALA D 438 11.09 -29.10 -52.79
CA ALA D 438 9.88 -28.70 -53.52
C ALA D 438 9.81 -29.11 -54.98
N ALA D 439 10.97 -29.14 -55.68
CA ALA D 439 10.95 -29.43 -57.09
C ALA D 439 10.49 -30.84 -57.34
N GLN D 440 9.29 -30.90 -57.99
CA GLN D 440 8.54 -32.09 -58.51
C GLN D 440 8.14 -32.93 -57.28
N GLN D 441 9.25 -33.71 -56.97
CA GLN D 441 9.90 -33.95 -55.67
C GLN D 441 8.78 -33.47 -54.66
N ALA D 442 8.46 -34.38 -53.66
CA ALA D 442 7.28 -34.41 -52.73
C ALA D 442 6.14 -33.41 -53.18
N ARG D 443 5.02 -33.35 -52.39
CA ARG D 443 3.72 -32.59 -52.73
C ARG D 443 3.17 -31.43 -51.79
#